data_8C1Q
#
_entry.id   8C1Q
#
_cell.length_a   1.00
_cell.length_b   1.00
_cell.length_c   1.00
_cell.angle_alpha   90.00
_cell.angle_beta   90.00
_cell.angle_gamma   90.00
#
_symmetry.space_group_name_H-M   'P 1'
#
loop_
_entity.id
_entity.type
_entity.pdbx_description
1 polymer 'Glutamate receptor 1 flip isoform'
2 polymer 'Voltage-dependent calcium channel gamma-3 subunit'
3 non-polymer '{[7-morpholin-4-yl-2,3-dioxo-6-(trifluoromethyl)-3,4-dihydroquinoxalin-1(2H)-yl]methyl}phosphonic acid'
4 non-polymer 'PALMITIC ACID'
5 non-polymer '(2R)-2,3-dihydroxypropyl (9Z)-octadec-9-enoate'
6 non-polymer '(2S)-3-(hexadecanoyloxy)-2-[(9Z)-octadec-9-enoyloxy]propyl 2-(trimethylammonio)ethyl phosphate'
7 water water
#
loop_
_entity_poly.entity_id
_entity_poly.type
_entity_poly.pdbx_seq_one_letter_code
_entity_poly.pdbx_strand_id
1 'polypeptide(L)'
;MPYIFAFFCTGFLGAVVGADYKDDDDKNFPNNIQIGGLFPNQQSQEHAAFRFALSQLTEPPKLLPQIDIVNISDSFEMTY
RFCSQFSKGVYAIFGFYERRTVNMLTSFCGALHVCFITPSFPVDTSNQFVLQLRPELQEALISIIDHYKWQTFVYIYDAD
RGLSVLQRVLDTAAEKNWQVTAVNILTTTEEGYRMLFQDLEKKKERLVVVDCESERLNAILGQIVKLEKNGIGYHYILAN
LGFMDIDLNKFKESGANVTGFQLVNYTDTIPARIMQQWRTSDSRDHTRVDWKRPKYTSALTYDGVKVMAEAFQSLRRQRI
DISRRGNAGDCLANPAVPWGQGIDIQRALQQVRFEGLTGNVQFNEKGRRTNYTLHVIEMKHDGIRKIGYWNEDDKFVPAA
TDAQAGGDNSSVQNRTYIVTTILEDPYVMLKKNANQFEGNDRYEGYCVELAAEIAKHVGYSYRLEIVSDGKYGARDPDTK
AWNGMVGELVYGRADVAVAPLTITLVREEVIDFSKPFMSLGISIMIKKPQKSKPGVFSFLDPLAYEIWMCIVFAYIGVSV
VLFLVSRFSPYEWHSEEFEEGRDQTTSDQSNEFGIFNSLWFSLGAFMQQGCDISPRSLSGRIVGGVWWFFTLIIISSYTA
NLAAFLTVERMVSPIESAEDLAKQTEIAYGTLEAGSTKEFFRRSKIAVFEKMWTYMKSAEPSVFVRTTEEGMIRVRKSKG
KYAYLLESTMNEYIEQRKPCDTMKVGGNLDSKGYGIATPKGSALRGPVNLAVLKLSEQGVLDKLKSKWWYDKGECGSKDS
GSKDKTSALSLSNVAGVFYILIGGLGLAMLVALIEFCYKSRSESKRMKGFCLIPQQSINEAIRTSTLPRNSGAGASGGGG
SGENGRVVSQDFPKSMQSIPCMSHSSGMPLGATGL
;
A,B,C,D
2 'polypeptide(L)'
;RMCDRGIQMLITTVGAFAAFSLMTIAVGTDYWLYSRGVCRTKSTSDNETSRKNEEVMTHSGLWRTCCLEGAFRGVCKKID
HFPEDADYEQDTAEYLLRAVRASSVFPILSVTLLFFGGLCVAASEFHRSRHSVILSAGIFFVSAGLSNIIGIIVYISANA
GDPGQRDSKKSYSYGWSFYFGAFSFIIAEIVGVVAVHIYIEKHQQLRARSHSELLKKSTFARLPPYRYRFRRRSSSRSTE
PRSRDLSPISKGFHTIPSTDISMFTLSRDPSKLTMGTLLNSDRDHAFLQFHNSTPKEFKESLHNNPANRRTTPV
;
E,F,G,H
#
loop_
_chem_comp.id
_chem_comp.type
_chem_comp.name
_chem_comp.formula
OLC non-polymer '(2R)-2,3-dihydroxypropyl (9Z)-octadec-9-enoate' 'C21 H40 O4'
PLM non-polymer 'PALMITIC ACID' 'C16 H32 O2'
POV non-polymer '(2S)-3-(hexadecanoyloxy)-2-[(9Z)-octadec-9-enoyloxy]propyl 2-(trimethylammonio)ethyl phosphate' 'C42 H82 N O8 P'
ZK1 non-polymer '{[7-morpholin-4-yl-2,3-dioxo-6-(trifluoromethyl)-3,4-dihydroquinoxalin-1(2H)-yl]methyl}phosphonic acid' 'C14 H15 F3 N3 O6 P'
#
# COMPACT_ATOMS: atom_id res chain seq x y z
N ARG A 415 -5.80 67.43 26.95
CA ARG A 415 -5.30 67.52 25.55
C ARG A 415 -5.78 66.31 24.75
N THR A 416 -5.52 66.33 23.43
CA THR A 416 -5.84 65.22 22.54
C THR A 416 -4.54 64.72 21.91
N TYR A 417 -4.35 63.39 21.90
CA TYR A 417 -3.19 62.78 21.26
C TYR A 417 -3.54 62.32 19.86
N ILE A 418 -2.57 62.30 18.95
CA ILE A 418 -2.76 61.86 17.57
C ILE A 418 -2.20 60.44 17.41
N VAL A 419 -3.03 59.47 17.03
CA VAL A 419 -2.61 58.07 16.90
C VAL A 419 -2.45 57.71 15.42
N THR A 420 -1.22 57.40 15.03
CA THR A 420 -0.94 56.96 13.67
C THR A 420 -1.54 55.59 13.43
N THR A 421 -1.84 55.29 12.16
CA THR A 421 -2.39 54.02 11.76
C THR A 421 -2.16 53.84 10.28
N ILE A 422 -2.39 52.62 9.77
CA ILE A 422 -2.34 52.32 8.36
C ILE A 422 -3.67 51.69 7.93
N LEU A 423 -3.88 51.66 6.61
CA LEU A 423 -5.03 50.99 6.02
C LEU A 423 -4.67 49.53 5.73
N GLU A 424 -5.26 48.62 6.51
CA GLU A 424 -4.99 47.19 6.34
C GLU A 424 -6.17 46.39 6.87
N ASP A 425 -6.81 45.61 6.02
CA ASP A 425 -8.02 44.90 6.42
C ASP A 425 -7.59 43.70 7.27
N PRO A 426 -8.26 43.37 8.39
CA PRO A 426 -9.35 44.13 8.99
C PRO A 426 -8.93 45.12 10.07
N TYR A 427 -7.67 45.56 10.04
CA TYR A 427 -7.15 46.38 11.13
C TYR A 427 -7.75 47.77 11.06
N VAL A 428 -7.63 48.41 9.88
CA VAL A 428 -8.27 49.70 9.64
C VAL A 428 -8.77 49.73 8.20
N MET A 429 -10.05 50.08 8.04
CA MET A 429 -10.69 50.20 6.75
C MET A 429 -11.59 51.43 6.75
N LEU A 430 -11.63 52.14 5.61
CA LEU A 430 -12.59 53.20 5.39
C LEU A 430 -13.97 52.61 5.12
N LYS A 431 -14.96 53.07 5.89
CA LYS A 431 -16.29 52.49 5.88
C LYS A 431 -16.93 52.73 4.52
N LYS A 432 -17.92 51.89 4.16
CA LYS A 432 -18.68 52.03 2.93
C LYS A 432 -19.29 53.43 2.83
N ASN A 433 -19.86 53.91 3.92
CA ASN A 433 -20.40 55.25 4.03
C ASN A 433 -19.32 56.15 4.64
N ALA A 434 -18.22 56.35 3.92
CA ALA A 434 -17.07 57.09 4.41
C ALA A 434 -17.40 58.58 4.54
N ASN A 435 -17.90 59.14 3.44
CA ASN A 435 -18.12 60.58 3.30
C ASN A 435 -19.17 61.11 4.28
N GLN A 436 -20.12 60.24 4.67
CA GLN A 436 -21.21 60.62 5.57
C GLN A 436 -20.71 60.91 6.99
N PHE A 437 -19.49 60.48 7.34
CA PHE A 437 -18.94 60.59 8.67
C PHE A 437 -17.76 61.56 8.69
N GLU A 438 -17.49 62.13 9.87
CA GLU A 438 -16.34 62.98 10.09
C GLU A 438 -15.67 62.61 11.41
N GLY A 439 -14.33 62.54 11.39
CA GLY A 439 -13.52 62.22 12.56
C GLY A 439 -13.04 60.77 12.57
N ASN A 440 -12.87 60.24 13.79
CA ASN A 440 -12.46 58.88 14.03
C ASN A 440 -13.44 57.86 13.47
N ASP A 441 -14.73 58.21 13.38
CA ASP A 441 -15.77 57.27 12.95
C ASP A 441 -15.86 57.20 11.42
N ARG A 442 -14.91 57.79 10.68
CA ARG A 442 -14.80 57.53 9.25
C ARG A 442 -14.31 56.11 8.94
N TYR A 443 -13.59 55.49 9.90
CA TYR A 443 -12.95 54.21 9.69
C TYR A 443 -13.32 53.21 10.78
N GLU A 444 -13.16 51.91 10.45
CA GLU A 444 -13.47 50.81 11.34
C GLU A 444 -12.44 49.71 11.12
N GLY A 445 -12.32 48.83 12.13
CA GLY A 445 -11.46 47.66 12.05
C GLY A 445 -11.08 47.17 13.43
N TYR A 446 -10.18 46.18 13.45
CA TYR A 446 -9.65 45.61 14.68
C TYR A 446 -8.90 46.67 15.45
N CYS A 447 -7.97 47.35 14.77
CA CYS A 447 -7.12 48.35 15.40
C CYS A 447 -7.91 49.56 15.88
N VAL A 448 -9.01 49.86 15.19
CA VAL A 448 -9.84 51.00 15.54
C VAL A 448 -10.42 50.80 16.94
N GLU A 449 -11.04 49.64 17.13
CA GLU A 449 -11.64 49.33 18.42
C GLU A 449 -10.55 49.12 19.48
N LEU A 450 -9.37 48.63 19.06
CA LEU A 450 -8.28 48.45 19.99
C LEU A 450 -7.86 49.81 20.53
N ALA A 451 -7.72 50.80 19.62
CA ALA A 451 -7.34 52.16 20.03
C ALA A 451 -8.39 52.74 20.97
N ALA A 452 -9.67 52.52 20.64
CA ALA A 452 -10.75 52.96 21.49
C ALA A 452 -10.58 52.41 22.92
N GLU A 453 -10.39 51.10 23.02
CA GLU A 453 -10.32 50.45 24.31
C GLU A 453 -9.09 50.91 25.07
N ILE A 454 -7.96 51.06 24.36
CA ILE A 454 -6.72 51.46 25.01
C ILE A 454 -6.91 52.85 25.61
N ALA A 455 -7.51 53.75 24.84
CA ALA A 455 -7.80 55.10 25.33
C ALA A 455 -8.69 55.04 26.57
N LYS A 456 -9.77 54.25 26.51
CA LYS A 456 -10.67 54.13 27.65
C LYS A 456 -9.91 53.69 28.89
N HIS A 457 -8.98 52.75 28.76
CA HIS A 457 -8.25 52.21 29.91
C HIS A 457 -7.23 53.22 30.44
N VAL A 458 -6.48 53.85 29.53
CA VAL A 458 -5.47 54.84 29.93
C VAL A 458 -6.17 56.09 30.45
N GLY A 459 -7.21 56.55 29.73
CA GLY A 459 -7.97 57.74 30.10
C GLY A 459 -7.40 58.97 29.41
N TYR A 460 -7.40 58.94 28.08
CA TYR A 460 -7.05 60.11 27.27
C TYR A 460 -7.93 60.16 26.03
N SER A 461 -7.82 61.27 25.30
CA SER A 461 -8.56 61.49 24.07
C SER A 461 -7.60 61.53 22.90
N TYR A 462 -8.12 61.18 21.71
CA TYR A 462 -7.25 61.02 20.57
C TYR A 462 -8.00 61.32 19.28
N ARG A 463 -7.24 61.41 18.19
CA ARG A 463 -7.77 61.44 16.85
C ARG A 463 -6.88 60.57 15.97
N LEU A 464 -7.47 59.86 14.98
CA LEU A 464 -6.71 58.95 14.14
C LEU A 464 -5.91 59.72 13.09
N GLU A 465 -5.17 59.01 12.23
CA GLU A 465 -4.31 59.65 11.26
C GLU A 465 -3.68 58.57 10.39
N ILE A 466 -4.07 58.45 9.14
CA ILE A 466 -3.37 57.52 8.28
C ILE A 466 -1.99 58.07 7.99
N VAL A 467 -1.02 57.16 7.95
CA VAL A 467 0.34 57.50 7.61
C VAL A 467 0.31 57.96 6.16
N SER A 468 0.83 59.17 5.93
CA SER A 468 0.92 59.79 4.62
C SER A 468 1.51 58.84 3.58
N ASP A 469 2.67 58.26 3.92
CA ASP A 469 3.38 57.35 3.05
C ASP A 469 2.61 56.05 2.83
N GLY A 470 1.80 55.63 3.82
CA GLY A 470 1.06 54.38 3.72
C GLY A 470 1.95 53.14 3.72
N LYS A 471 2.93 53.09 4.64
CA LYS A 471 3.72 51.89 4.86
C LYS A 471 4.34 51.90 6.24
N TYR A 472 4.70 50.71 6.72
CA TYR A 472 5.23 50.52 8.06
C TYR A 472 6.70 50.91 8.00
N GLY A 473 7.18 51.55 9.06
CA GLY A 473 8.45 52.24 8.96
C GLY A 473 9.63 51.33 8.66
N ALA A 474 10.61 51.90 7.95
CA ALA A 474 11.88 51.27 7.68
C ALA A 474 12.94 52.36 7.58
N ARG A 475 14.19 52.01 7.95
CA ARG A 475 15.29 52.95 7.89
C ARG A 475 15.99 52.80 6.54
N ASP A 476 15.96 53.87 5.74
CA ASP A 476 16.65 53.89 4.47
C ASP A 476 18.16 53.99 4.73
N PRO A 477 19.02 53.08 4.21
CA PRO A 477 20.45 53.12 4.54
C PRO A 477 21.18 54.40 4.10
N ASP A 478 20.88 54.88 2.89
CA ASP A 478 21.54 56.03 2.32
C ASP A 478 21.25 57.28 3.16
N THR A 479 19.96 57.55 3.41
CA THR A 479 19.55 58.74 4.13
C THR A 479 19.72 58.55 5.64
N LYS A 480 19.75 57.29 6.11
CA LYS A 480 19.75 56.96 7.53
C LYS A 480 18.53 57.56 8.24
N ALA A 481 17.39 57.60 7.54
CA ALA A 481 16.16 58.17 8.06
C ALA A 481 15.05 57.13 8.02
N TRP A 482 14.09 57.29 8.95
CA TRP A 482 12.92 56.43 9.04
C TRP A 482 11.80 56.99 8.18
N ASN A 483 11.05 56.06 7.56
CA ASN A 483 9.81 56.40 6.89
C ASN A 483 8.65 55.83 7.70
N GLY A 484 7.43 55.96 7.17
CA GLY A 484 6.29 55.26 7.70
C GLY A 484 5.96 55.65 9.15
N MET A 485 5.29 54.72 9.84
CA MET A 485 4.79 54.97 11.18
C MET A 485 5.97 55.08 12.15
N VAL A 486 7.04 54.29 11.93
CA VAL A 486 8.22 54.39 12.77
C VAL A 486 8.82 55.80 12.63
N GLY A 487 8.88 56.30 11.40
CA GLY A 487 9.32 57.68 11.13
C GLY A 487 8.42 58.69 11.85
N GLU A 488 7.12 58.52 11.71
CA GLU A 488 6.14 59.42 12.32
C GLU A 488 6.29 59.40 13.84
N LEU A 489 6.81 58.33 14.45
CA LEU A 489 7.02 58.30 15.89
C LEU A 489 8.37 58.88 16.28
N VAL A 490 9.41 58.62 15.46
CA VAL A 490 10.76 59.04 15.80
C VAL A 490 10.86 60.57 15.70
N TYR A 491 10.24 61.14 14.67
CA TYR A 491 10.34 62.57 14.39
C TYR A 491 9.16 63.34 14.98
N GLY A 492 8.61 62.85 16.10
CA GLY A 492 7.66 63.63 16.90
C GLY A 492 6.31 63.95 16.24
N ARG A 493 6.09 63.50 15.00
CA ARG A 493 4.87 63.81 14.27
C ARG A 493 3.66 63.16 14.93
N ALA A 494 3.82 61.99 15.57
CA ALA A 494 2.76 61.27 16.26
C ALA A 494 3.23 60.79 17.62
N ASP A 495 2.28 60.48 18.51
CA ASP A 495 2.61 60.07 19.88
C ASP A 495 2.13 58.67 20.22
N VAL A 496 1.48 57.94 19.31
CA VAL A 496 1.17 56.52 19.50
C VAL A 496 0.98 55.90 18.11
N ALA A 497 1.31 54.62 17.96
CA ALA A 497 0.95 53.84 16.80
C ALA A 497 0.11 52.64 17.23
N VAL A 498 -1.12 52.54 16.73
CA VAL A 498 -1.99 51.39 16.94
C VAL A 498 -2.26 50.76 15.57
N ALA A 499 -1.26 50.03 15.07
CA ALA A 499 -1.36 49.27 13.85
C ALA A 499 -0.78 47.86 14.08
N PRO A 500 -0.92 46.92 13.14
CA PRO A 500 -0.11 45.71 13.15
C PRO A 500 1.35 45.99 12.82
N LEU A 501 2.09 46.47 13.84
CA LEU A 501 3.50 46.81 13.68
C LEU A 501 4.37 45.73 14.31
N THR A 502 5.19 45.08 13.49
CA THR A 502 6.00 43.97 13.96
C THR A 502 7.07 44.46 14.93
N ILE A 503 7.12 43.87 16.12
CA ILE A 503 8.19 44.12 17.05
C ILE A 503 9.49 43.53 16.50
N THR A 504 10.51 44.36 16.40
CA THR A 504 11.80 43.98 15.85
C THR A 504 12.89 44.72 16.60
N LEU A 505 14.12 44.25 16.42
CA LEU A 505 15.28 44.82 17.11
C LEU A 505 15.53 46.23 16.62
N VAL A 506 15.53 46.41 15.29
CA VAL A 506 15.84 47.72 14.73
C VAL A 506 14.83 48.77 15.20
N ARG A 507 13.56 48.43 15.20
CA ARG A 507 12.56 49.39 15.64
C ARG A 507 12.57 49.49 17.17
N GLU A 508 12.95 48.42 17.88
CA GLU A 508 12.99 48.48 19.34
C GLU A 508 14.02 49.48 19.83
N GLU A 509 15.14 49.62 19.08
CA GLU A 509 16.19 50.57 19.43
C GLU A 509 15.69 52.03 19.43
N VAL A 510 14.79 52.39 18.52
CA VAL A 510 14.41 53.77 18.32
C VAL A 510 13.10 54.14 19.01
N ILE A 511 12.18 53.18 19.21
CA ILE A 511 10.91 53.42 19.88
C ILE A 511 10.70 52.36 20.95
N ASP A 512 9.69 52.58 21.81
CA ASP A 512 9.28 51.58 22.79
C ASP A 512 8.04 50.84 22.29
N PHE A 513 8.07 49.50 22.31
CA PHE A 513 6.89 48.70 22.02
C PHE A 513 6.22 48.22 23.30
N SER A 514 4.91 47.95 23.23
CA SER A 514 4.22 47.27 24.31
C SER A 514 4.39 45.76 24.18
N LYS A 515 3.97 45.02 25.21
CA LYS A 515 3.93 43.57 25.07
C LYS A 515 3.02 43.23 23.90
N PRO A 516 3.29 42.18 23.12
CA PRO A 516 2.56 41.97 21.88
C PRO A 516 1.08 41.74 22.19
N PHE A 517 0.22 42.46 21.46
CA PHE A 517 -1.21 42.26 21.56
C PHE A 517 -1.68 41.20 20.55
N MET A 518 -0.80 40.71 19.66
CA MET A 518 -1.21 39.67 18.75
C MET A 518 0.02 38.89 18.29
N SER A 519 0.05 37.59 18.59
CA SER A 519 1.13 36.71 18.21
C SER A 519 0.85 36.08 16.87
N LEU A 520 1.90 35.90 16.08
CA LEU A 520 1.75 35.39 14.74
C LEU A 520 3.05 34.77 14.27
N GLY A 521 3.06 34.30 13.02
CA GLY A 521 4.25 33.74 12.43
C GLY A 521 4.09 33.60 10.93
N ILE A 522 5.11 33.04 10.26
CA ILE A 522 4.98 32.69 8.86
C ILE A 522 4.21 31.37 8.77
N SER A 523 3.39 31.26 7.72
CA SER A 523 2.55 30.11 7.54
C SER A 523 2.38 29.81 6.06
N ILE A 524 1.87 28.60 5.78
CA ILE A 524 1.70 28.12 4.42
C ILE A 524 0.23 28.20 4.07
N MET A 525 -0.06 28.84 2.94
CA MET A 525 -1.41 28.89 2.37
C MET A 525 -1.42 28.05 1.11
N ILE A 526 -2.44 27.19 0.97
CA ILE A 526 -2.58 26.35 -0.21
C ILE A 526 -4.00 26.45 -0.73
N LYS A 527 -4.13 26.12 -2.03
CA LYS A 527 -5.43 25.99 -2.64
C LYS A 527 -6.20 24.88 -1.95
N LYS A 528 -7.40 25.24 -1.47
CA LYS A 528 -8.17 24.33 -0.65
C LYS A 528 -8.45 23.08 -1.48
N PRO A 529 -8.21 21.86 -0.97
CA PRO A 529 -8.59 20.66 -1.72
C PRO A 529 -10.11 20.49 -1.67
N GLN A 530 -10.75 20.41 -2.85
CA GLN A 530 -12.20 20.33 -2.93
C GLN A 530 -12.61 18.85 -2.96
N LYS A 531 -13.90 18.61 -2.69
CA LYS A 531 -14.48 17.27 -2.77
C LYS A 531 -14.44 16.78 -4.21
N SER A 532 -13.93 15.56 -4.45
CA SER A 532 -14.04 14.87 -5.73
C SER A 532 -15.33 14.05 -5.74
N LYS A 533 -16.42 14.63 -6.26
CA LYS A 533 -17.69 13.94 -6.33
C LYS A 533 -17.55 12.64 -7.11
N PRO A 534 -17.91 11.47 -6.54
CA PRO A 534 -17.61 10.19 -7.17
C PRO A 534 -17.95 10.13 -8.64
N GLY A 535 -19.19 10.41 -8.99
CA GLY A 535 -19.58 10.34 -10.41
C GLY A 535 -20.43 9.10 -10.68
N VAL A 536 -21.60 9.28 -11.30
CA VAL A 536 -22.66 8.25 -11.33
C VAL A 536 -22.14 6.92 -11.87
N PHE A 537 -21.33 6.94 -12.92
CA PHE A 537 -20.84 5.73 -13.53
C PHE A 537 -19.37 5.51 -13.18
N SER A 538 -18.93 5.98 -12.01
CA SER A 538 -17.57 5.83 -11.56
C SER A 538 -17.23 4.36 -11.27
N PHE A 539 -18.22 3.47 -11.14
CA PHE A 539 -17.91 2.07 -10.97
C PHE A 539 -17.23 1.49 -12.21
N LEU A 540 -17.31 2.17 -13.36
CA LEU A 540 -16.57 1.73 -14.52
C LEU A 540 -15.09 2.11 -14.50
N ASP A 541 -14.65 2.93 -13.55
CA ASP A 541 -13.34 3.52 -13.62
C ASP A 541 -12.18 2.54 -13.59
N PRO A 542 -12.19 1.43 -12.88
CA PRO A 542 -11.04 0.52 -12.89
C PRO A 542 -10.57 0.08 -14.29
N LEU A 543 -11.47 0.03 -15.28
CA LEU A 543 -11.07 -0.39 -16.63
C LEU A 543 -11.33 0.77 -17.56
N ALA A 544 -10.43 0.95 -18.51
CA ALA A 544 -10.58 1.95 -19.57
C ALA A 544 -11.84 1.72 -20.40
N TYR A 545 -12.30 2.80 -21.02
CA TYR A 545 -13.49 2.78 -21.86
C TYR A 545 -13.26 1.78 -22.99
N GLU A 546 -12.04 1.68 -23.51
CA GLU A 546 -11.81 0.76 -24.60
C GLU A 546 -11.97 -0.69 -24.16
N ILE A 547 -11.58 -1.03 -22.93
CA ILE A 547 -11.79 -2.39 -22.46
C ILE A 547 -13.29 -2.70 -22.39
N TRP A 548 -14.09 -1.79 -21.85
CA TRP A 548 -15.53 -2.04 -21.78
C TRP A 548 -16.13 -2.23 -23.16
N MET A 549 -15.71 -1.40 -24.13
CA MET A 549 -16.30 -1.55 -25.43
C MET A 549 -15.86 -2.86 -26.08
N CYS A 550 -14.60 -3.23 -25.89
CA CYS A 550 -14.16 -4.50 -26.44
C CYS A 550 -14.78 -5.69 -25.73
N ILE A 551 -15.12 -5.55 -24.45
CA ILE A 551 -15.82 -6.65 -23.80
C ILE A 551 -17.16 -6.85 -24.49
N VAL A 552 -17.86 -5.78 -24.82
CA VAL A 552 -19.14 -5.89 -25.48
C VAL A 552 -19.00 -6.54 -26.85
N PHE A 553 -18.02 -6.12 -27.62
CA PHE A 553 -17.83 -6.75 -28.91
C PHE A 553 -17.45 -8.21 -28.78
N ALA A 554 -16.54 -8.53 -27.87
CA ALA A 554 -16.17 -9.90 -27.67
C ALA A 554 -17.41 -10.73 -27.28
N TYR A 555 -18.27 -10.17 -26.46
CA TYR A 555 -19.47 -10.85 -26.06
C TYR A 555 -20.33 -11.23 -27.28
N ILE A 556 -20.57 -10.27 -28.16
CA ILE A 556 -21.31 -10.58 -29.37
C ILE A 556 -20.60 -11.61 -30.23
N GLY A 557 -19.31 -11.45 -30.47
CA GLY A 557 -18.60 -12.42 -31.29
C GLY A 557 -18.65 -13.84 -30.69
N VAL A 558 -18.47 -13.98 -29.38
CA VAL A 558 -18.54 -15.26 -28.75
C VAL A 558 -19.94 -15.87 -28.92
N SER A 559 -20.97 -15.07 -28.71
CA SER A 559 -22.32 -15.60 -28.79
C SER A 559 -22.61 -16.08 -30.20
N VAL A 560 -22.19 -15.30 -31.18
CA VAL A 560 -22.45 -15.69 -32.56
C VAL A 560 -21.65 -16.93 -32.94
N VAL A 561 -20.38 -17.01 -32.58
CA VAL A 561 -19.65 -18.21 -32.92
C VAL A 561 -20.20 -19.43 -32.19
N LEU A 562 -20.66 -19.30 -30.97
CA LEU A 562 -21.18 -20.47 -30.26
C LEU A 562 -22.45 -20.96 -30.96
N PHE A 563 -23.30 -20.03 -31.36
CA PHE A 563 -24.47 -20.35 -32.15
C PHE A 563 -24.11 -21.04 -33.44
N LEU A 564 -23.14 -20.50 -34.18
CA LEU A 564 -22.78 -21.05 -35.47
C LEU A 564 -22.18 -22.44 -35.38
N VAL A 565 -21.22 -22.66 -34.49
CA VAL A 565 -20.63 -23.97 -34.39
C VAL A 565 -21.58 -24.98 -33.77
N SER A 566 -22.65 -24.53 -33.13
CA SER A 566 -23.57 -25.47 -32.50
C SER A 566 -24.64 -25.90 -33.49
N ARG A 567 -24.93 -25.08 -34.51
CA ARG A 567 -26.06 -25.32 -35.40
C ARG A 567 -25.60 -26.03 -36.64
N PHE A 568 -24.81 -25.36 -37.50
CA PHE A 568 -24.73 -25.84 -38.89
C PHE A 568 -24.25 -27.29 -38.98
N SER A 569 -23.55 -27.80 -37.95
CA SER A 569 -23.40 -29.23 -37.74
C SER A 569 -24.77 -29.93 -37.94
N PRO A 570 -25.08 -30.55 -39.11
CA PRO A 570 -26.40 -31.12 -39.35
C PRO A 570 -26.69 -32.44 -38.62
N TYR A 571 -25.69 -32.99 -37.92
CA TYR A 571 -25.86 -34.17 -37.07
C TYR A 571 -26.90 -33.93 -35.98
N GLU A 572 -26.85 -32.74 -35.34
CA GLU A 572 -27.78 -32.36 -34.29
C GLU A 572 -28.93 -31.53 -34.85
N TRP A 573 -28.63 -30.57 -35.75
CA TRP A 573 -29.61 -29.66 -36.30
C TRP A 573 -29.31 -29.37 -37.78
N GLU A 592 -30.07 -27.00 -28.63
CA GLU A 592 -30.52 -26.03 -27.59
C GLU A 592 -29.69 -24.75 -27.54
N PHE A 593 -28.63 -24.61 -28.35
CA PHE A 593 -27.85 -23.39 -28.40
C PHE A 593 -28.26 -22.57 -29.61
N GLY A 594 -29.52 -22.16 -29.69
CA GLY A 594 -29.88 -21.12 -30.65
C GLY A 594 -29.21 -19.79 -30.33
N ILE A 595 -29.51 -18.74 -31.08
CA ILE A 595 -28.86 -17.48 -30.87
C ILE A 595 -29.25 -16.91 -29.49
N PHE A 596 -30.52 -16.90 -29.12
CA PHE A 596 -30.92 -16.30 -27.86
C PHE A 596 -30.33 -17.07 -26.68
N ASN A 597 -30.33 -18.37 -26.73
CA ASN A 597 -29.69 -19.16 -25.70
C ASN A 597 -28.17 -18.99 -25.69
N SER A 598 -27.58 -18.80 -26.87
CA SER A 598 -26.15 -18.51 -26.92
C SER A 598 -25.85 -17.21 -26.19
N LEU A 599 -26.58 -16.16 -26.50
CA LEU A 599 -26.41 -14.92 -25.80
C LEU A 599 -26.58 -15.11 -24.29
N TRP A 600 -27.56 -15.90 -23.86
CA TRP A 600 -27.76 -16.06 -22.42
C TRP A 600 -26.61 -16.85 -21.79
N PHE A 601 -26.09 -17.84 -22.50
CA PHE A 601 -24.97 -18.63 -21.98
C PHE A 601 -23.75 -17.74 -21.77
N SER A 602 -23.49 -16.94 -22.79
CA SER A 602 -22.32 -16.09 -22.75
C SER A 602 -22.46 -15.03 -21.67
N LEU A 603 -23.66 -14.49 -21.49
CA LEU A 603 -23.82 -13.47 -20.48
C LEU A 603 -23.62 -14.07 -19.11
N GLY A 604 -24.21 -15.20 -18.90
CA GLY A 604 -24.06 -15.80 -17.60
C GLY A 604 -22.65 -16.25 -17.32
N ALA A 605 -21.88 -16.59 -18.36
CA ALA A 605 -20.51 -17.02 -18.17
C ALA A 605 -19.69 -15.81 -17.75
N PHE A 606 -19.91 -14.69 -18.39
CA PHE A 606 -19.15 -13.51 -18.03
C PHE A 606 -19.45 -13.06 -16.61
N MET A 607 -20.70 -13.18 -16.14
CA MET A 607 -21.06 -12.71 -14.80
C MET A 607 -20.77 -13.78 -13.79
N GLN A 608 -20.26 -14.96 -14.24
CA GLN A 608 -19.89 -16.04 -13.33
C GLN A 608 -21.11 -16.50 -12.56
N GLN A 609 -22.22 -16.65 -13.29
CA GLN A 609 -23.48 -17.09 -12.75
C GLN A 609 -23.83 -18.47 -13.25
N GLY A 610 -23.00 -19.05 -14.11
N GLY A 610 -23.13 -18.98 -14.26
CA GLY A 610 -23.20 -20.43 -14.52
CA GLY A 610 -23.58 -20.17 -14.95
C GLY A 610 -24.31 -20.51 -15.57
C GLY A 610 -25.02 -20.07 -15.45
N CYS A 611 -24.98 -21.66 -15.69
N CYS A 611 -25.60 -21.21 -15.85
CA CYS A 611 -25.76 -21.89 -16.88
CA CYS A 611 -27.01 -21.24 -16.19
C CYS A 611 -26.78 -23.00 -16.67
C CYS A 611 -27.40 -22.66 -16.56
N ASP A 612 -27.86 -22.89 -17.46
N ASP A 612 -28.21 -22.82 -17.60
CA ASP A 612 -28.84 -23.96 -17.57
CA ASP A 612 -29.03 -24.01 -17.70
C ASP A 612 -28.30 -25.05 -18.50
C ASP A 612 -28.32 -25.09 -18.51
N ILE A 613 -27.47 -24.67 -19.45
CA ILE A 613 -27.01 -25.53 -20.52
C ILE A 613 -25.54 -25.28 -20.71
N SER A 614 -24.78 -26.33 -20.98
CA SER A 614 -23.39 -26.18 -21.37
C SER A 614 -23.22 -26.78 -22.76
N PRO A 615 -22.29 -26.28 -23.59
CA PRO A 615 -21.92 -26.95 -24.81
C PRO A 615 -21.45 -28.40 -24.64
N ARG A 616 -21.83 -29.28 -25.60
CA ARG A 616 -21.47 -30.69 -25.52
C ARG A 616 -20.45 -31.08 -26.58
N SER A 617 -20.40 -30.33 -27.68
CA SER A 617 -19.45 -30.59 -28.74
C SER A 617 -18.05 -30.14 -28.38
N LEU A 618 -17.07 -30.56 -29.19
CA LEU A 618 -15.72 -30.05 -29.05
C LEU A 618 -15.63 -28.59 -29.41
N SER A 619 -16.31 -28.16 -30.49
CA SER A 619 -16.25 -26.77 -30.89
C SER A 619 -16.90 -25.84 -29.87
N GLY A 620 -18.06 -26.21 -29.42
CA GLY A 620 -18.73 -25.44 -28.40
C GLY A 620 -17.94 -25.39 -27.11
N ARG A 621 -17.26 -26.48 -26.77
CA ARG A 621 -16.43 -26.46 -25.58
C ARG A 621 -15.17 -25.61 -25.75
N ILE A 622 -14.57 -25.57 -26.91
CA ILE A 622 -13.45 -24.67 -27.10
C ILE A 622 -13.92 -23.24 -26.90
N VAL A 623 -15.04 -22.88 -27.56
CA VAL A 623 -15.53 -21.51 -27.44
C VAL A 623 -15.81 -21.17 -25.96
N GLY A 624 -16.52 -22.06 -25.31
CA GLY A 624 -16.83 -21.87 -23.92
C GLY A 624 -15.61 -21.74 -23.02
N GLY A 625 -14.62 -22.56 -23.29
CA GLY A 625 -13.42 -22.58 -22.46
C GLY A 625 -12.63 -21.28 -22.60
N VAL A 626 -12.44 -20.78 -23.81
CA VAL A 626 -11.71 -19.53 -23.92
C VAL A 626 -12.54 -18.38 -23.36
N TRP A 627 -13.86 -18.40 -23.51
CA TRP A 627 -14.64 -17.33 -22.92
C TRP A 627 -14.61 -17.39 -21.39
N TRP A 628 -14.58 -18.58 -20.81
CA TRP A 628 -14.36 -18.72 -19.37
C TRP A 628 -13.04 -18.16 -18.92
N PHE A 629 -11.98 -18.41 -19.68
CA PHE A 629 -10.67 -17.92 -19.27
C PHE A 629 -10.64 -16.40 -19.35
N PHE A 630 -11.19 -15.84 -20.41
CA PHE A 630 -11.22 -14.41 -20.59
C PHE A 630 -11.97 -13.77 -19.43
N THR A 631 -13.08 -14.36 -19.07
CA THR A 631 -13.89 -13.83 -18.00
C THR A 631 -13.08 -13.81 -16.73
N LEU A 632 -12.38 -14.90 -16.42
CA LEU A 632 -11.65 -14.98 -15.16
C LEU A 632 -10.57 -13.91 -15.06
N ILE A 633 -9.81 -13.72 -16.11
CA ILE A 633 -8.82 -12.66 -16.13
C ILE A 633 -9.46 -11.29 -15.99
N ILE A 634 -10.49 -11.00 -16.77
CA ILE A 634 -11.06 -9.65 -16.76
C ILE A 634 -11.69 -9.33 -15.41
N ILE A 635 -12.36 -10.26 -14.79
CA ILE A 635 -13.04 -9.92 -13.55
C ILE A 635 -12.00 -9.74 -12.45
N SER A 636 -10.99 -10.60 -12.43
CA SER A 636 -9.95 -10.46 -11.41
C SER A 636 -9.22 -9.14 -11.59
N SER A 637 -9.00 -8.73 -12.83
CA SER A 637 -8.39 -7.46 -13.13
C SER A 637 -9.25 -6.34 -12.59
N TYR A 638 -10.56 -6.38 -12.80
CA TYR A 638 -11.40 -5.32 -12.27
C TYR A 638 -11.29 -5.23 -10.75
N THR A 639 -11.38 -6.35 -10.06
CA THR A 639 -11.31 -6.32 -8.62
C THR A 639 -9.96 -5.79 -8.13
N ALA A 640 -8.88 -6.25 -8.75
CA ALA A 640 -7.54 -5.93 -8.31
C ALA A 640 -7.27 -4.44 -8.54
N ASN A 641 -7.63 -3.93 -9.69
CA ASN A 641 -7.43 -2.53 -9.96
C ASN A 641 -8.32 -1.64 -9.11
N LEU A 642 -9.50 -2.07 -8.74
CA LEU A 642 -10.32 -1.28 -7.85
C LEU A 642 -9.70 -1.25 -6.48
N ALA A 643 -9.11 -2.37 -6.05
CA ALA A 643 -8.45 -2.37 -4.75
C ALA A 643 -7.28 -1.38 -4.78
N ALA A 644 -6.51 -1.40 -5.87
CA ALA A 644 -5.40 -0.48 -6.02
C ALA A 644 -5.87 0.96 -5.91
N PHE A 645 -6.91 1.32 -6.65
N PHE A 645 -6.92 1.30 -6.64
CA PHE A 645 -7.47 2.65 -6.56
CA PHE A 645 -7.45 2.65 -6.55
C PHE A 645 -7.81 3.02 -5.10
C PHE A 645 -7.81 3.02 -5.10
N LEU A 646 -8.52 2.17 -4.40
CA LEU A 646 -9.01 2.53 -3.09
C LEU A 646 -7.89 2.55 -2.06
N THR A 647 -6.80 1.84 -2.33
CA THR A 647 -5.74 1.72 -1.34
C THR A 647 -4.86 2.96 -1.37
N VAL A 648 -4.54 3.44 -2.57
CA VAL A 648 -3.76 4.65 -2.70
C VAL A 648 -4.60 5.87 -2.34
N GLU A 649 -5.89 5.88 -2.59
CA GLU A 649 -6.72 6.98 -2.17
C GLU A 649 -6.64 7.05 -0.65
N ARG A 650 -6.19 5.99 0.00
CA ARG A 650 -6.20 5.86 1.46
C ARG A 650 -4.79 6.08 2.02
N MET A 651 -3.77 6.13 1.15
CA MET A 651 -2.41 6.40 1.54
C MET A 651 -2.07 7.89 1.38
N VAL A 652 -2.93 8.68 0.70
CA VAL A 652 -2.63 10.05 0.37
C VAL A 652 -2.61 10.87 1.66
N SER A 653 -1.43 11.44 1.92
CA SER A 653 -1.23 12.35 3.04
C SER A 653 -1.15 13.78 2.49
N PRO A 654 -1.97 14.73 2.97
CA PRO A 654 -1.77 16.14 2.63
C PRO A 654 -0.45 16.72 3.14
N ILE A 655 -0.23 18.01 2.84
CA ILE A 655 0.82 18.80 3.47
C ILE A 655 0.28 19.30 4.81
N GLU A 656 0.95 18.87 5.87
CA GLU A 656 0.57 19.19 7.23
C GLU A 656 1.72 19.91 7.96
N SER A 657 2.74 20.36 7.23
CA SER A 657 3.96 20.87 7.85
C SER A 657 4.84 21.51 6.79
N ALA A 658 5.92 22.17 7.23
CA ALA A 658 6.77 22.92 6.32
C ALA A 658 7.81 22.01 5.72
N GLU A 659 8.41 21.15 6.55
CA GLU A 659 9.40 20.18 6.09
C GLU A 659 8.82 19.29 5.00
N ASP A 660 7.51 18.99 5.12
CA ASP A 660 6.80 18.26 4.08
C ASP A 660 6.86 19.00 2.75
N LEU A 661 6.55 20.30 2.78
CA LEU A 661 6.67 21.09 1.57
C LEU A 661 8.12 21.11 1.09
N ALA A 662 9.08 21.08 2.01
CA ALA A 662 10.48 21.24 1.66
C ALA A 662 10.99 20.04 0.89
N LYS A 663 10.75 18.83 1.43
CA LYS A 663 11.35 17.61 0.89
C LYS A 663 10.77 17.25 -0.47
N GLN A 664 9.45 17.40 -0.65
CA GLN A 664 8.80 17.14 -1.92
C GLN A 664 9.24 18.16 -2.99
N THR A 665 8.88 17.89 -4.24
CA THR A 665 9.21 18.78 -5.36
C THR A 665 8.01 19.10 -6.26
N GLU A 666 6.89 18.39 -6.12
CA GLU A 666 5.77 18.50 -7.03
C GLU A 666 5.07 19.85 -6.92
N ILE A 667 4.96 20.37 -5.68
CA ILE A 667 4.29 21.64 -5.40
C ILE A 667 5.36 22.73 -5.27
N ALA A 668 5.14 23.84 -5.99
CA ALA A 668 5.98 25.01 -5.91
C ALA A 668 5.44 26.00 -4.87
N TYR A 669 6.28 26.95 -4.47
CA TYR A 669 5.91 27.88 -3.43
C TYR A 669 6.85 29.08 -3.40
N GLY A 670 6.28 30.24 -3.08
CA GLY A 670 7.07 31.46 -3.03
C GLY A 670 6.45 32.51 -2.12
N THR A 671 7.08 33.67 -2.08
CA THR A 671 6.70 34.77 -1.19
C THR A 671 6.85 36.09 -1.94
N LEU A 672 6.51 37.20 -1.29
CA LEU A 672 6.77 38.53 -1.84
C LEU A 672 8.25 38.69 -2.17
N GLU A 673 8.54 39.39 -3.27
CA GLU A 673 9.90 39.69 -3.67
C GLU A 673 10.56 40.60 -2.63
N ALA A 674 9.80 41.55 -2.07
CA ALA A 674 10.31 42.45 -1.05
C ALA A 674 9.47 42.30 0.20
N GLY A 675 10.12 41.92 1.31
CA GLY A 675 9.47 41.83 2.60
C GLY A 675 10.25 41.00 3.59
N SER A 676 9.72 40.91 4.82
CA SER A 676 10.41 40.28 5.93
C SER A 676 10.46 38.77 5.80
N THR A 677 9.45 38.17 5.13
CA THR A 677 9.41 36.73 4.94
C THR A 677 10.62 36.26 4.12
N LYS A 678 10.84 36.96 2.99
CA LYS A 678 11.97 36.65 2.14
C LYS A 678 13.28 36.76 2.95
N GLU A 679 13.38 37.80 3.79
CA GLU A 679 14.55 38.00 4.60
C GLU A 679 14.71 36.86 5.60
N PHE A 680 13.59 36.43 6.20
CA PHE A 680 13.62 35.32 7.15
C PHE A 680 14.28 34.11 6.50
N PHE A 681 13.92 33.86 5.22
CA PHE A 681 14.43 32.72 4.49
C PHE A 681 15.90 32.92 4.12
N ARG A 682 16.25 34.14 3.67
CA ARG A 682 17.59 34.42 3.19
C ARG A 682 18.62 34.24 4.31
N ARG A 683 18.27 34.65 5.53
CA ARG A 683 19.20 34.67 6.63
C ARG A 683 19.10 33.42 7.49
N SER A 684 18.31 32.40 7.09
CA SER A 684 17.98 31.34 8.03
C SER A 684 19.14 30.36 8.09
N LYS A 685 19.53 29.95 9.30
CA LYS A 685 20.55 28.92 9.49
C LYS A 685 19.94 27.54 9.78
N ILE A 686 18.62 27.40 9.61
CA ILE A 686 17.94 26.14 9.88
C ILE A 686 17.87 25.38 8.55
N ALA A 687 18.07 24.06 8.64
CA ALA A 687 18.24 23.19 7.48
C ALA A 687 17.07 23.33 6.51
N VAL A 688 15.86 23.17 7.04
CA VAL A 688 14.64 23.20 6.25
C VAL A 688 14.52 24.52 5.50
N PHE A 689 14.71 25.63 6.22
CA PHE A 689 14.50 26.94 5.62
C PHE A 689 15.63 27.28 4.67
N GLU A 690 16.86 26.82 4.96
CA GLU A 690 17.96 27.01 4.02
C GLU A 690 17.63 26.31 2.70
N LYS A 691 17.12 25.06 2.80
CA LYS A 691 16.76 24.30 1.62
C LYS A 691 15.66 25.02 0.84
N MET A 692 14.66 25.53 1.56
CA MET A 692 13.54 26.22 0.93
C MET A 692 14.05 27.48 0.22
N TRP A 693 15.00 28.18 0.84
CA TRP A 693 15.57 29.36 0.22
C TRP A 693 16.34 29.00 -1.06
N THR A 694 17.14 27.94 -0.99
CA THR A 694 17.90 27.50 -2.15
C THR A 694 16.96 27.18 -3.29
N TYR A 695 15.86 26.48 -2.99
CA TYR A 695 14.85 26.18 -3.98
C TYR A 695 14.27 27.46 -4.56
N MET A 696 13.80 28.37 -3.69
CA MET A 696 13.05 29.54 -4.13
C MET A 696 13.92 30.44 -5.01
N LYS A 697 15.20 30.56 -4.64
CA LYS A 697 16.13 31.38 -5.40
C LYS A 697 16.39 30.74 -6.75
N SER A 698 16.59 29.41 -6.77
CA SER A 698 16.91 28.66 -7.97
C SER A 698 15.63 28.09 -8.59
N ALA A 699 14.77 28.99 -9.09
CA ALA A 699 13.45 28.64 -9.58
C ALA A 699 13.07 29.61 -10.68
N GLU A 700 12.66 29.05 -11.83
CA GLU A 700 12.32 29.77 -13.04
C GLU A 700 11.13 29.03 -13.66
N PRO A 701 9.96 29.66 -13.93
CA PRO A 701 9.70 31.07 -13.65
C PRO A 701 9.66 31.36 -12.15
N SER A 702 9.96 32.62 -11.80
CA SER A 702 10.12 33.02 -10.41
C SER A 702 8.86 32.67 -9.61
N VAL A 703 9.07 31.99 -8.48
CA VAL A 703 8.05 31.71 -7.50
C VAL A 703 7.59 33.00 -6.79
N PHE A 704 8.53 33.96 -6.65
CA PHE A 704 8.22 35.19 -5.93
C PHE A 704 7.17 36.00 -6.69
N VAL A 705 6.35 36.73 -5.93
CA VAL A 705 5.24 37.51 -6.49
C VAL A 705 5.44 38.99 -6.15
N ARG A 706 4.67 39.85 -6.83
CA ARG A 706 4.82 41.29 -6.74
C ARG A 706 4.10 41.80 -5.49
N THR A 707 2.83 41.41 -5.35
CA THR A 707 1.97 41.84 -4.24
C THR A 707 1.22 40.64 -3.68
N THR A 708 0.70 40.78 -2.47
CA THR A 708 0.00 39.71 -1.79
C THR A 708 -1.19 39.22 -2.62
N GLU A 709 -1.88 40.15 -3.30
CA GLU A 709 -2.99 39.79 -4.17
C GLU A 709 -2.51 38.88 -5.29
N GLU A 710 -1.34 39.18 -5.87
CA GLU A 710 -0.78 38.39 -6.94
C GLU A 710 -0.51 36.96 -6.47
N GLY A 711 0.10 36.82 -5.30
CA GLY A 711 0.35 35.51 -4.72
C GLY A 711 -0.93 34.73 -4.43
N MET A 712 -1.93 35.43 -3.90
CA MET A 712 -3.21 34.82 -3.59
C MET A 712 -3.85 34.27 -4.87
N ILE A 713 -3.83 35.08 -5.94
CA ILE A 713 -4.44 34.66 -7.20
C ILE A 713 -3.64 33.51 -7.81
N ARG A 714 -2.30 33.57 -7.70
CA ARG A 714 -1.49 32.48 -8.22
C ARG A 714 -1.82 31.17 -7.51
N VAL A 715 -1.99 31.20 -6.19
CA VAL A 715 -2.41 30.03 -5.45
C VAL A 715 -3.76 29.53 -5.97
N ARG A 716 -4.70 30.47 -6.11
CA ARG A 716 -6.06 30.13 -6.52
C ARG A 716 -6.08 29.43 -7.88
N LYS A 717 -5.30 29.97 -8.83
CA LYS A 717 -5.34 29.53 -10.22
C LYS A 717 -4.28 28.46 -10.52
N SER A 718 -3.44 28.08 -9.54
CA SER A 718 -2.40 27.09 -9.76
C SER A 718 -2.95 25.67 -9.80
N LYS A 719 -4.11 25.44 -9.16
CA LYS A 719 -4.73 24.13 -9.06
C LYS A 719 -3.89 23.24 -8.13
N GLY A 720 -3.51 23.81 -6.98
CA GLY A 720 -2.80 23.09 -5.95
C GLY A 720 -1.36 22.74 -6.28
N LYS A 721 -0.73 23.49 -7.21
CA LYS A 721 0.68 23.31 -7.54
C LYS A 721 1.53 24.50 -7.06
N TYR A 722 0.90 25.54 -6.48
CA TYR A 722 1.61 26.66 -5.89
C TYR A 722 1.09 26.87 -4.47
N ALA A 723 2.02 26.98 -3.50
CA ALA A 723 1.70 27.33 -2.12
C ALA A 723 2.31 28.69 -1.80
N TYR A 724 1.54 29.63 -1.22
CA TYR A 724 2.06 30.92 -0.82
C TYR A 724 2.45 30.88 0.66
N LEU A 725 3.45 31.68 1.01
CA LEU A 725 4.07 31.68 2.32
C LEU A 725 3.95 33.11 2.83
N LEU A 726 3.22 33.30 3.92
CA LEU A 726 2.81 34.64 4.35
C LEU A 726 2.51 34.65 5.84
N GLU A 727 2.24 35.85 6.36
CA GLU A 727 1.94 36.00 7.78
C GLU A 727 0.67 35.23 8.12
N SER A 728 0.64 34.60 9.28
CA SER A 728 -0.45 33.75 9.67
C SER A 728 -1.75 34.52 9.76
N THR A 729 -1.69 35.76 10.21
CA THR A 729 -2.91 36.54 10.44
C THR A 729 -3.59 36.85 9.11
N MET A 730 -2.82 37.27 8.11
CA MET A 730 -3.37 37.49 6.78
C MET A 730 -3.89 36.19 6.20
N ASN A 731 -3.20 35.09 6.47
CA ASN A 731 -3.65 33.80 5.99
C ASN A 731 -5.05 33.49 6.53
N GLU A 732 -5.22 33.60 7.84
CA GLU A 732 -6.49 33.31 8.45
C GLU A 732 -7.57 34.25 7.93
N TYR A 733 -7.23 35.52 7.73
CA TYR A 733 -8.20 36.47 7.22
C TYR A 733 -8.65 36.06 5.81
N ILE A 734 -7.70 35.84 4.92
CA ILE A 734 -8.02 35.46 3.56
C ILE A 734 -8.81 34.15 3.53
N GLU A 735 -8.56 33.25 4.48
CA GLU A 735 -9.30 32.00 4.56
C GLU A 735 -10.80 32.25 4.73
N GLN A 736 -11.22 33.37 5.33
CA GLN A 736 -12.63 33.66 5.59
C GLN A 736 -13.21 34.62 4.55
N ARG A 737 -12.57 34.77 3.37
CA ARG A 737 -13.03 35.72 2.37
C ARG A 737 -13.35 34.93 1.10
N LYS A 738 -14.54 35.14 0.51
CA LYS A 738 -14.92 34.48 -0.73
C LYS A 738 -14.08 35.02 -1.87
N PRO A 739 -13.59 34.19 -2.83
CA PRO A 739 -13.82 32.74 -2.85
C PRO A 739 -13.07 31.97 -1.75
N CYS A 740 -13.73 30.97 -1.13
CA CYS A 740 -13.20 30.27 0.02
C CYS A 740 -12.39 29.06 -0.40
N ASP A 741 -11.50 29.20 -1.38
CA ASP A 741 -10.74 28.09 -1.94
C ASP A 741 -9.28 28.16 -1.48
N THR A 742 -9.01 28.67 -0.28
CA THR A 742 -7.67 28.68 0.30
C THR A 742 -7.74 28.15 1.72
N MET A 743 -6.64 27.59 2.21
CA MET A 743 -6.56 27.20 3.61
C MET A 743 -5.11 27.29 4.10
N LYS A 744 -4.98 27.41 5.43
CA LYS A 744 -3.68 27.46 6.08
C LYS A 744 -3.35 26.06 6.56
N VAL A 745 -2.13 25.62 6.29
CA VAL A 745 -1.72 24.26 6.61
C VAL A 745 -0.54 24.31 7.56
N GLY A 746 -0.62 23.48 8.60
CA GLY A 746 0.44 23.37 9.58
C GLY A 746 0.47 24.53 10.56
N GLY A 747 1.49 24.48 11.43
CA GLY A 747 1.79 25.56 12.35
C GLY A 747 2.67 26.62 11.70
N ASN A 748 3.10 27.55 12.54
CA ASN A 748 3.92 28.66 12.09
C ASN A 748 5.36 28.19 11.94
N LEU A 749 6.08 28.82 11.01
CA LEU A 749 7.51 28.61 10.87
C LEU A 749 8.32 29.50 11.83
N ASP A 750 7.72 30.61 12.28
CA ASP A 750 8.40 31.68 12.97
C ASP A 750 7.51 32.18 14.10
N SER A 751 8.06 32.97 15.00
CA SER A 751 7.26 33.64 16.03
C SER A 751 7.55 35.13 16.01
N LYS A 752 6.51 35.91 15.76
CA LYS A 752 6.55 37.36 15.84
C LYS A 752 5.34 37.81 16.66
N GLY A 753 5.37 39.11 17.00
CA GLY A 753 4.29 39.79 17.68
C GLY A 753 4.02 41.13 17.01
N TYR A 754 2.81 41.64 17.13
CA TYR A 754 2.50 43.02 16.84
C TYR A 754 2.31 43.74 18.16
N GLY A 755 2.80 44.99 18.19
CA GLY A 755 2.75 45.75 19.43
C GLY A 755 2.20 47.15 19.22
N ILE A 756 1.85 47.79 20.34
CA ILE A 756 1.56 49.21 20.36
C ILE A 756 2.86 49.96 20.60
N ALA A 757 3.17 50.92 19.72
CA ALA A 757 4.44 51.65 19.77
C ALA A 757 4.19 53.05 20.29
N THR A 758 5.17 53.60 21.00
CA THR A 758 5.18 54.97 21.48
C THR A 758 6.57 55.57 21.26
N PRO A 759 6.71 56.91 21.14
CA PRO A 759 8.02 57.52 20.93
C PRO A 759 8.94 57.26 22.12
N LYS A 760 10.24 57.16 21.83
CA LYS A 760 11.19 56.80 22.89
C LYS A 760 11.12 57.84 24.01
N GLY A 761 10.98 57.37 25.26
CA GLY A 761 10.89 58.25 26.41
C GLY A 761 9.53 58.92 26.61
N SER A 762 8.48 58.45 25.94
CA SER A 762 7.11 58.92 26.15
C SER A 762 6.61 58.55 27.54
N ALA A 763 5.66 59.33 28.04
CA ALA A 763 5.00 59.11 29.32
C ALA A 763 3.83 58.15 29.20
N LEU A 764 3.37 57.89 27.98
CA LEU A 764 2.27 56.97 27.73
C LEU A 764 2.70 55.51 27.87
N ARG A 765 4.02 55.23 27.82
CA ARG A 765 4.53 53.90 27.60
C ARG A 765 3.98 52.91 28.65
N GLY A 766 4.26 53.19 29.92
CA GLY A 766 3.89 52.27 30.99
C GLY A 766 2.38 52.02 31.05
N PRO A 767 1.57 53.09 31.05
CA PRO A 767 0.11 52.93 30.99
C PRO A 767 -0.37 52.10 29.80
N VAL A 768 0.19 52.33 28.62
CA VAL A 768 -0.24 51.61 27.43
C VAL A 768 0.12 50.14 27.56
N ASN A 769 1.32 49.84 28.06
CA ASN A 769 1.73 48.46 28.26
C ASN A 769 0.76 47.73 29.18
N LEU A 770 0.51 48.35 30.35
CA LEU A 770 -0.39 47.74 31.30
C LEU A 770 -1.79 47.59 30.69
N ALA A 771 -2.23 48.56 29.89
CA ALA A 771 -3.54 48.52 29.27
C ALA A 771 -3.65 47.31 28.36
N VAL A 772 -2.62 47.11 27.52
CA VAL A 772 -2.64 45.97 26.60
C VAL A 772 -2.71 44.66 27.38
N LEU A 773 -1.89 44.51 28.41
CA LEU A 773 -1.94 43.29 29.21
C LEU A 773 -3.31 43.09 29.83
N LYS A 774 -3.91 44.16 30.38
CA LYS A 774 -5.21 44.04 31.02
C LYS A 774 -6.25 43.61 29.99
N LEU A 775 -6.24 44.23 28.82
CA LEU A 775 -7.16 43.84 27.76
C LEU A 775 -6.98 42.38 27.39
N SER A 776 -5.74 41.93 27.22
CA SER A 776 -5.47 40.53 26.88
C SER A 776 -6.09 39.60 27.92
N GLU A 777 -5.86 39.88 29.21
CA GLU A 777 -6.32 38.99 30.26
C GLU A 777 -7.85 39.00 30.40
N GLN A 778 -8.51 40.11 30.02
CA GLN A 778 -9.97 40.21 30.05
C GLN A 778 -10.64 39.61 28.81
N GLY A 779 -9.86 39.06 27.88
CA GLY A 779 -10.42 38.39 26.73
C GLY A 779 -10.83 39.34 25.61
N VAL A 780 -10.51 40.63 25.74
CA VAL A 780 -11.01 41.61 24.80
C VAL A 780 -10.34 41.40 23.44
N LEU A 781 -9.03 41.12 23.44
CA LEU A 781 -8.31 40.93 22.18
C LEU A 781 -8.78 39.68 21.46
N ASP A 782 -9.00 38.59 22.24
CA ASP A 782 -9.54 37.36 21.68
C ASP A 782 -10.88 37.62 20.99
N LYS A 783 -11.75 38.36 21.69
CA LYS A 783 -13.09 38.64 21.19
C LYS A 783 -13.00 39.48 19.93
N LEU A 784 -12.10 40.46 19.91
CA LEU A 784 -11.95 41.33 18.75
C LEU A 784 -11.50 40.52 17.54
N LYS A 785 -10.54 39.62 17.77
CA LYS A 785 -10.06 38.79 16.68
C LYS A 785 -11.19 37.93 16.17
N SER A 786 -11.94 37.29 17.09
CA SER A 786 -13.06 36.45 16.71
C SER A 786 -14.05 37.23 15.85
N LYS A 787 -14.38 38.44 16.31
CA LYS A 787 -15.35 39.27 15.62
C LYS A 787 -14.89 39.59 14.19
N TRP A 788 -13.66 40.08 14.05
CA TRP A 788 -13.24 40.68 12.81
C TRP A 788 -12.66 39.68 11.82
N TRP A 789 -12.38 38.44 12.27
CA TRP A 789 -11.94 37.39 11.38
C TRP A 789 -13.13 36.49 11.04
N TYR A 790 -13.85 36.01 12.06
CA TYR A 790 -14.83 34.95 11.89
C TYR A 790 -16.25 35.49 11.83
N ASP A 791 -16.66 36.25 12.85
CA ASP A 791 -18.02 36.75 12.90
C ASP A 791 -18.37 37.64 11.71
N LYS A 792 -17.38 38.27 11.08
CA LYS A 792 -17.55 38.95 9.81
C LYS A 792 -17.01 38.12 8.65
N GLY A 793 -16.91 36.80 8.82
CA GLY A 793 -16.35 35.92 7.80
C GLY A 793 -17.40 35.61 6.74
N GLU A 794 -17.00 35.74 5.46
CA GLU A 794 -17.88 35.38 4.35
C GLU A 794 -18.15 33.87 4.36
N CYS A 795 -17.10 33.06 4.51
CA CYS A 795 -17.22 31.61 4.43
C CYS A 795 -18.09 31.06 5.56
N GLY A 796 -17.85 31.49 6.79
CA GLY A 796 -18.59 31.01 7.95
C GLY A 796 -18.32 29.54 8.24
N SER A 797 -17.16 29.03 7.76
CA SER A 797 -16.68 27.70 8.06
C SER A 797 -15.67 27.76 9.20
N LYS A 798 -15.83 26.88 10.21
CA LYS A 798 -14.92 26.80 11.34
C LYS A 798 -14.27 25.43 11.47
N ASP A 799 -14.57 24.48 10.57
CA ASP A 799 -13.99 23.14 10.61
C ASP A 799 -13.65 22.70 9.18
N ASP A 804 -13.92 11.48 11.47
CA ASP A 804 -13.27 11.76 10.15
C ASP A 804 -13.67 10.66 9.16
N LYS A 805 -13.22 10.83 7.90
CA LYS A 805 -13.37 9.88 6.81
C LYS A 805 -13.28 8.41 7.23
N THR A 806 -14.43 7.72 7.19
CA THR A 806 -14.56 6.32 7.57
C THR A 806 -13.92 5.41 6.53
N SER A 807 -14.06 5.79 5.25
CA SER A 807 -13.45 5.09 4.13
C SER A 807 -14.35 3.96 3.62
N ALA A 808 -15.42 3.56 4.37
CA ALA A 808 -16.54 2.79 3.80
C ALA A 808 -17.07 3.41 2.52
N LEU A 809 -17.36 2.56 1.54
CA LEU A 809 -17.93 3.04 0.30
C LEU A 809 -19.30 3.61 0.62
N SER A 810 -19.58 4.75 0.02
CA SER A 810 -20.85 5.41 0.19
C SER A 810 -21.75 5.15 -0.99
N LEU A 811 -23.05 5.27 -0.76
CA LEU A 811 -24.01 5.00 -1.82
C LEU A 811 -23.70 5.78 -3.08
N SER A 812 -23.05 6.94 -2.94
CA SER A 812 -22.69 7.74 -4.11
C SER A 812 -21.64 7.06 -4.98
N ASN A 813 -20.81 6.20 -4.39
CA ASN A 813 -19.81 5.48 -5.13
C ASN A 813 -20.36 4.36 -5.99
N VAL A 814 -21.59 3.90 -5.74
CA VAL A 814 -22.19 2.82 -6.50
C VAL A 814 -23.58 3.19 -7.00
N ALA A 815 -23.92 4.47 -7.05
CA ALA A 815 -25.30 4.84 -7.36
C ALA A 815 -25.71 4.47 -8.79
N GLY A 816 -24.76 4.57 -9.71
CA GLY A 816 -24.99 4.19 -11.08
C GLY A 816 -25.45 2.76 -11.27
N VAL A 817 -24.91 1.86 -10.47
CA VAL A 817 -25.25 0.47 -10.63
C VAL A 817 -26.70 0.28 -10.16
N PHE A 818 -27.11 0.97 -9.10
CA PHE A 818 -28.52 0.95 -8.71
C PHE A 818 -29.42 1.55 -9.80
N TYR A 819 -29.03 2.64 -10.44
CA TYR A 819 -29.84 3.22 -11.50
C TYR A 819 -29.97 2.23 -12.65
N ILE A 820 -28.86 1.62 -13.07
CA ILE A 820 -28.96 0.64 -14.15
C ILE A 820 -29.88 -0.52 -13.74
N LEU A 821 -29.81 -0.93 -12.47
CA LEU A 821 -30.66 -2.03 -12.02
C LEU A 821 -32.11 -1.67 -12.16
N ILE A 822 -32.51 -0.56 -11.56
CA ILE A 822 -33.92 -0.18 -11.59
C ILE A 822 -34.39 0.14 -13.01
N GLY A 823 -33.52 0.73 -13.82
CA GLY A 823 -33.84 0.87 -15.22
C GLY A 823 -34.12 -0.46 -15.91
N GLY A 824 -33.31 -1.47 -15.63
CA GLY A 824 -33.52 -2.78 -16.21
C GLY A 824 -34.85 -3.39 -15.75
N LEU A 825 -35.22 -3.18 -14.50
CA LEU A 825 -36.48 -3.74 -14.01
C LEU A 825 -37.65 -3.09 -14.74
N GLY A 826 -37.58 -1.77 -14.89
CA GLY A 826 -38.56 -1.06 -15.67
C GLY A 826 -38.64 -1.56 -17.10
N LEU A 827 -37.49 -1.67 -17.74
CA LEU A 827 -37.48 -2.17 -19.11
C LEU A 827 -38.07 -3.59 -19.19
N ALA A 828 -37.79 -4.43 -18.20
CA ALA A 828 -38.27 -5.80 -18.23
C ALA A 828 -39.78 -5.80 -18.18
N MET A 829 -40.34 -4.97 -17.31
CA MET A 829 -41.78 -4.89 -17.18
C MET A 829 -42.39 -4.41 -18.50
N LEU A 830 -41.77 -3.41 -19.13
CA LEU A 830 -42.27 -2.93 -20.40
C LEU A 830 -42.25 -4.03 -21.46
N VAL A 831 -41.15 -4.75 -21.59
CA VAL A 831 -41.05 -5.81 -22.57
C VAL A 831 -42.09 -6.88 -22.29
N ALA A 832 -42.35 -7.17 -21.01
CA ALA A 832 -43.34 -8.19 -20.69
C ALA A 832 -44.71 -7.76 -21.21
N LEU A 833 -45.05 -6.47 -20.99
CA LEU A 833 -46.34 -5.97 -21.46
C LEU A 833 -46.41 -6.06 -22.98
N ILE A 834 -45.37 -5.64 -23.66
CA ILE A 834 -45.37 -5.69 -25.11
C ILE A 834 -45.55 -7.11 -25.60
N GLU A 835 -44.78 -8.06 -25.08
CA GLU A 835 -44.91 -9.48 -25.45
C GLU A 835 -46.34 -9.94 -25.20
N PHE A 836 -46.93 -9.54 -24.08
CA PHE A 836 -48.26 -9.98 -23.72
C PHE A 836 -49.25 -9.49 -24.76
N CYS A 837 -49.20 -8.20 -25.08
CA CYS A 837 -50.10 -7.61 -26.06
C CYS A 837 -49.91 -8.25 -27.43
N TYR A 838 -48.67 -8.50 -27.84
CA TYR A 838 -48.40 -9.17 -29.11
C TYR A 838 -49.01 -10.58 -29.12
N LYS A 839 -48.72 -11.39 -28.10
CA LYS A 839 -49.10 -12.79 -28.10
C LYS A 839 -50.60 -12.96 -27.82
N SER A 840 -51.25 -11.95 -27.23
CA SER A 840 -52.69 -11.97 -26.98
C SER A 840 -53.49 -11.48 -28.18
N ARG A 841 -52.85 -11.12 -29.30
CA ARG A 841 -53.52 -10.77 -30.54
C ARG A 841 -52.77 -11.48 -31.69
N THR B 416 50.91 38.03 -1.21
CA THR B 416 49.87 37.36 -2.04
C THR B 416 50.50 36.19 -2.81
N TYR B 417 49.63 35.38 -3.41
CA TYR B 417 50.06 34.26 -4.25
C TYR B 417 49.16 34.16 -5.46
N ILE B 418 49.70 33.59 -6.55
CA ILE B 418 48.93 33.24 -7.73
C ILE B 418 48.45 31.79 -7.57
N VAL B 419 47.13 31.57 -7.51
CA VAL B 419 46.57 30.25 -7.30
C VAL B 419 45.96 29.79 -8.62
N THR B 420 46.61 28.84 -9.28
CA THR B 420 46.07 28.33 -10.53
C THR B 420 44.86 27.44 -10.24
N THR B 421 43.98 27.32 -11.23
CA THR B 421 42.74 26.56 -11.06
C THR B 421 42.12 26.34 -12.43
N ILE B 422 41.17 25.39 -12.52
CA ILE B 422 40.35 25.21 -13.71
C ILE B 422 38.88 25.27 -13.31
N LEU B 423 38.03 25.54 -14.32
CA LEU B 423 36.60 25.65 -14.10
C LEU B 423 35.94 24.29 -14.27
N GLU B 424 35.39 23.76 -13.17
CA GLU B 424 34.59 22.56 -13.21
C GLU B 424 33.51 22.63 -12.13
N ASP B 425 32.25 22.47 -12.55
CA ASP B 425 31.15 22.52 -11.62
C ASP B 425 31.13 21.22 -10.80
N PRO B 426 30.83 21.24 -9.49
CA PRO B 426 30.53 22.44 -8.69
C PRO B 426 31.74 23.00 -7.94
N TYR B 427 32.94 22.77 -8.48
CA TYR B 427 34.15 23.13 -7.76
C TYR B 427 34.35 24.65 -7.84
N VAL B 428 34.33 25.18 -9.05
CA VAL B 428 34.36 26.61 -9.30
C VAL B 428 33.30 26.91 -10.35
N MET B 429 32.45 27.91 -10.07
CA MET B 429 31.39 28.28 -11.00
C MET B 429 31.38 29.79 -11.19
N LEU B 430 31.27 30.20 -12.47
CA LEU B 430 31.07 31.59 -12.83
C LEU B 430 29.62 31.94 -12.51
N LYS B 431 29.43 33.00 -11.71
CA LYS B 431 28.09 33.48 -11.41
C LYS B 431 27.47 34.06 -12.68
N LYS B 432 26.13 34.12 -12.70
CA LYS B 432 25.39 34.76 -13.78
C LYS B 432 25.85 36.19 -14.00
N ASN B 433 26.09 36.95 -12.92
CA ASN B 433 26.63 38.30 -12.99
C ASN B 433 28.16 38.26 -13.16
N ALA B 434 28.65 37.52 -14.17
CA ALA B 434 30.07 37.32 -14.39
C ALA B 434 30.71 38.62 -14.88
N ASN B 435 30.12 39.20 -15.94
CA ASN B 435 30.60 40.46 -16.49
C ASN B 435 30.35 41.60 -15.51
N GLN B 436 29.23 41.54 -14.76
CA GLN B 436 28.78 42.65 -13.93
C GLN B 436 29.65 42.81 -12.69
N PHE B 437 30.27 41.70 -12.23
CA PHE B 437 31.19 41.71 -11.10
C PHE B 437 32.54 41.20 -11.56
N GLU B 438 33.62 41.68 -10.92
CA GLU B 438 34.98 41.25 -11.21
C GLU B 438 35.78 41.29 -9.91
N GLY B 439 36.81 40.42 -9.84
CA GLY B 439 37.77 40.38 -8.75
C GLY B 439 38.06 38.94 -8.37
N ASN B 440 38.71 38.76 -7.22
CA ASN B 440 39.00 37.44 -6.68
C ASN B 440 37.71 36.70 -6.29
N ASP B 441 36.68 37.46 -5.87
CA ASP B 441 35.41 36.88 -5.44
C ASP B 441 34.43 36.84 -6.61
N ARG B 442 34.94 36.67 -7.84
CA ARG B 442 34.09 36.55 -9.02
C ARG B 442 33.43 35.17 -9.08
N TYR B 443 33.99 34.15 -8.38
CA TYR B 443 33.53 32.78 -8.48
C TYR B 443 33.13 32.23 -7.12
N GLU B 444 32.30 31.18 -7.14
CA GLU B 444 31.92 30.42 -5.96
C GLU B 444 31.83 28.94 -6.33
N GLY B 445 31.92 28.10 -5.29
CA GLY B 445 31.84 26.66 -5.47
C GLY B 445 32.52 25.92 -4.33
N TYR B 446 32.72 24.62 -4.53
CA TYR B 446 33.28 23.76 -3.50
C TYR B 446 34.75 24.13 -3.27
N CYS B 447 35.53 24.14 -4.35
CA CYS B 447 36.96 24.35 -4.20
C CYS B 447 37.27 25.82 -3.92
N VAL B 448 36.37 26.73 -4.32
CA VAL B 448 36.54 28.14 -4.02
C VAL B 448 36.53 28.34 -2.51
N GLU B 449 35.51 27.79 -1.84
CA GLU B 449 35.41 27.89 -0.39
C GLU B 449 36.53 27.09 0.27
N LEU B 450 36.98 26.01 -0.37
CA LEU B 450 38.09 25.24 0.17
C LEU B 450 39.33 26.11 0.18
N ALA B 451 39.60 26.83 -0.91
CA ALA B 451 40.76 27.71 -0.99
C ALA B 451 40.66 28.81 0.07
N ALA B 452 39.46 29.36 0.23
CA ALA B 452 39.22 30.36 1.27
C ALA B 452 39.61 29.81 2.65
N GLU B 453 39.11 28.62 2.98
CA GLU B 453 39.36 28.06 4.29
C GLU B 453 40.82 27.68 4.45
N ILE B 454 41.48 27.18 3.40
CA ILE B 454 42.89 26.83 3.46
C ILE B 454 43.70 28.07 3.82
N ALA B 455 43.41 29.19 3.11
CA ALA B 455 44.10 30.44 3.38
C ALA B 455 43.85 30.88 4.82
N LYS B 456 42.59 30.83 5.27
CA LYS B 456 42.26 31.23 6.63
C LYS B 456 43.08 30.44 7.64
N HIS B 457 43.25 29.12 7.42
CA HIS B 457 43.92 28.28 8.40
C HIS B 457 45.43 28.51 8.35
N VAL B 458 46.01 28.55 7.14
CA VAL B 458 47.45 28.74 7.01
C VAL B 458 47.81 30.18 7.36
N GLY B 459 47.00 31.14 6.91
CA GLY B 459 47.26 32.56 7.12
C GLY B 459 48.11 33.14 6.00
N TYR B 460 47.57 33.03 4.78
CA TYR B 460 48.11 33.61 3.57
C TYR B 460 47.00 34.38 2.82
N SER B 461 47.42 35.13 1.81
CA SER B 461 46.52 35.84 0.91
C SER B 461 46.74 35.31 -0.50
N TYR B 462 45.69 35.39 -1.32
CA TYR B 462 45.69 34.70 -2.61
C TYR B 462 44.81 35.45 -3.60
N ARG B 463 45.05 35.16 -4.88
CA ARG B 463 44.21 35.57 -5.99
C ARG B 463 43.80 34.31 -6.76
N LEU B 464 42.60 34.31 -7.36
CA LEU B 464 42.19 33.21 -8.23
C LEU B 464 42.63 33.52 -9.65
N GLU B 465 43.54 32.72 -10.21
CA GLU B 465 43.89 32.76 -11.62
C GLU B 465 43.54 31.40 -12.25
N ILE B 466 43.41 31.38 -13.58
CA ILE B 466 42.97 30.22 -14.33
C ILE B 466 44.10 29.75 -15.22
N VAL B 467 44.31 28.42 -15.25
CA VAL B 467 45.32 27.82 -16.12
C VAL B 467 45.03 28.22 -17.57
N SER B 468 46.06 28.75 -18.24
CA SER B 468 45.90 29.32 -19.57
C SER B 468 45.31 28.27 -20.53
N ASP B 469 45.95 27.08 -20.56
CA ASP B 469 45.55 26.08 -21.54
C ASP B 469 44.26 25.38 -21.13
N GLY B 470 43.88 25.43 -19.84
CA GLY B 470 42.66 24.75 -19.40
C GLY B 470 42.80 23.23 -19.44
N LYS B 471 43.92 22.71 -18.92
CA LYS B 471 44.19 21.28 -18.89
C LYS B 471 44.81 20.90 -17.55
N TYR B 472 44.56 19.67 -17.11
CA TYR B 472 45.05 19.20 -15.83
C TYR B 472 46.52 18.87 -15.85
N GLY B 473 47.06 18.40 -16.98
CA GLY B 473 48.49 18.15 -17.09
C GLY B 473 48.82 16.89 -17.88
N ALA B 474 49.87 16.94 -18.71
CA ALA B 474 50.30 15.77 -19.46
C ALA B 474 51.69 16.03 -20.04
N ARG B 475 52.47 14.94 -20.20
CA ARG B 475 53.81 14.99 -20.75
C ARG B 475 53.72 14.29 -22.12
N ASP B 476 54.01 15.03 -23.20
CA ASP B 476 53.95 14.50 -24.55
C ASP B 476 55.12 13.55 -24.76
N PRO B 477 54.89 12.28 -25.19
CA PRO B 477 55.97 11.28 -25.18
C PRO B 477 57.13 11.59 -26.12
N ASP B 478 56.80 12.05 -27.35
CA ASP B 478 57.82 12.32 -28.36
C ASP B 478 58.73 13.45 -27.89
N THR B 479 58.13 14.58 -27.48
CA THR B 479 58.87 15.77 -27.10
C THR B 479 59.43 15.64 -25.68
N LYS B 480 58.82 14.78 -24.84
CA LYS B 480 59.12 14.67 -23.42
C LYS B 480 58.96 16.03 -22.72
N ALA B 481 57.94 16.80 -23.11
CA ALA B 481 57.67 18.13 -22.55
C ALA B 481 56.26 18.17 -21.94
N TRP B 482 56.10 19.02 -20.91
CA TRP B 482 54.87 19.10 -20.17
C TRP B 482 53.94 20.17 -20.73
N ASN B 483 52.65 19.99 -20.42
CA ASN B 483 51.57 20.87 -20.81
C ASN B 483 50.53 20.79 -19.69
N GLY B 484 49.82 21.89 -19.41
CA GLY B 484 48.68 21.88 -18.50
C GLY B 484 48.99 22.52 -17.16
N MET B 485 48.19 22.17 -16.14
CA MET B 485 48.32 22.74 -14.81
C MET B 485 49.67 22.34 -14.20
N VAL B 486 50.07 21.08 -14.37
CA VAL B 486 51.32 20.61 -13.79
C VAL B 486 52.48 21.37 -14.40
N GLY B 487 52.45 21.60 -15.72
CA GLY B 487 53.47 22.41 -16.39
C GLY B 487 53.48 23.83 -15.84
N GLU B 488 52.30 24.43 -15.76
CA GLU B 488 52.17 25.80 -15.28
C GLU B 488 52.62 25.93 -13.82
N LEU B 489 52.62 24.83 -13.06
CA LEU B 489 53.03 24.85 -11.66
C LEU B 489 54.52 24.58 -11.53
N VAL B 490 55.09 23.72 -12.40
CA VAL B 490 56.50 23.42 -12.32
C VAL B 490 57.34 24.58 -12.85
N TYR B 491 56.85 25.30 -13.87
CA TYR B 491 57.57 26.43 -14.44
C TYR B 491 57.27 27.76 -13.73
N GLY B 492 56.84 27.70 -12.48
CA GLY B 492 56.86 28.87 -11.60
C GLY B 492 55.75 29.88 -11.90
N ARG B 493 54.86 29.61 -12.87
CA ARG B 493 53.82 30.58 -13.19
C ARG B 493 52.83 30.73 -12.04
N ALA B 494 52.62 29.65 -11.26
CA ALA B 494 51.72 29.65 -10.13
C ALA B 494 52.41 29.13 -8.86
N ASP B 495 51.80 29.45 -7.72
CA ASP B 495 52.31 29.12 -6.40
C ASP B 495 51.64 27.89 -5.79
N VAL B 496 50.38 27.61 -6.17
CA VAL B 496 49.64 26.47 -5.68
C VAL B 496 48.47 26.20 -6.63
N ALA B 497 48.10 24.93 -6.78
CA ALA B 497 46.97 24.53 -7.60
C ALA B 497 45.88 23.91 -6.72
N VAL B 498 44.71 24.56 -6.69
CA VAL B 498 43.56 24.05 -5.94
C VAL B 498 42.46 23.74 -6.94
N ALA B 499 42.44 22.49 -7.42
CA ALA B 499 41.44 22.04 -8.36
C ALA B 499 41.21 20.55 -8.16
N PRO B 500 40.24 19.91 -8.85
CA PRO B 500 40.16 18.45 -8.87
C PRO B 500 41.28 17.85 -9.73
N LEU B 501 42.50 17.87 -9.19
CA LEU B 501 43.66 17.30 -9.84
C LEU B 501 43.86 15.91 -9.27
N THR B 502 44.07 14.93 -10.15
CA THR B 502 44.23 13.56 -9.72
C THR B 502 45.68 13.29 -9.33
N ILE B 503 45.87 12.71 -8.16
CA ILE B 503 47.20 12.28 -7.74
C ILE B 503 47.62 11.09 -8.59
N THR B 504 48.78 11.21 -9.24
CA THR B 504 49.30 10.14 -10.09
C THR B 504 50.82 10.12 -9.96
N LEU B 505 51.43 9.03 -10.42
CA LEU B 505 52.86 8.82 -10.26
C LEU B 505 53.65 9.83 -11.09
N VAL B 506 53.24 10.01 -12.34
CA VAL B 506 53.95 10.91 -13.24
C VAL B 506 53.89 12.35 -12.72
N ARG B 507 52.73 12.76 -12.22
CA ARG B 507 52.60 14.09 -11.66
C ARG B 507 53.29 14.19 -10.30
N GLU B 508 53.31 13.09 -9.53
CA GLU B 508 53.93 13.10 -8.21
C GLU B 508 55.43 13.37 -8.33
N GLU B 509 56.07 12.88 -9.39
CA GLU B 509 57.51 13.08 -9.59
C GLU B 509 57.85 14.56 -9.77
N VAL B 510 56.96 15.34 -10.38
CA VAL B 510 57.25 16.71 -10.77
C VAL B 510 56.83 17.69 -9.69
N ILE B 511 55.66 17.46 -9.06
CA ILE B 511 55.09 18.34 -8.04
C ILE B 511 54.68 17.50 -6.84
N ASP B 512 54.60 18.12 -5.67
CA ASP B 512 54.20 17.42 -4.46
C ASP B 512 52.70 17.67 -4.23
N PHE B 513 52.02 16.63 -3.74
CA PHE B 513 50.59 16.66 -3.52
C PHE B 513 50.31 16.62 -2.03
N SER B 514 49.18 17.20 -1.62
CA SER B 514 48.67 17.02 -0.28
C SER B 514 47.93 15.69 -0.19
N LYS B 515 47.58 15.31 1.03
CA LYS B 515 46.75 14.14 1.21
C LYS B 515 45.44 14.37 0.47
N PRO B 516 44.78 13.33 -0.07
CA PRO B 516 43.60 13.56 -0.88
C PRO B 516 42.50 14.22 -0.02
N PHE B 517 41.95 15.31 -0.54
CA PHE B 517 40.82 15.97 0.07
C PHE B 517 39.50 15.39 -0.42
N MET B 518 39.52 14.49 -1.41
CA MET B 518 38.30 13.88 -1.91
C MET B 518 38.65 12.58 -2.61
N SER B 519 38.05 11.47 -2.15
CA SER B 519 38.29 10.15 -2.73
C SER B 519 37.23 9.86 -3.79
N LEU B 520 37.64 9.21 -4.86
CA LEU B 520 36.71 8.89 -5.94
C LEU B 520 37.19 7.64 -6.69
N GLY B 521 36.45 7.26 -7.73
CA GLY B 521 36.78 6.10 -8.53
C GLY B 521 36.01 6.12 -9.83
N ILE B 522 36.17 5.06 -10.64
CA ILE B 522 35.39 4.89 -11.85
C ILE B 522 34.05 4.29 -11.46
N SER B 523 33.00 4.69 -12.17
CA SER B 523 31.65 4.24 -11.84
C SER B 523 30.81 4.18 -13.10
N ILE B 524 29.66 3.52 -13.00
CA ILE B 524 28.76 3.26 -14.11
C ILE B 524 27.57 4.21 -14.00
N MET B 525 27.28 4.91 -15.10
CA MET B 525 26.09 5.73 -15.22
C MET B 525 25.14 5.04 -16.20
N ILE B 526 23.86 4.96 -15.81
CA ILE B 526 22.80 4.43 -16.68
C ILE B 526 21.63 5.39 -16.65
N LYS B 527 20.69 5.21 -17.59
CA LYS B 527 19.45 5.96 -17.55
C LYS B 527 18.58 5.45 -16.40
N LYS B 528 17.87 6.37 -15.72
CA LYS B 528 16.97 5.98 -14.66
C LYS B 528 15.98 4.95 -15.20
N PRO B 529 15.76 3.81 -14.53
CA PRO B 529 14.74 2.87 -14.98
C PRO B 529 13.38 3.55 -14.97
N GLN B 530 12.56 3.21 -15.96
CA GLN B 530 11.21 3.73 -16.12
C GLN B 530 10.22 2.55 -16.13
N LYS B 531 8.93 2.89 -16.02
CA LYS B 531 7.84 1.93 -16.17
C LYS B 531 7.75 1.51 -17.64
N SER B 532 7.73 0.19 -17.92
CA SER B 532 7.77 -0.35 -19.28
C SER B 532 6.36 -0.46 -19.88
N LYS B 533 6.26 -0.41 -21.22
CA LYS B 533 5.02 -0.71 -21.90
C LYS B 533 4.61 -2.14 -21.54
N PRO B 534 3.33 -2.40 -21.18
CA PRO B 534 2.93 -3.74 -20.78
C PRO B 534 3.06 -4.71 -21.95
N GLY B 535 3.51 -5.93 -21.64
CA GLY B 535 3.63 -6.97 -22.64
C GLY B 535 2.30 -7.65 -22.96
N VAL B 536 2.20 -8.22 -24.17
CA VAL B 536 1.00 -8.90 -24.63
C VAL B 536 0.49 -9.96 -23.63
N PHE B 537 1.37 -10.75 -23.04
CA PHE B 537 0.96 -11.79 -22.13
C PHE B 537 1.31 -11.40 -20.69
N SER B 538 1.27 -10.09 -20.41
CA SER B 538 1.54 -9.58 -19.08
C SER B 538 0.47 -10.02 -18.07
N PHE B 539 -0.71 -10.45 -18.53
CA PHE B 539 -1.73 -10.87 -17.60
C PHE B 539 -1.29 -12.13 -16.86
N LEU B 540 -0.27 -12.85 -17.34
CA LEU B 540 0.24 -13.98 -16.60
C LEU B 540 1.21 -13.59 -15.49
N ASP B 541 1.59 -12.32 -15.39
CA ASP B 541 2.67 -11.94 -14.49
C ASP B 541 2.44 -12.20 -13.01
N PRO B 542 1.24 -12.08 -12.45
CA PRO B 542 1.07 -12.36 -11.02
C PRO B 542 1.59 -13.70 -10.54
N LEU B 543 1.60 -14.74 -11.39
CA LEU B 543 2.08 -16.06 -10.98
C LEU B 543 3.30 -16.38 -11.83
N ALA B 544 4.27 -17.04 -11.19
CA ALA B 544 5.45 -17.54 -11.86
C ALA B 544 5.14 -18.61 -12.91
N TYR B 545 5.98 -18.71 -13.91
CA TYR B 545 5.84 -19.67 -15.00
C TYR B 545 5.71 -21.07 -14.45
N GLU B 546 6.38 -21.38 -13.35
CA GLU B 546 6.29 -22.73 -12.83
C GLU B 546 4.90 -23.00 -12.29
N ILE B 547 4.25 -21.98 -11.67
CA ILE B 547 2.91 -22.18 -11.20
C ILE B 547 1.97 -22.49 -12.37
N TRP B 548 2.07 -21.68 -13.44
CA TRP B 548 1.21 -21.96 -14.57
C TRP B 548 1.41 -23.38 -15.10
N MET B 549 2.66 -23.81 -15.22
CA MET B 549 2.94 -25.11 -15.77
C MET B 549 2.39 -26.21 -14.86
N CYS B 550 2.58 -26.05 -13.56
CA CYS B 550 2.02 -27.03 -12.64
C CYS B 550 0.49 -26.99 -12.60
N ILE B 551 -0.13 -25.84 -12.84
CA ILE B 551 -1.57 -25.81 -12.91
C ILE B 551 -2.01 -26.69 -14.09
N VAL B 552 -1.34 -26.58 -15.22
CA VAL B 552 -1.72 -27.39 -16.36
C VAL B 552 -1.52 -28.89 -16.09
N PHE B 553 -0.43 -29.25 -15.46
CA PHE B 553 -0.25 -30.64 -15.11
C PHE B 553 -1.28 -31.12 -14.12
N ALA B 554 -1.53 -30.34 -13.09
CA ALA B 554 -2.53 -30.73 -12.11
C ALA B 554 -3.89 -30.91 -12.79
N TYR B 555 -4.18 -30.04 -13.76
CA TYR B 555 -5.44 -30.16 -14.47
C TYR B 555 -5.56 -31.50 -15.15
N ILE B 556 -4.54 -31.89 -15.90
CA ILE B 556 -4.53 -33.21 -16.52
C ILE B 556 -4.64 -34.32 -15.49
N GLY B 557 -3.86 -34.28 -14.43
CA GLY B 557 -3.90 -35.33 -13.44
C GLY B 557 -5.28 -35.48 -12.81
N VAL B 558 -5.90 -34.36 -12.48
CA VAL B 558 -7.22 -34.41 -11.86
C VAL B 558 -8.21 -35.01 -12.86
N SER B 559 -8.16 -34.58 -14.10
CA SER B 559 -9.11 -35.08 -15.07
C SER B 559 -8.95 -36.59 -15.24
N VAL B 560 -7.73 -37.07 -15.31
CA VAL B 560 -7.51 -38.48 -15.50
C VAL B 560 -7.95 -39.26 -14.27
N VAL B 561 -7.60 -38.83 -13.07
CA VAL B 561 -8.03 -39.59 -11.91
C VAL B 561 -9.55 -39.55 -11.76
N LEU B 562 -10.21 -38.46 -12.09
CA LEU B 562 -11.67 -38.42 -11.98
C LEU B 562 -12.31 -39.42 -12.94
N PHE B 563 -11.79 -39.46 -14.17
CA PHE B 563 -12.21 -40.45 -15.14
C PHE B 563 -11.98 -41.88 -14.65
N LEU B 564 -10.80 -42.16 -14.08
CA LEU B 564 -10.50 -43.49 -13.62
C LEU B 564 -11.43 -43.91 -12.48
N VAL B 565 -11.56 -43.12 -11.43
CA VAL B 565 -12.31 -43.58 -10.27
C VAL B 565 -13.81 -43.61 -10.58
N SER B 566 -14.24 -43.02 -11.68
CA SER B 566 -15.65 -42.98 -12.01
C SER B 566 -16.03 -44.19 -12.86
N ARG B 567 -15.07 -44.76 -13.61
CA ARG B 567 -15.36 -45.77 -14.61
C ARG B 567 -14.97 -47.13 -14.09
N PHE B 568 -13.69 -47.33 -13.78
CA PHE B 568 -13.22 -48.55 -13.14
C PHE B 568 -13.96 -48.86 -11.83
N SER B 569 -14.58 -47.85 -11.18
CA SER B 569 -15.23 -48.04 -9.89
C SER B 569 -16.75 -48.17 -10.05
N PRO B 570 -17.50 -48.73 -9.05
CA PRO B 570 -18.96 -48.84 -9.13
C PRO B 570 -19.75 -47.53 -9.06
N TYR B 571 -19.07 -46.43 -8.68
CA TYR B 571 -19.58 -45.07 -8.81
C TYR B 571 -20.80 -44.94 -7.85
N GLU B 592 -22.01 -39.04 -16.02
CA GLU B 592 -21.35 -39.68 -17.19
C GLU B 592 -19.94 -39.08 -17.35
N PHE B 593 -19.00 -39.55 -16.53
CA PHE B 593 -17.67 -39.00 -16.47
C PHE B 593 -16.72 -39.82 -17.34
N GLY B 594 -16.94 -39.80 -18.65
CA GLY B 594 -15.87 -40.18 -19.57
C GLY B 594 -14.67 -39.24 -19.47
N ILE B 595 -13.63 -39.47 -20.27
CA ILE B 595 -12.47 -38.64 -20.19
C ILE B 595 -12.80 -37.22 -20.69
N PHE B 596 -13.51 -37.06 -21.79
CA PHE B 596 -13.80 -35.72 -22.32
C PHE B 596 -14.69 -34.94 -21.35
N ASN B 597 -15.67 -35.60 -20.76
CA ASN B 597 -16.48 -34.92 -19.76
C ASN B 597 -15.70 -34.65 -18.49
N SER B 598 -14.75 -35.53 -18.14
CA SER B 598 -13.90 -35.26 -16.99
C SER B 598 -13.08 -34.00 -17.22
N LEU B 599 -12.46 -33.89 -18.38
CA LEU B 599 -11.74 -32.68 -18.71
C LEU B 599 -12.65 -31.46 -18.67
N TRP B 600 -13.88 -31.56 -19.12
CA TRP B 600 -14.74 -30.40 -19.11
C TRP B 600 -15.16 -30.04 -17.67
N PHE B 601 -15.37 -31.03 -16.83
CA PHE B 601 -15.72 -30.78 -15.44
C PHE B 601 -14.60 -30.03 -14.75
N SER B 602 -13.39 -30.53 -14.98
CA SER B 602 -12.23 -29.96 -14.33
C SER B 602 -11.99 -28.55 -14.80
N LEU B 603 -12.20 -28.30 -16.08
CA LEU B 603 -11.91 -26.98 -16.61
C LEU B 603 -12.92 -26.01 -16.03
N GLY B 604 -14.15 -26.40 -16.03
CA GLY B 604 -15.15 -25.53 -15.48
C GLY B 604 -14.96 -25.28 -14.01
N ALA B 605 -14.42 -26.25 -13.27
CA ALA B 605 -14.22 -26.07 -11.83
C ALA B 605 -13.12 -25.03 -11.64
N PHE B 606 -12.05 -25.14 -12.39
CA PHE B 606 -10.98 -24.20 -12.25
C PHE B 606 -11.38 -22.78 -12.62
N MET B 607 -12.26 -22.60 -13.59
CA MET B 607 -12.67 -21.25 -14.02
C MET B 607 -13.84 -20.76 -13.19
N GLN B 608 -14.24 -21.50 -12.14
CA GLN B 608 -15.29 -21.10 -11.25
CA GLN B 608 -15.28 -21.03 -11.25
C GLN B 608 -16.55 -20.87 -12.07
N GLN B 609 -16.75 -21.73 -13.07
CA GLN B 609 -17.97 -21.74 -13.86
C GLN B 609 -18.67 -22.89 -13.20
N GLY B 610 -19.59 -23.52 -13.91
N GLY B 610 -19.69 -23.41 -13.85
CA GLY B 610 -20.48 -24.45 -13.26
CA GLY B 610 -20.49 -24.45 -13.26
C GLY B 610 -19.97 -25.87 -13.44
C GLY B 610 -20.09 -25.79 -13.85
N CYS B 611 -20.96 -26.72 -13.48
N CYS B 611 -21.03 -26.71 -13.82
CA CYS B 611 -20.81 -28.02 -14.07
CA CYS B 611 -20.93 -27.84 -14.71
C CYS B 611 -22.17 -28.40 -14.64
C CYS B 611 -22.33 -28.33 -15.05
N ASP B 612 -22.18 -29.20 -15.71
N ASP B 612 -22.36 -29.34 -15.89
CA ASP B 612 -23.41 -29.87 -16.09
CA ASP B 612 -23.59 -30.03 -16.16
C ASP B 612 -23.65 -31.08 -15.19
C ASP B 612 -23.71 -31.15 -15.15
N ILE B 613 -22.57 -31.68 -14.70
CA ILE B 613 -22.59 -32.94 -13.98
C ILE B 613 -21.70 -32.84 -12.79
N SER B 614 -22.07 -33.45 -11.67
CA SER B 614 -21.15 -33.53 -10.55
C SER B 614 -20.92 -35.00 -10.20
N PRO B 615 -19.75 -35.38 -9.70
CA PRO B 615 -19.55 -36.73 -9.19
C PRO B 615 -20.52 -37.17 -8.11
N ARG B 616 -20.92 -38.46 -8.13
CA ARG B 616 -21.79 -39.01 -7.11
C ARG B 616 -21.10 -39.94 -6.14
N SER B 617 -20.00 -40.57 -6.55
CA SER B 617 -19.33 -41.49 -5.64
C SER B 617 -18.51 -40.74 -4.59
N LEU B 618 -18.10 -41.44 -3.55
CA LEU B 618 -17.16 -40.90 -2.59
C LEU B 618 -15.80 -40.55 -3.23
N SER B 619 -15.28 -41.39 -4.10
CA SER B 619 -13.99 -41.11 -4.70
C SER B 619 -14.08 -39.93 -5.66
N GLY B 620 -15.13 -39.87 -6.46
CA GLY B 620 -15.28 -38.73 -7.33
C GLY B 620 -15.44 -37.43 -6.57
N ARG B 621 -16.14 -37.49 -5.45
CA ARG B 621 -16.33 -36.31 -4.62
C ARG B 621 -15.03 -35.92 -3.92
N ILE B 622 -14.20 -36.85 -3.50
CA ILE B 622 -12.92 -36.46 -2.94
C ILE B 622 -12.11 -35.69 -3.99
N VAL B 623 -12.03 -36.25 -5.19
CA VAL B 623 -11.26 -35.62 -6.23
C VAL B 623 -11.79 -34.22 -6.48
N GLY B 624 -13.09 -34.13 -6.67
CA GLY B 624 -13.71 -32.86 -6.93
C GLY B 624 -13.49 -31.85 -5.82
N GLY B 625 -13.57 -32.30 -4.58
CA GLY B 625 -13.42 -31.42 -3.44
C GLY B 625 -12.00 -30.84 -3.35
N VAL B 626 -10.98 -31.65 -3.52
CA VAL B 626 -9.65 -31.09 -3.46
C VAL B 626 -9.40 -30.21 -4.68
N TRP B 627 -9.91 -30.53 -5.83
CA TRP B 627 -9.73 -29.63 -6.97
C TRP B 627 -10.47 -28.29 -6.77
N TRP B 628 -11.63 -28.31 -6.12
CA TRP B 628 -12.30 -27.07 -5.72
C TRP B 628 -11.47 -26.24 -4.75
N PHE B 629 -10.88 -26.88 -3.76
CA PHE B 629 -10.07 -26.14 -2.80
C PHE B 629 -8.84 -25.53 -3.48
N PHE B 630 -8.20 -26.29 -4.35
CA PHE B 630 -7.03 -25.82 -5.03
C PHE B 630 -7.39 -24.63 -5.87
N THR B 631 -8.49 -24.72 -6.56
CA THR B 631 -8.94 -23.64 -7.42
C THR B 631 -9.15 -22.38 -6.61
N LEU B 632 -9.79 -22.50 -5.45
CA LEU B 632 -10.11 -21.32 -4.67
C LEU B 632 -8.84 -20.61 -4.19
N ILE B 633 -7.87 -21.34 -3.66
CA ILE B 633 -6.61 -20.74 -3.28
C ILE B 633 -5.89 -20.12 -4.47
N ILE B 634 -5.80 -20.83 -5.60
CA ILE B 634 -5.01 -20.32 -6.70
C ILE B 634 -5.63 -19.05 -7.25
N ILE B 635 -6.94 -19.03 -7.44
CA ILE B 635 -7.54 -17.86 -8.05
C ILE B 635 -7.41 -16.68 -7.09
N SER B 636 -7.63 -16.89 -5.80
CA SER B 636 -7.51 -15.80 -4.84
C SER B 636 -6.07 -15.26 -4.85
N SER B 637 -5.09 -16.14 -4.94
CA SER B 637 -3.70 -15.75 -5.02
C SER B 637 -3.44 -14.93 -6.27
N TYR B 638 -3.99 -15.31 -7.41
CA TYR B 638 -3.85 -14.46 -8.58
C TYR B 638 -4.43 -13.07 -8.39
N THR B 639 -5.63 -12.94 -7.88
CA THR B 639 -6.24 -11.64 -7.72
C THR B 639 -5.47 -10.82 -6.71
N ALA B 640 -5.04 -11.44 -5.61
CA ALA B 640 -4.38 -10.74 -4.51
C ALA B 640 -3.04 -10.20 -4.98
N ASN B 641 -2.30 -11.01 -5.72
CA ASN B 641 -1.00 -10.59 -6.15
C ASN B 641 -1.10 -9.53 -7.24
N LEU B 642 -2.09 -9.51 -8.06
CA LEU B 642 -2.24 -8.47 -9.05
C LEU B 642 -2.66 -7.23 -8.32
N ALA B 643 -3.44 -7.32 -7.28
CA ALA B 643 -3.73 -6.08 -6.62
C ALA B 643 -2.41 -5.49 -6.09
N ALA B 644 -1.59 -6.34 -5.44
CA ALA B 644 -0.29 -5.91 -4.93
C ALA B 644 0.56 -5.24 -6.03
N PHE B 645 0.68 -5.89 -7.17
N PHE B 645 0.67 -5.86 -7.19
CA PHE B 645 1.46 -5.31 -8.24
CA PHE B 645 1.48 -5.26 -8.24
C PHE B 645 0.91 -3.94 -8.64
C PHE B 645 0.91 -3.93 -8.72
N LEU B 646 -0.39 -3.81 -8.85
CA LEU B 646 -0.93 -2.56 -9.38
C LEU B 646 -0.92 -1.49 -8.28
N THR B 647 -0.81 -1.84 -7.01
CA THR B 647 -0.87 -0.86 -5.95
C THR B 647 0.48 -0.18 -5.82
N VAL B 648 1.56 -0.92 -5.84
CA VAL B 648 2.88 -0.34 -5.60
C VAL B 648 3.77 -0.60 -6.80
N GLU B 649 4.39 0.47 -7.32
CA GLU B 649 5.30 0.36 -8.44
C GLU B 649 6.69 0.09 -7.87
N ARG B 650 7.36 -0.91 -8.46
CA ARG B 650 8.75 -1.18 -8.20
C ARG B 650 9.45 -1.28 -9.54
N MET B 651 10.29 -0.29 -9.82
CA MET B 651 11.16 -0.29 -10.99
C MET B 651 12.54 -0.75 -10.52
N VAL B 652 13.12 -1.74 -11.22
CA VAL B 652 14.39 -2.34 -10.85
C VAL B 652 15.37 -2.08 -11.98
N SER B 653 16.59 -1.64 -11.60
CA SER B 653 17.65 -1.41 -12.56
C SER B 653 18.26 -2.75 -12.96
N PRO B 654 18.44 -3.06 -14.27
CA PRO B 654 19.02 -4.33 -14.67
C PRO B 654 20.45 -4.55 -14.17
N ILE B 655 21.22 -3.44 -14.11
CA ILE B 655 22.62 -3.48 -13.72
C ILE B 655 22.74 -3.02 -12.28
N GLU B 656 23.61 -3.69 -11.51
CA GLU B 656 23.91 -3.29 -10.14
C GLU B 656 25.39 -3.42 -9.81
N SER B 657 26.26 -3.65 -10.81
CA SER B 657 27.69 -3.80 -10.60
C SER B 657 28.39 -3.82 -11.96
N ALA B 658 29.72 -3.93 -11.96
CA ALA B 658 30.49 -3.96 -13.19
C ALA B 658 30.53 -5.37 -13.78
N GLU B 659 30.60 -6.38 -12.91
CA GLU B 659 30.54 -7.77 -13.36
C GLU B 659 29.25 -8.04 -14.15
N ASP B 660 28.16 -7.36 -13.82
CA ASP B 660 26.94 -7.48 -14.60
C ASP B 660 27.13 -6.94 -16.00
N LEU B 661 27.75 -5.77 -16.16
CA LEU B 661 28.09 -5.30 -17.49
C LEU B 661 29.00 -6.30 -18.20
N ALA B 662 29.86 -7.00 -17.44
CA ALA B 662 30.76 -7.98 -18.03
C ALA B 662 29.99 -9.17 -18.59
N LYS B 663 29.13 -9.76 -17.76
CA LYS B 663 28.44 -11.02 -18.06
C LYS B 663 27.41 -10.80 -19.16
N GLN B 664 26.61 -9.74 -19.04
CA GLN B 664 25.57 -9.46 -20.04
C GLN B 664 26.23 -9.07 -21.36
N THR B 665 25.46 -9.15 -22.44
CA THR B 665 25.88 -8.66 -23.75
C THR B 665 24.84 -7.73 -24.39
N GLU B 666 23.60 -7.69 -23.87
CA GLU B 666 22.53 -6.89 -24.44
C GLU B 666 22.81 -5.39 -24.27
N ILE B 667 23.44 -5.01 -23.13
CA ILE B 667 23.74 -3.63 -22.82
C ILE B 667 25.18 -3.32 -23.23
N ALA B 668 25.33 -2.23 -23.98
CA ALA B 668 26.62 -1.69 -24.38
C ALA B 668 27.18 -0.80 -23.28
N TYR B 669 28.49 -0.56 -23.36
CA TYR B 669 29.12 0.38 -22.45
C TYR B 669 30.48 0.77 -22.96
N GLY B 670 30.79 2.07 -22.86
CA GLY B 670 32.05 2.61 -23.37
C GLY B 670 32.46 3.83 -22.57
N THR B 671 33.74 4.21 -22.72
CA THR B 671 34.39 5.28 -21.97
C THR B 671 34.66 6.45 -22.91
N LEU B 672 35.38 7.48 -22.43
CA LEU B 672 35.97 8.47 -23.32
C LEU B 672 36.96 7.81 -24.26
N GLU B 673 37.00 8.27 -25.51
CA GLU B 673 37.89 7.72 -26.53
C GLU B 673 39.36 7.88 -26.14
N ALA B 674 39.72 8.98 -25.47
CA ALA B 674 41.02 9.09 -24.83
C ALA B 674 40.84 9.67 -23.43
N GLY B 675 41.25 8.89 -22.43
CA GLY B 675 41.30 9.34 -21.05
C GLY B 675 42.00 8.31 -20.17
N SER B 676 42.04 8.60 -18.86
CA SER B 676 42.67 7.72 -17.88
C SER B 676 41.87 6.43 -17.68
N THR B 677 40.55 6.52 -17.81
CA THR B 677 39.65 5.40 -17.61
C THR B 677 39.96 4.30 -18.64
N LYS B 678 40.07 4.72 -19.90
CA LYS B 678 40.41 3.81 -20.99
C LYS B 678 41.73 3.11 -20.71
N GLU B 679 42.73 3.88 -20.23
CA GLU B 679 44.03 3.32 -19.91
C GLU B 679 43.91 2.32 -18.77
N PHE B 680 43.11 2.67 -17.75
CA PHE B 680 42.89 1.78 -16.62
C PHE B 680 42.41 0.42 -17.13
N PHE B 681 41.49 0.42 -18.10
CA PHE B 681 40.95 -0.81 -18.65
C PHE B 681 41.99 -1.55 -19.49
N ARG B 682 42.67 -0.80 -20.39
CA ARG B 682 43.54 -1.48 -21.34
C ARG B 682 44.73 -2.11 -20.63
N ARG B 683 45.13 -1.56 -19.47
CA ARG B 683 46.25 -2.08 -18.71
C ARG B 683 45.81 -3.03 -17.59
N SER B 684 44.50 -3.13 -17.31
CA SER B 684 44.05 -3.91 -16.17
C SER B 684 44.21 -5.39 -16.47
N LYS B 685 44.82 -6.11 -15.52
CA LYS B 685 45.02 -7.55 -15.60
C LYS B 685 44.06 -8.27 -14.64
N ILE B 686 42.94 -7.63 -14.30
CA ILE B 686 41.89 -8.26 -13.52
C ILE B 686 40.94 -8.93 -14.51
N ALA B 687 40.43 -10.11 -14.13
CA ALA B 687 39.61 -10.93 -15.01
C ALA B 687 38.43 -10.14 -15.59
N VAL B 688 37.65 -9.53 -14.70
CA VAL B 688 36.43 -8.84 -15.08
C VAL B 688 36.77 -7.69 -16.03
N PHE B 689 37.76 -6.89 -15.66
CA PHE B 689 38.09 -5.71 -16.45
C PHE B 689 38.78 -6.09 -17.75
N GLU B 690 39.57 -7.17 -17.74
CA GLU B 690 40.15 -7.66 -18.99
C GLU B 690 39.03 -8.07 -19.95
N LYS B 691 38.03 -8.79 -19.44
CA LYS B 691 36.89 -9.19 -20.23
C LYS B 691 36.16 -7.97 -20.79
N MET B 692 35.95 -6.96 -19.93
CA MET B 692 35.28 -5.76 -20.34
C MET B 692 36.08 -5.04 -21.44
N TRP B 693 37.41 -5.05 -21.33
CA TRP B 693 38.24 -4.44 -22.35
C TRP B 693 38.13 -5.20 -23.67
N THR B 694 38.18 -6.53 -23.60
CA THR B 694 38.05 -7.35 -24.79
C THR B 694 36.72 -7.03 -25.50
N TYR B 695 35.63 -6.89 -24.73
CA TYR B 695 34.36 -6.49 -25.29
C TYR B 695 34.48 -5.11 -25.95
N MET B 696 34.93 -4.12 -25.18
CA MET B 696 34.82 -2.72 -25.57
C MET B 696 35.65 -2.45 -26.82
N LYS B 697 36.81 -3.13 -26.94
CA LYS B 697 37.66 -2.95 -28.11
C LYS B 697 36.95 -3.46 -29.37
N SER B 698 36.32 -4.64 -29.29
CA SER B 698 35.61 -5.22 -30.42
C SER B 698 34.13 -4.90 -30.30
N ALA B 699 33.78 -3.62 -30.52
CA ALA B 699 32.41 -3.14 -30.46
C ALA B 699 32.15 -2.27 -31.69
N GLU B 700 31.02 -2.54 -32.38
CA GLU B 700 30.65 -1.86 -33.62
C GLU B 700 29.17 -1.48 -33.55
N PRO B 701 28.78 -0.18 -33.61
CA PRO B 701 29.69 0.97 -33.80
C PRO B 701 30.56 1.24 -32.58
N SER B 702 31.34 2.32 -32.63
CA SER B 702 32.24 2.67 -31.53
C SER B 702 31.41 2.99 -30.28
N VAL B 703 31.69 2.28 -29.18
CA VAL B 703 31.15 2.56 -27.86
C VAL B 703 31.75 3.83 -27.28
N PHE B 704 32.98 4.13 -27.69
CA PHE B 704 33.71 5.27 -27.15
C PHE B 704 33.10 6.58 -27.62
N VAL B 705 33.31 7.63 -26.83
CA VAL B 705 32.73 8.95 -27.09
C VAL B 705 33.84 9.98 -27.01
N ARG B 706 33.65 11.14 -27.64
CA ARG B 706 34.66 12.19 -27.74
C ARG B 706 34.74 12.98 -26.43
N THR B 707 33.59 13.40 -25.90
CA THR B 707 33.52 14.19 -24.68
C THR B 707 32.46 13.63 -23.74
N THR B 708 32.61 13.95 -22.46
CA THR B 708 31.68 13.48 -21.43
C THR B 708 30.25 13.90 -21.75
N GLU B 709 30.07 15.10 -22.33
CA GLU B 709 28.74 15.55 -22.73
C GLU B 709 28.13 14.59 -23.75
N GLU B 710 28.95 14.13 -24.71
CA GLU B 710 28.39 13.30 -25.77
C GLU B 710 28.08 11.91 -25.19
N GLY B 711 28.90 11.37 -24.27
CA GLY B 711 28.56 10.13 -23.57
C GLY B 711 27.27 10.24 -22.76
N MET B 712 27.10 11.37 -22.08
CA MET B 712 25.91 11.60 -21.28
C MET B 712 24.68 11.61 -22.19
N ILE B 713 24.77 12.31 -23.33
CA ILE B 713 23.66 12.37 -24.27
C ILE B 713 23.39 10.97 -24.85
N ARG B 714 24.44 10.22 -25.18
CA ARG B 714 24.27 8.88 -25.71
C ARG B 714 23.52 7.99 -24.73
N VAL B 715 23.90 8.06 -23.45
CA VAL B 715 23.23 7.28 -22.44
C VAL B 715 21.77 7.73 -22.33
N ARG B 716 21.53 9.05 -22.37
CA ARG B 716 20.18 9.57 -22.25
C ARG B 716 19.29 9.08 -23.40
N LYS B 717 19.80 9.14 -24.64
CA LYS B 717 19.00 8.95 -25.84
C LYS B 717 18.30 7.58 -25.84
N SER B 718 19.10 6.50 -25.72
CA SER B 718 18.53 5.16 -25.72
C SER B 718 17.79 4.96 -24.40
N LYS B 719 16.65 4.25 -24.41
CA LYS B 719 15.92 3.94 -23.19
C LYS B 719 16.71 2.98 -22.29
N GLY B 720 17.68 2.24 -22.85
CA GLY B 720 18.69 1.58 -22.07
C GLY B 720 19.82 1.15 -22.99
N LYS B 721 20.49 0.05 -22.64
CA LYS B 721 21.37 -0.66 -23.55
C LYS B 721 22.70 0.07 -23.76
N TYR B 722 22.90 1.29 -23.24
CA TYR B 722 24.24 1.87 -23.16
C TYR B 722 24.49 2.37 -21.74
N ALA B 723 25.60 1.94 -21.13
CA ALA B 723 26.05 2.44 -19.83
C ALA B 723 27.39 3.14 -20.02
N TYR B 724 27.55 4.33 -19.40
CA TYR B 724 28.77 5.10 -19.56
C TYR B 724 29.64 4.99 -18.31
N LEU B 725 30.96 4.75 -18.50
CA LEU B 725 31.89 4.66 -17.38
C LEU B 725 32.66 5.96 -17.21
N LEU B 726 32.59 6.57 -16.02
CA LEU B 726 33.26 7.83 -15.76
C LEU B 726 33.51 8.03 -14.27
N GLU B 727 34.19 9.13 -13.91
CA GLU B 727 34.56 9.40 -12.54
C GLU B 727 33.30 9.55 -11.67
N SER B 728 33.37 9.01 -10.46
CA SER B 728 32.21 8.89 -9.61
C SER B 728 31.66 10.25 -9.22
N THR B 729 32.54 11.22 -8.98
CA THR B 729 32.11 12.53 -8.50
C THR B 729 31.30 13.24 -9.58
N MET B 730 31.78 13.21 -10.82
CA MET B 730 31.03 13.79 -11.92
C MET B 730 29.70 13.05 -12.09
N ASN B 731 29.73 11.73 -11.90
CA ASN B 731 28.52 10.94 -12.01
C ASN B 731 27.47 11.44 -11.02
N GLU B 732 27.84 11.56 -9.75
CA GLU B 732 26.91 11.98 -8.72
C GLU B 732 26.41 13.40 -9.01
N TYR B 733 27.30 14.27 -9.48
CA TYR B 733 26.90 15.63 -9.80
C TYR B 733 25.83 15.62 -10.89
N ILE B 734 26.13 14.94 -12.00
CA ILE B 734 25.17 14.87 -13.10
C ILE B 734 23.84 14.27 -12.63
N GLU B 735 23.91 13.26 -11.76
CA GLU B 735 22.71 12.61 -11.26
C GLU B 735 21.80 13.62 -10.55
N GLN B 736 22.38 14.63 -9.88
CA GLN B 736 21.60 15.59 -9.11
C GLN B 736 21.15 16.80 -9.94
N ARG B 737 21.47 16.85 -11.24
CA ARG B 737 21.08 17.96 -12.09
C ARG B 737 19.96 17.57 -13.06
N LYS B 738 19.29 18.60 -13.62
CA LYS B 738 18.17 18.41 -14.52
C LYS B 738 18.70 17.84 -15.85
N PRO B 739 17.91 17.05 -16.61
CA PRO B 739 16.53 16.68 -16.29
C PRO B 739 16.31 15.63 -15.23
N CYS B 740 17.39 15.17 -14.56
CA CYS B 740 17.31 14.18 -13.48
C CYS B 740 16.77 12.86 -14.04
N ASP B 741 17.44 12.31 -15.06
CA ASP B 741 17.03 11.05 -15.67
C ASP B 741 18.18 10.04 -15.80
N THR B 742 19.23 10.18 -14.99
CA THR B 742 20.31 9.21 -14.95
C THR B 742 20.59 8.85 -13.51
N MET B 743 21.38 7.80 -13.33
CA MET B 743 21.80 7.40 -12.00
C MET B 743 23.11 6.63 -12.08
N LYS B 744 23.81 6.61 -10.93
CA LYS B 744 25.03 5.82 -10.83
C LYS B 744 24.64 4.51 -10.16
N VAL B 745 25.25 3.43 -10.66
CA VAL B 745 24.95 2.10 -10.17
C VAL B 745 26.22 1.43 -9.70
N GLY B 746 26.08 0.67 -8.61
CA GLY B 746 27.15 -0.15 -8.09
C GLY B 746 28.21 0.68 -7.36
N GLY B 747 29.29 -0.02 -6.99
CA GLY B 747 30.44 0.59 -6.36
C GLY B 747 31.40 1.17 -7.38
N ASN B 748 32.51 1.67 -6.87
CA ASN B 748 33.57 2.19 -7.72
C ASN B 748 34.39 0.99 -8.22
N LEU B 749 34.96 1.13 -9.42
CA LEU B 749 35.77 0.07 -9.99
C LEU B 749 37.22 0.19 -9.53
N ASP B 750 37.69 1.44 -9.34
CA ASP B 750 39.05 1.76 -8.96
C ASP B 750 38.99 2.74 -7.79
N SER B 751 40.14 3.05 -7.19
CA SER B 751 40.25 4.04 -6.12
C SER B 751 41.31 5.07 -6.48
N LYS B 752 40.99 6.35 -6.31
CA LYS B 752 41.95 7.43 -6.49
C LYS B 752 41.49 8.65 -5.70
N GLY B 753 42.30 9.72 -5.72
CA GLY B 753 42.06 10.87 -4.87
C GLY B 753 42.38 12.17 -5.59
N TYR B 754 41.79 13.26 -5.09
CA TYR B 754 42.18 14.60 -5.50
C TYR B 754 42.93 15.25 -4.35
N GLY B 755 44.04 15.90 -4.71
CA GLY B 755 44.88 16.60 -3.75
C GLY B 755 45.16 18.02 -4.22
N ILE B 756 45.69 18.81 -3.28
CA ILE B 756 46.21 20.14 -3.56
C ILE B 756 47.69 20.00 -3.91
N ALA B 757 48.10 20.59 -5.03
CA ALA B 757 49.47 20.51 -5.51
C ALA B 757 50.25 21.79 -5.19
N THR B 758 51.57 21.64 -5.06
CA THR B 758 52.50 22.71 -4.68
C THR B 758 53.75 22.52 -5.54
N PRO B 759 54.49 23.59 -5.94
CA PRO B 759 55.78 23.40 -6.59
C PRO B 759 56.76 22.64 -5.69
N LYS B 760 57.67 21.90 -6.33
CA LYS B 760 58.48 20.92 -5.62
C LYS B 760 59.28 21.56 -4.49
N GLY B 761 59.85 22.75 -4.69
CA GLY B 761 60.69 23.39 -3.68
C GLY B 761 59.95 24.33 -2.74
N SER B 762 58.61 24.27 -2.66
CA SER B 762 57.85 25.30 -1.95
C SER B 762 57.78 24.96 -0.46
N ALA B 763 57.75 26.03 0.37
CA ALA B 763 57.57 25.90 1.81
C ALA B 763 56.09 25.90 2.20
N LEU B 764 55.20 26.21 1.25
CA LEU B 764 53.75 26.22 1.49
C LEU B 764 53.17 24.80 1.51
N ARG B 765 53.95 23.80 1.05
CA ARG B 765 53.57 22.40 1.07
C ARG B 765 53.04 21.97 2.45
N GLY B 766 53.87 22.10 3.50
CA GLY B 766 53.52 21.61 4.81
C GLY B 766 52.26 22.26 5.36
N PRO B 767 52.15 23.60 5.32
CA PRO B 767 50.92 24.30 5.70
C PRO B 767 49.69 23.80 4.96
N VAL B 768 49.78 23.62 3.63
CA VAL B 768 48.63 23.19 2.87
C VAL B 768 48.21 21.78 3.30
N ASN B 769 49.19 20.90 3.47
CA ASN B 769 48.93 19.53 3.86
C ASN B 769 48.20 19.50 5.20
N LEU B 770 48.75 20.20 6.19
CA LEU B 770 48.15 20.22 7.51
C LEU B 770 46.75 20.84 7.44
N ALA B 771 46.55 21.85 6.58
CA ALA B 771 45.26 22.50 6.43
C ALA B 771 44.23 21.49 5.95
N VAL B 772 44.59 20.71 4.92
CA VAL B 772 43.68 19.73 4.36
C VAL B 772 43.31 18.70 5.43
N LEU B 773 44.30 18.18 6.15
CA LEU B 773 44.00 17.21 7.19
C LEU B 773 43.09 17.79 8.27
N LYS B 774 43.35 19.04 8.67
CA LYS B 774 42.55 19.69 9.70
C LYS B 774 41.11 19.82 9.22
N LEU B 775 40.92 20.29 7.97
CA LEU B 775 39.59 20.42 7.42
C LEU B 775 38.88 19.07 7.40
N SER B 776 39.57 18.01 6.95
CA SER B 776 38.99 16.68 6.93
C SER B 776 38.48 16.29 8.31
N GLU B 777 39.32 16.44 9.34
CA GLU B 777 39.00 15.94 10.67
C GLU B 777 37.89 16.77 11.32
N GLN B 778 37.75 18.05 10.95
CA GLN B 778 36.71 18.92 11.50
C GLN B 778 35.37 18.74 10.79
N GLY B 779 35.32 17.94 9.71
CA GLY B 779 34.08 17.71 8.99
C GLY B 779 33.72 18.84 8.02
N VAL B 780 34.67 19.73 7.74
CA VAL B 780 34.41 20.83 6.84
C VAL B 780 34.20 20.30 5.42
N LEU B 781 35.04 19.34 5.01
CA LEU B 781 35.05 18.88 3.63
C LEU B 781 33.76 18.14 3.31
N ASP B 782 33.30 17.29 4.24
CA ASP B 782 32.07 16.55 4.02
C ASP B 782 30.91 17.55 3.93
N LYS B 783 30.90 18.56 4.80
CA LYS B 783 29.85 19.57 4.79
C LYS B 783 29.82 20.32 3.46
N LEU B 784 31.00 20.68 2.94
CA LEU B 784 31.08 21.39 1.68
C LEU B 784 30.55 20.52 0.54
N LYS B 785 30.93 19.24 0.54
CA LYS B 785 30.48 18.33 -0.49
C LYS B 785 28.96 18.21 -0.43
N SER B 786 28.43 18.01 0.79
CA SER B 786 27.00 17.91 1.00
C SER B 786 26.30 19.15 0.44
N LYS B 787 26.84 20.33 0.74
CA LYS B 787 26.23 21.58 0.30
C LYS B 787 26.16 21.64 -1.22
N TRP B 788 27.26 21.34 -1.90
CA TRP B 788 27.39 21.68 -3.30
C TRP B 788 26.94 20.53 -4.22
N TRP B 789 26.68 19.34 -3.66
CA TRP B 789 26.09 18.24 -4.42
C TRP B 789 24.62 18.05 -4.06
N TYR B 790 24.31 17.95 -2.76
CA TYR B 790 22.99 17.55 -2.30
C TYR B 790 22.11 18.74 -1.94
N ASP B 791 22.60 19.66 -1.11
CA ASP B 791 21.78 20.78 -0.68
C ASP B 791 21.41 21.70 -1.84
N LYS B 792 22.29 21.84 -2.84
CA LYS B 792 21.97 22.58 -4.05
C LYS B 792 21.29 21.70 -5.09
N GLY B 793 21.06 20.40 -4.81
CA GLY B 793 20.58 19.45 -5.79
C GLY B 793 19.19 19.78 -6.31
N GLU B 794 19.03 19.77 -7.64
CA GLU B 794 17.75 20.07 -8.27
C GLU B 794 16.76 18.96 -7.96
N CYS B 795 17.17 17.69 -8.15
CA CYS B 795 16.29 16.55 -7.95
C CYS B 795 15.88 16.44 -6.48
N GLY B 796 14.78 15.73 -6.22
CA GLY B 796 14.25 15.55 -4.88
C GLY B 796 15.18 14.74 -3.98
N LYS B 803 3.68 8.43 -5.55
CA LYS B 803 3.09 7.09 -5.23
C LYS B 803 1.56 7.19 -5.11
N ASP B 804 0.94 7.76 -6.16
CA ASP B 804 -0.46 8.18 -6.13
C ASP B 804 -1.04 8.13 -7.55
N LYS B 805 -2.36 8.37 -7.65
CA LYS B 805 -3.09 8.47 -8.91
C LYS B 805 -2.84 7.20 -9.72
N THR B 806 -3.36 6.08 -9.20
CA THR B 806 -3.35 4.79 -9.90
C THR B 806 -4.32 4.89 -11.08
N SER B 807 -3.90 4.37 -12.23
CA SER B 807 -4.64 4.53 -13.49
C SER B 807 -5.51 3.32 -13.84
N ALA B 808 -6.62 3.58 -14.55
CA ALA B 808 -7.43 2.55 -15.20
C ALA B 808 -6.58 1.64 -16.06
N LEU B 809 -6.87 0.34 -15.99
CA LEU B 809 -6.17 -0.60 -16.86
C LEU B 809 -6.58 -0.29 -18.28
N SER B 810 -5.57 -0.31 -19.15
CA SER B 810 -5.73 0.06 -20.54
C SER B 810 -5.85 -1.20 -21.37
N LEU B 811 -6.35 -1.06 -22.59
CA LEU B 811 -6.50 -2.22 -23.43
C LEU B 811 -5.19 -2.97 -23.61
N SER B 812 -4.07 -2.27 -23.45
CA SER B 812 -2.76 -2.83 -23.74
C SER B 812 -2.34 -3.90 -22.73
N ASN B 813 -2.72 -3.75 -21.46
CA ASN B 813 -2.34 -4.75 -20.49
C ASN B 813 -3.43 -5.79 -20.26
N VAL B 814 -4.40 -5.92 -21.17
CA VAL B 814 -5.18 -7.14 -21.28
C VAL B 814 -5.30 -7.57 -22.73
N ALA B 815 -4.46 -7.06 -23.64
CA ALA B 815 -4.67 -7.36 -25.06
C ALA B 815 -4.44 -8.85 -25.36
N GLY B 816 -3.49 -9.47 -24.68
CA GLY B 816 -3.27 -10.90 -24.83
C GLY B 816 -4.50 -11.76 -24.60
N VAL B 817 -5.32 -11.41 -23.60
CA VAL B 817 -6.49 -12.26 -23.39
C VAL B 817 -7.43 -12.12 -24.56
N PHE B 818 -7.58 -10.90 -25.11
CA PHE B 818 -8.39 -10.75 -26.31
C PHE B 818 -7.81 -11.54 -27.49
N TYR B 819 -6.50 -11.57 -27.69
CA TYR B 819 -5.93 -12.35 -28.77
C TYR B 819 -6.20 -13.82 -28.56
N ILE B 820 -5.99 -14.33 -27.34
CA ILE B 820 -6.27 -15.73 -27.11
C ILE B 820 -7.76 -16.03 -27.36
N LEU B 821 -8.64 -15.10 -26.99
CA LEU B 821 -10.07 -15.29 -27.17
C LEU B 821 -10.38 -15.46 -28.63
N ILE B 822 -10.00 -14.49 -29.42
CA ILE B 822 -10.33 -14.52 -30.84
C ILE B 822 -9.61 -15.69 -31.54
N GLY B 823 -8.40 -16.01 -31.12
CA GLY B 823 -7.76 -17.23 -31.57
C GLY B 823 -8.60 -18.48 -31.34
N GLY B 824 -9.14 -18.60 -30.13
CA GLY B 824 -9.97 -19.75 -29.81
C GLY B 824 -11.25 -19.79 -30.64
N LEU B 825 -11.84 -18.65 -30.96
CA LEU B 825 -13.04 -18.63 -31.77
C LEU B 825 -12.74 -19.11 -33.18
N GLY B 826 -11.62 -18.62 -33.73
CA GLY B 826 -11.15 -19.11 -35.02
C GLY B 826 -10.89 -20.62 -35.00
N LEU B 827 -10.18 -21.09 -33.97
CA LEU B 827 -9.91 -22.51 -33.85
C LEU B 827 -11.20 -23.30 -33.77
N ALA B 828 -12.21 -22.77 -33.04
CA ALA B 828 -13.44 -23.50 -32.83
C ALA B 828 -14.13 -23.68 -34.17
N MET B 829 -14.15 -22.61 -34.96
CA MET B 829 -14.80 -22.67 -36.24
C MET B 829 -14.08 -23.71 -37.12
N LEU B 830 -12.76 -23.71 -37.09
CA LEU B 830 -12.02 -24.68 -37.87
C LEU B 830 -12.35 -26.12 -37.46
N VAL B 831 -12.34 -26.39 -36.18
CA VAL B 831 -12.66 -27.73 -35.70
C VAL B 831 -14.08 -28.11 -36.11
N ALA B 832 -15.01 -27.15 -36.08
CA ALA B 832 -16.38 -27.45 -36.46
C ALA B 832 -16.42 -27.89 -37.92
N LEU B 833 -15.68 -27.18 -38.79
CA LEU B 833 -15.66 -27.53 -40.20
C LEU B 833 -15.07 -28.93 -40.37
N ILE B 834 -13.96 -29.20 -39.72
CA ILE B 834 -13.32 -30.50 -39.85
C ILE B 834 -14.29 -31.60 -39.41
N GLU B 835 -14.89 -31.46 -38.22
CA GLU B 835 -15.77 -32.50 -37.71
C GLU B 835 -16.96 -32.68 -38.65
N PHE B 836 -17.44 -31.58 -39.21
CA PHE B 836 -18.59 -31.66 -40.12
C PHE B 836 -18.22 -32.45 -41.35
N CYS B 837 -17.08 -32.13 -41.97
CA CYS B 837 -16.64 -32.85 -43.16
C CYS B 837 -16.39 -34.34 -42.85
N TYR B 838 -15.78 -34.64 -41.70
CA TYR B 838 -15.55 -36.00 -41.26
C TYR B 838 -16.87 -36.76 -41.14
N LYS B 839 -17.88 -36.17 -40.48
CA LYS B 839 -19.18 -36.81 -40.32
C LYS B 839 -19.94 -36.87 -41.65
N SER B 840 -19.61 -36.00 -42.62
CA SER B 840 -20.24 -36.04 -43.93
C SER B 840 -19.76 -37.28 -44.70
N ARG B 841 -18.44 -37.52 -44.65
CA ARG B 841 -17.83 -38.68 -45.30
C ARG B 841 -17.28 -39.65 -44.24
N ASN C 414 74.23 -2.52 2.02
CA ASN C 414 73.27 -3.65 2.14
C ASN C 414 72.79 -3.81 3.60
N ARG C 415 72.40 -2.69 4.23
CA ARG C 415 71.87 -2.69 5.59
C ARG C 415 70.41 -3.13 5.56
N THR C 416 69.92 -3.64 6.71
CA THR C 416 68.55 -4.08 6.88
C THR C 416 67.77 -2.97 7.60
N TYR C 417 66.59 -2.62 7.07
CA TYR C 417 65.73 -1.63 7.66
C TYR C 417 64.66 -2.36 8.47
N ILE C 418 64.56 -2.03 9.76
CA ILE C 418 63.60 -2.68 10.64
C ILE C 418 62.21 -2.07 10.38
N VAL C 419 61.24 -2.92 10.06
CA VAL C 419 59.90 -2.47 9.67
C VAL C 419 58.95 -2.91 10.78
N THR C 420 58.23 -1.94 11.35
CA THR C 420 57.28 -2.23 12.41
C THR C 420 55.90 -2.48 11.80
N THR C 421 55.04 -3.14 12.56
CA THR C 421 53.69 -3.50 12.14
C THR C 421 52.89 -3.87 13.38
N ILE C 422 51.58 -4.11 13.20
CA ILE C 422 50.70 -4.58 14.27
C ILE C 422 50.00 -5.85 13.80
N LEU C 423 49.46 -6.63 14.74
CA LEU C 423 48.70 -7.84 14.45
C LEU C 423 47.24 -7.50 14.17
N GLU C 424 46.83 -7.64 12.91
CA GLU C 424 45.47 -7.37 12.50
C GLU C 424 45.16 -8.19 11.25
N ASP C 425 44.15 -9.04 11.31
CA ASP C 425 43.76 -9.82 10.16
C ASP C 425 43.01 -8.93 9.19
N PRO C 426 43.23 -9.01 7.86
CA PRO C 426 44.23 -9.86 7.22
C PRO C 426 45.56 -9.18 6.93
N TYR C 427 45.88 -8.11 7.67
CA TYR C 427 47.07 -7.32 7.39
C TYR C 427 48.32 -8.11 7.77
N VAL C 428 48.34 -8.69 8.99
CA VAL C 428 49.44 -9.53 9.44
C VAL C 428 48.91 -10.70 10.26
N MET C 429 49.35 -11.93 9.92
CA MET C 429 49.04 -13.15 10.65
C MET C 429 50.29 -14.03 10.71
N LEU C 430 50.44 -14.77 11.82
CA LEU C 430 51.38 -15.89 11.91
C LEU C 430 50.83 -17.06 11.10
N LYS C 431 51.67 -17.61 10.21
CA LYS C 431 51.32 -18.74 9.37
C LYS C 431 50.81 -19.94 10.19
N LYS C 432 50.06 -20.83 9.54
CA LYS C 432 49.55 -22.04 10.17
C LYS C 432 50.70 -22.88 10.74
N ASN C 433 51.78 -23.01 9.98
CA ASN C 433 53.03 -23.62 10.43
C ASN C 433 53.95 -22.52 10.95
N ALA C 434 53.57 -21.92 12.09
CA ALA C 434 54.26 -20.77 12.65
C ALA C 434 55.66 -21.12 13.15
N ASN C 435 55.74 -22.19 13.96
CA ASN C 435 56.98 -22.63 14.58
C ASN C 435 58.02 -23.06 13.53
N GLN C 436 57.55 -23.54 12.37
CA GLN C 436 58.41 -24.08 11.33
C GLN C 436 59.12 -22.96 10.56
N PHE C 437 58.70 -21.70 10.69
CA PHE C 437 59.31 -20.59 9.98
C PHE C 437 60.06 -19.66 10.93
N GLU C 438 61.10 -19.02 10.39
CA GLU C 438 61.86 -18.00 11.10
C GLU C 438 62.27 -16.91 10.11
N GLY C 439 62.34 -15.66 10.61
CA GLY C 439 62.71 -14.49 9.83
C GLY C 439 61.48 -13.66 9.43
N ASN C 440 61.69 -12.77 8.47
CA ASN C 440 60.63 -11.90 7.96
C ASN C 440 59.54 -12.69 7.25
N ASP C 441 59.88 -13.84 6.67
CA ASP C 441 58.96 -14.64 5.89
C ASP C 441 58.10 -15.55 6.78
N ARG C 442 58.16 -15.42 8.11
CA ARG C 442 57.32 -16.24 8.98
C ARG C 442 55.86 -15.76 8.99
N TYR C 443 55.62 -14.51 8.60
CA TYR C 443 54.30 -13.92 8.63
C TYR C 443 53.65 -13.86 7.25
N GLU C 444 52.33 -13.69 7.23
CA GLU C 444 51.58 -13.49 5.99
C GLU C 444 50.45 -12.50 6.25
N GLY C 445 50.03 -11.83 5.19
CA GLY C 445 48.89 -10.93 5.24
C GLY C 445 48.95 -9.90 4.12
N TYR C 446 48.00 -8.98 4.12
CA TYR C 446 47.93 -7.89 3.15
C TYR C 446 49.18 -7.02 3.25
N CYS C 447 49.44 -6.54 4.48
CA CYS C 447 50.56 -5.64 4.71
C CYS C 447 51.91 -6.32 4.49
N VAL C 448 51.96 -7.64 4.69
CA VAL C 448 53.19 -8.39 4.52
C VAL C 448 53.61 -8.32 3.05
N GLU C 449 52.68 -8.66 2.15
CA GLU C 449 52.98 -8.60 0.72
C GLU C 449 53.18 -7.17 0.27
N LEU C 450 52.49 -6.21 0.91
CA LEU C 450 52.68 -4.83 0.55
C LEU C 450 54.12 -4.40 0.85
N ALA C 451 54.62 -4.79 2.04
CA ALA C 451 55.99 -4.49 2.43
C ALA C 451 56.98 -5.16 1.49
N ALA C 452 56.69 -6.41 1.11
CA ALA C 452 57.53 -7.11 0.15
C ALA C 452 57.64 -6.32 -1.15
N GLU C 453 56.50 -5.89 -1.69
CA GLU C 453 56.50 -5.18 -2.97
C GLU C 453 57.21 -3.84 -2.85
N ILE C 454 56.97 -3.14 -1.73
CA ILE C 454 57.56 -1.83 -1.54
C ILE C 454 59.09 -1.97 -1.46
N ALA C 455 59.58 -3.00 -0.74
CA ALA C 455 61.00 -3.29 -0.66
C ALA C 455 61.56 -3.58 -2.05
N LYS C 456 60.87 -4.42 -2.82
CA LYS C 456 61.32 -4.74 -4.17
C LYS C 456 61.49 -3.47 -5.01
N HIS C 457 60.55 -2.52 -4.89
CA HIS C 457 60.58 -1.31 -5.70
C HIS C 457 61.68 -0.36 -5.22
N VAL C 458 61.79 -0.16 -3.90
CA VAL C 458 62.80 0.71 -3.33
C VAL C 458 64.19 0.09 -3.48
N GLY C 459 64.30 -1.21 -3.20
CA GLY C 459 65.57 -1.93 -3.25
C GLY C 459 66.27 -1.89 -1.89
N TYR C 460 65.62 -2.46 -0.88
CA TYR C 460 66.24 -2.69 0.43
C TYR C 460 65.74 -3.98 1.04
N SER C 461 66.36 -4.37 2.17
CA SER C 461 66.00 -5.55 2.94
C SER C 461 65.53 -5.12 4.32
N TYR C 462 64.76 -5.98 5.00
CA TYR C 462 64.03 -5.59 6.20
C TYR C 462 63.80 -6.77 7.12
N ARG C 463 63.26 -6.51 8.32
CA ARG C 463 62.79 -7.55 9.21
C ARG C 463 61.50 -7.05 9.87
N LEU C 464 60.51 -7.93 10.07
CA LEU C 464 59.23 -7.53 10.65
C LEU C 464 59.32 -7.55 12.17
N GLU C 465 58.78 -6.51 12.83
CA GLU C 465 58.63 -6.45 14.27
C GLU C 465 57.18 -6.10 14.59
N ILE C 466 56.74 -6.49 15.80
CA ILE C 466 55.44 -6.09 16.33
C ILE C 466 55.68 -5.13 17.49
N VAL C 467 54.92 -4.04 17.50
CA VAL C 467 54.99 -3.07 18.60
C VAL C 467 54.62 -3.80 19.89
N SER C 468 55.48 -3.69 20.91
CA SER C 468 55.39 -4.48 22.13
C SER C 468 54.00 -4.43 22.75
N ASP C 469 53.47 -3.21 22.93
CA ASP C 469 52.14 -3.03 23.50
C ASP C 469 51.04 -3.51 22.56
N GLY C 470 51.30 -3.58 21.25
CA GLY C 470 50.34 -4.11 20.29
C GLY C 470 49.09 -3.25 20.15
N LYS C 471 49.30 -1.94 20.01
CA LYS C 471 48.27 -0.96 19.71
C LYS C 471 48.79 -0.05 18.60
N TYR C 472 48.00 0.97 18.25
CA TYR C 472 48.34 1.88 17.17
C TYR C 472 48.97 3.13 17.76
N GLY C 473 49.48 3.95 16.86
CA GLY C 473 50.02 5.24 17.24
C GLY C 473 49.02 6.17 17.93
N ALA C 474 48.92 6.05 19.27
CA ALA C 474 48.10 6.93 20.09
C ALA C 474 48.93 7.54 21.21
N ARG C 475 48.67 8.83 21.51
CA ARG C 475 49.47 9.59 22.46
C ARG C 475 48.84 9.55 23.85
N ASP C 476 49.67 9.53 24.91
CA ASP C 476 49.19 9.51 26.29
C ASP C 476 49.24 10.93 26.84
N PRO C 477 48.14 11.48 27.41
CA PRO C 477 48.15 12.87 27.90
C PRO C 477 49.14 13.13 29.04
N ASP C 478 49.23 12.19 29.99
CA ASP C 478 50.08 12.37 31.18
C ASP C 478 51.55 12.49 30.75
N THR C 479 52.03 11.51 29.97
CA THR C 479 53.42 11.46 29.57
C THR C 479 53.68 12.42 28.39
N LYS C 480 52.63 12.77 27.63
CA LYS C 480 52.74 13.53 26.39
C LYS C 480 53.67 12.84 25.40
N ALA C 481 53.64 11.50 25.39
CA ALA C 481 54.48 10.65 24.56
C ALA C 481 53.59 9.66 23.83
N TRP C 482 54.10 9.12 22.71
CA TRP C 482 53.38 8.17 21.87
C TRP C 482 53.69 6.75 22.32
N ASN C 483 52.67 5.90 22.40
CA ASN C 483 52.80 4.53 22.85
C ASN C 483 52.18 3.67 21.75
N GLY C 484 52.97 3.37 20.72
CA GLY C 484 52.49 2.68 19.54
C GLY C 484 53.48 2.75 18.39
N MET C 485 53.00 2.46 17.19
CA MET C 485 53.81 2.48 15.98
C MET C 485 54.34 3.88 15.69
N VAL C 486 53.49 4.90 15.91
CA VAL C 486 53.93 6.26 15.66
C VAL C 486 55.05 6.62 16.64
N GLY C 487 54.95 6.19 17.90
CA GLY C 487 56.03 6.35 18.86
C GLY C 487 57.31 5.65 18.41
N GLU C 488 57.16 4.38 18.00
CA GLU C 488 58.29 3.58 17.54
C GLU C 488 58.95 4.20 16.32
N LEU C 489 58.24 5.03 15.55
CA LEU C 489 58.85 5.74 14.43
C LEU C 489 59.44 7.08 14.84
N VAL C 490 58.81 7.79 15.78
CA VAL C 490 59.28 9.12 16.18
C VAL C 490 60.58 8.99 16.96
N TYR C 491 60.71 7.94 17.79
CA TYR C 491 61.87 7.75 18.63
C TYR C 491 62.89 6.81 18.00
N GLY C 492 62.96 6.77 16.67
CA GLY C 492 64.05 6.13 15.96
C GLY C 492 64.13 4.61 16.09
N ARG C 493 63.21 3.98 16.84
CA ARG C 493 63.27 2.56 17.09
C ARG C 493 63.04 1.78 15.79
N ALA C 494 62.22 2.32 14.87
CA ALA C 494 62.01 1.74 13.55
C ALA C 494 62.07 2.83 12.48
N ASP C 495 62.32 2.42 11.23
CA ASP C 495 62.48 3.37 10.12
C ASP C 495 61.40 3.24 9.05
N VAL C 496 60.45 2.30 9.18
CA VAL C 496 59.28 2.25 8.31
C VAL C 496 58.15 1.53 9.02
N ALA C 497 56.92 1.99 8.79
CA ALA C 497 55.73 1.41 9.39
C ALA C 497 54.78 1.04 8.26
N VAL C 498 54.44 -0.24 8.14
CA VAL C 498 53.52 -0.75 7.14
C VAL C 498 52.38 -1.41 7.89
N ALA C 499 51.34 -0.64 8.20
CA ALA C 499 50.18 -1.16 8.89
C ALA C 499 48.93 -0.45 8.40
N PRO C 500 47.72 -0.88 8.78
CA PRO C 500 46.52 -0.03 8.64
C PRO C 500 46.55 1.17 9.59
N LEU C 501 47.34 2.19 9.19
CA LEU C 501 47.51 3.37 10.03
C LEU C 501 46.75 4.54 9.41
N THR C 502 45.75 5.04 10.15
CA THR C 502 44.91 6.10 9.62
C THR C 502 45.74 7.38 9.53
N ILE C 503 45.71 8.00 8.35
CA ILE C 503 46.20 9.35 8.18
C ILE C 503 45.32 10.31 8.97
N THR C 504 45.96 11.11 9.83
CA THR C 504 45.26 12.07 10.68
C THR C 504 46.08 13.34 10.79
N LEU C 505 45.49 14.39 11.37
CA LEU C 505 46.20 15.61 11.69
C LEU C 505 47.06 15.44 12.94
N VAL C 506 46.58 14.70 13.94
CA VAL C 506 47.35 14.46 15.15
C VAL C 506 48.68 13.76 14.85
N ARG C 507 48.66 12.75 13.99
CA ARG C 507 49.88 12.05 13.62
C ARG C 507 50.66 12.86 12.60
N GLU C 508 50.02 13.72 11.82
CA GLU C 508 50.63 14.34 10.67
C GLU C 508 51.84 15.19 11.04
N GLU C 509 51.77 15.92 12.17
CA GLU C 509 52.89 16.79 12.52
C GLU C 509 54.11 15.97 12.95
N VAL C 510 53.87 14.84 13.62
CA VAL C 510 54.95 14.07 14.24
C VAL C 510 55.62 13.12 13.24
N ILE C 511 54.86 12.58 12.27
CA ILE C 511 55.38 11.64 11.27
C ILE C 511 54.86 12.06 9.91
N ASP C 512 55.60 11.71 8.84
CA ASP C 512 55.15 11.99 7.49
C ASP C 512 54.62 10.69 6.87
N PHE C 513 53.44 10.77 6.25
CA PHE C 513 52.75 9.64 5.64
C PHE C 513 52.97 9.62 4.13
N SER C 514 52.79 8.45 3.51
CA SER C 514 52.70 8.35 2.06
C SER C 514 51.27 8.60 1.62
N LYS C 515 51.06 8.73 0.30
CA LYS C 515 49.72 8.83 -0.21
C LYS C 515 48.94 7.60 0.20
N PRO C 516 47.63 7.69 0.47
CA PRO C 516 46.91 6.56 1.03
C PRO C 516 46.94 5.39 0.04
N PHE C 517 47.32 4.22 0.56
CA PHE C 517 47.29 3.00 -0.23
C PHE C 517 45.92 2.30 -0.12
N MET C 518 45.02 2.79 0.73
CA MET C 518 43.71 2.18 0.84
C MET C 518 42.73 3.20 1.42
N SER C 519 41.69 3.52 0.65
CA SER C 519 40.68 4.48 1.06
C SER C 519 39.54 3.76 1.76
N LEU C 520 38.98 4.41 2.77
CA LEU C 520 37.92 3.78 3.54
C LEU C 520 37.08 4.87 4.20
N GLY C 521 36.12 4.43 5.02
CA GLY C 521 35.29 5.35 5.79
C GLY C 521 34.57 4.57 6.88
N ILE C 522 33.68 5.27 7.60
CA ILE C 522 32.78 4.60 8.51
C ILE C 522 31.61 4.03 7.71
N SER C 523 31.13 2.87 8.16
CA SER C 523 30.06 2.18 7.45
C SER C 523 29.19 1.44 8.46
N ILE C 524 28.02 1.00 7.96
CA ILE C 524 27.01 0.35 8.78
C ILE C 524 27.05 -1.15 8.50
N MET C 525 27.15 -1.93 9.57
CA MET C 525 27.09 -3.38 9.51
C MET C 525 25.79 -3.82 10.18
N ILE C 526 25.07 -4.74 9.51
CA ILE C 526 23.81 -5.24 10.03
C ILE C 526 23.80 -6.76 9.91
N LYS C 527 22.98 -7.39 10.75
CA LYS C 527 22.69 -8.80 10.60
C LYS C 527 22.04 -9.01 9.23
N LYS C 528 22.68 -9.82 8.39
CA LYS C 528 22.21 -10.05 7.03
C LYS C 528 20.69 -10.30 7.08
N PRO C 529 19.87 -9.66 6.23
CA PRO C 529 18.43 -9.91 6.25
C PRO C 529 18.25 -11.40 5.97
N GLN C 530 17.57 -12.11 6.88
CA GLN C 530 17.51 -13.58 6.78
C GLN C 530 16.79 -13.97 5.49
N LYS C 531 17.26 -15.07 4.87
CA LYS C 531 16.60 -15.64 3.70
C LYS C 531 15.17 -16.02 4.06
N SER C 532 14.23 -15.82 3.13
CA SER C 532 12.80 -16.04 3.36
C SER C 532 12.35 -17.35 2.72
N LYS C 533 12.15 -18.40 3.55
CA LYS C 533 11.62 -19.68 3.09
C LYS C 533 10.12 -19.68 3.39
N PRO C 534 9.23 -19.48 2.38
CA PRO C 534 7.80 -19.27 2.62
C PRO C 534 7.13 -20.12 3.68
N GLY C 535 7.11 -21.44 3.49
CA GLY C 535 6.45 -22.32 4.44
C GLY C 535 5.35 -23.14 3.76
N VAL C 536 5.39 -24.47 3.80
CA VAL C 536 4.55 -25.31 2.95
C VAL C 536 3.07 -24.95 3.06
N PHE C 537 2.56 -24.69 4.26
CA PHE C 537 1.16 -24.39 4.41
C PHE C 537 0.94 -22.89 4.68
N SER C 538 1.82 -22.06 4.17
CA SER C 538 1.71 -20.63 4.25
C SER C 538 0.49 -20.06 3.53
N PHE C 539 -0.15 -20.83 2.64
CA PHE C 539 -1.37 -20.34 2.03
C PHE C 539 -2.48 -20.18 3.06
N LEU C 540 -2.37 -20.79 4.23
CA LEU C 540 -3.34 -20.59 5.27
C LEU C 540 -3.12 -19.28 6.04
N ASP C 541 -2.02 -18.58 5.82
CA ASP C 541 -1.67 -17.47 6.69
C ASP C 541 -2.66 -16.32 6.75
N PRO C 542 -3.37 -15.94 5.69
CA PRO C 542 -4.33 -14.85 5.81
C PRO C 542 -5.35 -14.95 6.94
N LEU C 543 -5.74 -16.17 7.33
CA LEU C 543 -6.70 -16.32 8.42
C LEU C 543 -6.00 -17.09 9.54
N ALA C 544 -6.31 -16.72 10.77
CA ALA C 544 -5.83 -17.41 11.96
C ALA C 544 -6.26 -18.88 12.00
N TYR C 545 -5.51 -19.65 12.76
CA TYR C 545 -5.76 -21.06 12.95
C TYR C 545 -7.16 -21.26 13.51
N GLU C 546 -7.59 -20.37 14.41
CA GLU C 546 -8.90 -20.58 14.99
C GLU C 546 -9.99 -20.39 13.95
N ILE C 547 -9.81 -19.46 12.99
CA ILE C 547 -10.82 -19.31 11.95
C ILE C 547 -10.94 -20.61 11.14
N TRP C 548 -9.82 -21.17 10.71
CA TRP C 548 -9.87 -22.42 9.96
C TRP C 548 -10.56 -23.53 10.75
N MET C 549 -10.27 -23.65 12.04
CA MET C 549 -10.88 -24.74 12.79
C MET C 549 -12.38 -24.49 12.95
N CYS C 550 -12.76 -23.24 13.19
CA CYS C 550 -14.18 -22.96 13.28
C CYS C 550 -14.89 -23.09 11.92
N ILE C 551 -14.20 -22.85 10.82
CA ILE C 551 -14.82 -23.11 9.54
C ILE C 551 -15.17 -24.59 9.44
N VAL C 552 -14.26 -25.45 9.87
CA VAL C 552 -14.52 -26.88 9.79
C VAL C 552 -15.70 -27.28 10.66
N PHE C 553 -15.75 -26.74 11.87
CA PHE C 553 -16.88 -27.05 12.72
C PHE C 553 -18.18 -26.54 12.15
N ALA C 554 -18.19 -25.31 11.67
CA ALA C 554 -19.38 -24.77 11.08
C ALA C 554 -19.83 -25.62 9.90
N TYR C 555 -18.88 -26.10 9.13
CA TYR C 555 -19.21 -26.95 8.00
C TYR C 555 -19.98 -28.20 8.45
N ILE C 556 -19.46 -28.87 9.46
CA ILE C 556 -20.15 -30.04 9.96
C ILE C 556 -21.53 -29.66 10.51
N GLY C 557 -21.61 -28.63 11.32
CA GLY C 557 -22.89 -28.26 11.88
C GLY C 557 -23.93 -27.93 10.80
N VAL C 558 -23.55 -27.19 9.78
CA VAL C 558 -24.46 -26.85 8.71
C VAL C 558 -24.92 -28.13 8.01
N SER C 559 -23.99 -29.02 7.71
CA SER C 559 -24.37 -30.23 6.98
C SER C 559 -25.34 -31.07 7.80
N VAL C 560 -25.09 -31.19 9.08
CA VAL C 560 -25.98 -31.96 9.92
C VAL C 560 -27.35 -31.29 10.05
N VAL C 561 -27.42 -29.99 10.26
CA VAL C 561 -28.74 -29.38 10.36
C VAL C 561 -29.47 -29.46 9.01
N LEU C 562 -28.78 -29.34 7.89
CA LEU C 562 -29.46 -29.43 6.60
C LEU C 562 -30.07 -30.81 6.43
N PHE C 563 -29.32 -31.84 6.80
CA PHE C 563 -29.81 -33.20 6.79
C PHE C 563 -31.01 -33.37 7.69
N LEU C 564 -30.93 -32.86 8.92
CA LEU C 564 -32.02 -33.02 9.87
C LEU C 564 -33.30 -32.33 9.42
N VAL C 565 -33.24 -31.06 9.03
CA VAL C 565 -34.45 -30.38 8.65
C VAL C 565 -34.97 -30.87 7.30
N SER C 566 -34.16 -31.59 6.53
CA SER C 566 -34.63 -32.09 5.25
C SER C 566 -35.33 -33.44 5.41
N ARG C 567 -35.00 -34.21 6.45
CA ARG C 567 -35.47 -35.57 6.57
C ARG C 567 -36.68 -35.62 7.49
N PHE C 568 -36.52 -35.35 8.78
CA PHE C 568 -37.53 -35.81 9.73
C PHE C 568 -38.93 -35.28 9.40
N SER C 569 -39.04 -34.17 8.65
CA SER C 569 -40.26 -33.82 7.94
C SER C 569 -40.83 -35.05 7.22
N PRO C 570 -41.85 -35.78 7.76
CA PRO C 570 -42.31 -37.02 7.13
C PRO C 570 -43.15 -36.85 5.86
N TYR C 571 -43.48 -35.61 5.49
CA TYR C 571 -44.17 -35.30 4.23
C TYR C 571 -43.38 -35.78 3.02
N GLU C 572 -42.05 -35.56 3.04
CA GLU C 572 -41.16 -35.97 1.96
C GLU C 572 -40.53 -37.33 2.27
N TRP C 573 -40.06 -37.53 3.52
CA TRP C 573 -39.37 -38.74 3.93
C TRP C 573 -39.76 -39.12 5.37
N GLU C 592 -33.74 -36.08 -1.24
CA GLU C 592 -32.38 -36.15 -1.84
C GLU C 592 -31.28 -35.56 -0.96
N PHE C 593 -31.60 -34.93 0.16
CA PHE C 593 -30.62 -34.40 1.08
C PHE C 593 -30.40 -35.35 2.22
N GLY C 594 -29.90 -36.55 1.93
CA GLY C 594 -29.31 -37.37 2.98
C GLY C 594 -28.04 -36.74 3.55
N ILE C 595 -27.38 -37.42 4.47
CA ILE C 595 -26.23 -36.84 5.11
C ILE C 595 -25.09 -36.65 4.10
N PHE C 596 -24.79 -37.63 3.26
CA PHE C 596 -23.66 -37.52 2.35
C PHE C 596 -23.92 -36.41 1.33
N ASN C 597 -25.14 -36.33 0.82
CA ASN C 597 -25.46 -35.26 -0.09
C ASN C 597 -25.47 -33.91 0.60
N SER C 598 -25.88 -33.87 1.87
CA SER C 598 -25.81 -32.62 2.61
C SER C 598 -24.36 -32.15 2.73
N LEU C 599 -23.48 -33.04 3.12
CA LEU C 599 -22.07 -32.70 3.15
C LEU C 599 -21.58 -32.22 1.78
N TRP C 600 -22.00 -32.83 0.71
CA TRP C 600 -21.49 -32.41 -0.60
C TRP C 600 -22.05 -31.03 -0.98
N PHE C 601 -23.30 -30.76 -0.62
CA PHE C 601 -23.90 -29.48 -0.95
C PHE C 601 -23.16 -28.38 -0.20
N SER C 602 -22.91 -28.64 1.07
CA SER C 602 -22.23 -27.65 1.90
C SER C 602 -20.82 -27.40 1.41
N LEU C 603 -20.13 -28.44 0.98
CA LEU C 603 -18.76 -28.26 0.57
C LEU C 603 -18.75 -27.43 -0.70
N GLY C 604 -19.62 -27.79 -1.60
CA GLY C 604 -19.62 -27.04 -2.84
C GLY C 604 -20.06 -25.60 -2.65
N ALA C 605 -20.89 -25.33 -1.65
CA ALA C 605 -21.34 -23.96 -1.41
C ALA C 605 -20.15 -23.16 -0.88
N PHE C 606 -19.38 -23.74 0.03
CA PHE C 606 -18.25 -23.02 0.56
C PHE C 606 -17.22 -22.71 -0.49
N MET C 607 -16.99 -23.61 -1.46
CA MET C 607 -15.98 -23.40 -2.49
C MET C 607 -16.57 -22.61 -3.64
N GLN C 608 -17.86 -22.26 -3.56
CA GLN C 608 -18.51 -21.45 -4.58
C GLN C 608 -18.45 -22.15 -5.92
N GLN C 609 -18.74 -23.45 -5.87
CA GLN C 609 -18.82 -24.30 -7.02
C GLN C 609 -20.26 -24.69 -7.31
N GLY C 610 -21.20 -24.29 -6.46
N GLY C 610 -21.17 -24.55 -6.35
CA GLY C 610 -22.61 -24.48 -6.77
CA GLY C 610 -22.52 -25.05 -6.51
C GLY C 610 -23.02 -25.93 -6.49
C GLY C 610 -22.56 -26.55 -6.84
N CYS C 611 -24.02 -26.44 -7.19
N CYS C 611 -23.74 -27.10 -7.05
CA CYS C 611 -24.66 -27.65 -6.69
CA CYS C 611 -23.79 -28.51 -7.40
C CYS C 611 -25.45 -28.38 -7.77
C CYS C 611 -25.16 -28.87 -7.96
N ASP C 612 -25.54 -29.70 -7.57
N ASP C 612 -25.55 -30.11 -7.70
CA ASP C 612 -26.43 -30.56 -8.32
CA ASP C 612 -26.62 -30.75 -8.42
C ASP C 612 -27.86 -30.38 -7.80
C ASP C 612 -27.96 -30.38 -7.81
N ILE C 613 -28.01 -30.10 -6.51
CA ILE C 613 -29.28 -30.07 -5.84
C ILE C 613 -29.32 -28.87 -4.94
N SER C 614 -30.48 -28.22 -4.87
CA SER C 614 -30.67 -27.15 -3.92
C SER C 614 -31.80 -27.50 -2.98
N PRO C 615 -31.78 -27.05 -1.74
CA PRO C 615 -32.95 -27.20 -0.87
C PRO C 615 -34.23 -26.60 -1.44
N ARG C 616 -35.38 -27.25 -1.18
CA ARG C 616 -36.66 -26.76 -1.67
C ARG C 616 -37.55 -26.25 -0.55
N SER C 617 -37.34 -26.74 0.68
CA SER C 617 -38.15 -26.28 1.78
C SER C 617 -37.75 -24.90 2.27
N LEU C 618 -38.55 -24.33 3.14
CA LEU C 618 -38.19 -23.10 3.81
C LEU C 618 -37.02 -23.33 4.77
N SER C 619 -37.02 -24.41 5.54
CA SER C 619 -35.95 -24.65 6.49
C SER C 619 -34.60 -24.91 5.79
N GLY C 620 -34.62 -25.71 4.78
CA GLY C 620 -33.42 -25.95 4.01
C GLY C 620 -32.93 -24.68 3.35
N ARG C 621 -33.83 -23.84 2.88
CA ARG C 621 -33.40 -22.59 2.27
C ARG C 621 -32.85 -21.61 3.29
N ILE C 622 -33.37 -21.58 4.50
CA ILE C 622 -32.77 -20.74 5.51
C ILE C 622 -31.34 -21.20 5.76
N VAL C 623 -31.16 -22.51 5.96
CA VAL C 623 -29.83 -23.03 6.23
C VAL C 623 -28.90 -22.67 5.07
N GLY C 624 -29.34 -22.95 3.87
CA GLY C 624 -28.55 -22.68 2.69
C GLY C 624 -28.18 -21.20 2.59
N GLY C 625 -29.13 -20.32 2.89
CA GLY C 625 -28.91 -18.91 2.73
C GLY C 625 -27.88 -18.40 3.72
N VAL C 626 -27.96 -18.79 4.98
CA VAL C 626 -26.95 -18.33 5.92
C VAL C 626 -25.59 -18.95 5.59
N TRP C 627 -25.53 -20.18 5.13
CA TRP C 627 -24.24 -20.72 4.75
C TRP C 627 -23.66 -20.03 3.50
N TRP C 628 -24.51 -19.63 2.56
CA TRP C 628 -24.08 -18.79 1.45
C TRP C 628 -23.50 -17.46 1.90
N PHE C 629 -24.15 -16.82 2.86
CA PHE C 629 -23.67 -15.53 3.32
C PHE C 629 -22.32 -15.69 4.01
N PHE C 630 -22.21 -16.70 4.86
CA PHE C 630 -20.99 -16.93 5.60
C PHE C 630 -19.86 -17.17 4.62
N THR C 631 -20.13 -17.97 3.62
CA THR C 631 -19.11 -18.28 2.62
C THR C 631 -18.65 -17.02 1.93
N LEU C 632 -19.57 -16.14 1.54
CA LEU C 632 -19.20 -14.95 0.79
C LEU C 632 -18.29 -14.02 1.62
N ILE C 633 -18.64 -13.81 2.86
CA ILE C 633 -17.81 -13.01 3.75
C ILE C 633 -16.44 -13.66 3.98
N ILE C 634 -16.41 -14.94 4.29
CA ILE C 634 -15.14 -15.58 4.60
C ILE C 634 -14.20 -15.63 3.39
N ILE C 635 -14.70 -15.86 2.23
CA ILE C 635 -13.81 -15.95 1.08
C ILE C 635 -13.29 -14.58 0.74
N SER C 636 -14.16 -13.58 0.79
CA SER C 636 -13.71 -12.22 0.47
C SER C 636 -12.66 -11.77 1.49
N SER C 637 -12.85 -12.13 2.75
CA SER C 637 -11.89 -11.85 3.78
C SER C 637 -10.55 -12.51 3.49
N TYR C 638 -10.56 -13.77 3.07
CA TYR C 638 -9.29 -14.38 2.70
C TYR C 638 -8.57 -13.65 1.57
N THR C 639 -9.26 -13.33 0.51
CA THR C 639 -8.61 -12.69 -0.61
C THR C 639 -8.11 -11.29 -0.21
N ALA C 640 -8.91 -10.55 0.53
CA ALA C 640 -8.57 -9.18 0.89
C ALA C 640 -7.34 -9.15 1.81
N ASN C 641 -7.29 -10.04 2.78
CA ASN C 641 -6.16 -10.07 3.65
C ASN C 641 -4.91 -10.60 2.95
N LEU C 642 -5.04 -11.47 1.98
CA LEU C 642 -3.89 -11.91 1.26
C LEU C 642 -3.36 -10.76 0.44
N ALA C 643 -4.25 -9.95 -0.12
CA ALA C 643 -3.78 -8.80 -0.89
C ALA C 643 -2.99 -7.87 0.04
N ALA C 644 -3.51 -7.62 1.23
CA ALA C 644 -2.85 -6.79 2.20
C ALA C 644 -1.45 -7.34 2.52
N PHE C 645 -1.34 -8.63 2.80
N PHE C 645 -1.35 -8.63 2.78
CA PHE C 645 -0.04 -9.22 3.06
CA PHE C 645 -0.06 -9.21 3.06
C PHE C 645 0.93 -8.97 1.90
C PHE C 645 0.92 -8.97 1.91
N LEU C 646 0.52 -9.25 0.67
CA LEU C 646 1.42 -9.16 -0.45
C LEU C 646 1.71 -7.71 -0.80
N THR C 647 0.88 -6.76 -0.40
CA THR C 647 1.09 -5.37 -0.78
C THR C 647 2.13 -4.74 0.15
N VAL C 648 2.04 -5.00 1.44
CA VAL C 648 3.00 -4.48 2.37
C VAL C 648 4.33 -5.20 2.22
N GLU C 649 4.35 -6.49 1.90
CA GLU C 649 5.61 -7.17 1.66
C GLU C 649 6.33 -6.44 0.53
N ARG C 650 5.59 -5.67 -0.26
CA ARG C 650 6.08 -5.04 -1.47
C ARG C 650 6.37 -3.57 -1.24
N MET C 651 5.95 -3.03 -0.09
CA MET C 651 6.24 -1.66 0.30
C MET C 651 7.49 -1.55 1.16
N VAL C 652 7.97 -2.67 1.72
CA VAL C 652 9.05 -2.65 2.68
C VAL C 652 10.34 -2.24 1.97
N SER C 653 10.88 -1.10 2.42
CA SER C 653 12.16 -0.60 1.94
C SER C 653 13.25 -1.00 2.95
N PRO C 654 14.36 -1.64 2.50
CA PRO C 654 15.47 -1.90 3.42
C PRO C 654 16.14 -0.63 3.94
N ILE C 655 16.87 -0.75 5.06
CA ILE C 655 17.81 0.28 5.47
C ILE C 655 19.02 0.22 4.54
N GLU C 656 19.33 1.36 3.92
CA GLU C 656 20.53 1.45 3.09
C GLU C 656 21.12 2.86 3.14
N SER C 657 20.98 3.50 4.30
CA SER C 657 21.60 4.81 4.55
C SER C 657 21.65 5.04 6.07
N ALA C 658 22.32 6.10 6.50
CA ALA C 658 22.55 6.34 7.90
C ALA C 658 21.36 7.02 8.54
N GLU C 659 20.84 8.06 7.86
CA GLU C 659 19.67 8.77 8.35
C GLU C 659 18.48 7.84 8.48
N ASP C 660 18.41 6.82 7.62
CA ASP C 660 17.39 5.80 7.72
C ASP C 660 17.46 5.08 9.07
N LEU C 661 18.67 4.70 9.48
CA LEU C 661 18.86 4.12 10.78
C LEU C 661 18.51 5.14 11.87
N ALA C 662 18.83 6.41 11.63
CA ALA C 662 18.74 7.44 12.66
C ALA C 662 17.29 7.73 13.02
N LYS C 663 16.45 7.97 12.01
CA LYS C 663 15.09 8.47 12.20
C LYS C 663 14.20 7.44 12.90
N GLN C 664 14.29 6.16 12.52
CA GLN C 664 13.52 5.10 13.11
C GLN C 664 14.01 4.81 14.53
N THR C 665 13.32 3.90 15.23
CA THR C 665 13.68 3.51 16.57
C THR C 665 13.74 1.99 16.81
N GLU C 666 13.28 1.19 15.83
CA GLU C 666 13.16 -0.25 16.02
C GLU C 666 14.54 -0.92 16.13
N ILE C 667 15.53 -0.42 15.36
CA ILE C 667 16.87 -0.96 15.35
C ILE C 667 17.77 -0.14 16.28
N ALA C 668 18.46 -0.81 17.19
CA ALA C 668 19.49 -0.21 18.04
C ALA C 668 20.85 -0.40 17.40
N TYR C 669 21.86 0.35 17.87
CA TYR C 669 23.17 0.32 17.26
C TYR C 669 24.23 0.96 18.14
N GLY C 670 25.45 0.43 18.09
CA GLY C 670 26.55 0.93 18.90
C GLY C 670 27.90 0.74 18.24
N THR C 671 28.94 1.24 18.92
CA THR C 671 30.32 1.18 18.45
C THR C 671 31.23 0.90 19.64
N LEU C 672 32.54 0.79 19.40
CA LEU C 672 33.51 0.64 20.48
C LEU C 672 33.43 1.83 21.42
N GLU C 673 33.62 1.58 22.72
CA GLU C 673 33.73 2.66 23.69
C GLU C 673 34.91 3.58 23.42
N ALA C 674 36.05 3.02 22.97
CA ALA C 674 37.21 3.81 22.64
C ALA C 674 37.54 3.65 21.15
N GLY C 675 37.53 4.76 20.42
CA GLY C 675 37.81 4.73 18.99
C GLY C 675 37.61 6.10 18.34
N SER C 676 38.10 6.22 17.11
CA SER C 676 37.90 7.42 16.31
C SER C 676 36.46 7.56 15.83
N THR C 677 35.75 6.45 15.66
CA THR C 677 34.35 6.47 15.23
C THR C 677 33.50 7.23 16.26
N LYS C 678 33.67 6.85 17.52
CA LYS C 678 32.99 7.51 18.64
C LYS C 678 33.30 8.99 18.65
N GLU C 679 34.57 9.36 18.41
CA GLU C 679 34.98 10.76 18.36
C GLU C 679 34.27 11.47 17.20
N PHE C 680 34.20 10.80 16.04
CA PHE C 680 33.53 11.38 14.89
C PHE C 680 32.08 11.75 15.24
N PHE C 681 31.42 10.88 16.01
CA PHE C 681 30.05 11.13 16.46
C PHE C 681 29.99 12.25 17.49
N ARG C 682 30.91 12.24 18.44
CA ARG C 682 30.91 13.21 19.54
C ARG C 682 31.06 14.64 19.01
N ARG C 683 31.87 14.84 17.96
CA ARG C 683 32.21 16.16 17.46
C ARG C 683 31.44 16.51 16.19
N SER C 684 30.38 15.77 15.85
CA SER C 684 29.78 15.89 14.54
C SER C 684 28.91 17.15 14.48
N LYS C 685 29.02 17.90 13.39
CA LYS C 685 28.32 19.16 13.23
C LYS C 685 27.03 19.00 12.44
N ILE C 686 26.75 17.81 11.88
CA ILE C 686 25.54 17.65 11.07
C ILE C 686 24.50 16.95 11.92
N ALA C 687 23.24 17.18 11.49
CA ALA C 687 22.06 16.72 12.18
C ALA C 687 22.12 15.23 12.48
N VAL C 688 22.34 14.42 11.44
CA VAL C 688 22.15 12.98 11.53
C VAL C 688 23.05 12.38 12.60
N PHE C 689 24.34 12.71 12.55
CA PHE C 689 25.28 12.09 13.47
C PHE C 689 25.13 12.68 14.87
N GLU C 690 24.76 13.96 14.97
CA GLU C 690 24.46 14.53 16.28
C GLU C 690 23.31 13.77 16.94
N LYS C 691 22.26 13.51 16.16
CA LYS C 691 21.10 12.79 16.66
C LYS C 691 21.50 11.37 17.09
N MET C 692 22.33 10.72 16.26
CA MET C 692 22.79 9.38 16.56
C MET C 692 23.60 9.38 17.86
N TRP C 693 24.42 10.41 18.06
CA TRP C 693 25.22 10.53 19.25
C TRP C 693 24.34 10.70 20.48
N THR C 694 23.33 11.57 20.36
CA THR C 694 22.40 11.81 21.46
C THR C 694 21.72 10.50 21.85
N TYR C 695 21.29 9.73 20.84
CA TYR C 695 20.65 8.44 21.07
C TYR C 695 21.62 7.50 21.79
N MET C 696 22.84 7.37 21.27
CA MET C 696 23.81 6.44 21.83
C MET C 696 24.18 6.83 23.27
N LYS C 697 24.14 8.12 23.62
CA LYS C 697 24.34 8.56 24.99
C LYS C 697 23.28 7.95 25.93
N SER C 698 22.01 8.00 25.54
CA SER C 698 20.90 7.42 26.29
C SER C 698 20.63 6.00 25.78
N ALA C 699 21.54 5.09 26.09
CA ALA C 699 21.41 3.69 25.69
C ALA C 699 21.35 2.79 26.91
N GLU C 700 20.22 2.07 27.03
CA GLU C 700 20.04 1.04 28.03
C GLU C 700 19.28 -0.11 27.38
N PRO C 701 19.79 -1.36 27.34
CA PRO C 701 21.15 -1.72 27.78
C PRO C 701 22.23 -1.09 26.90
N SER C 702 23.43 -0.91 27.46
CA SER C 702 24.47 -0.11 26.82
C SER C 702 24.78 -0.64 25.42
N VAL C 703 24.76 0.26 24.42
CA VAL C 703 25.00 -0.12 23.05
C VAL C 703 26.50 -0.30 22.81
N PHE C 704 27.36 0.52 23.43
CA PHE C 704 28.77 0.45 23.14
C PHE C 704 29.35 -0.88 23.63
N VAL C 705 30.36 -1.37 22.91
CA VAL C 705 30.93 -2.68 23.17
C VAL C 705 32.39 -2.50 23.58
N ARG C 706 32.92 -3.50 24.31
CA ARG C 706 34.30 -3.52 24.76
C ARG C 706 35.25 -3.82 23.60
N THR C 707 34.89 -4.84 22.80
CA THR C 707 35.72 -5.27 21.67
C THR C 707 34.86 -5.45 20.43
N THR C 708 35.51 -5.38 19.27
CA THR C 708 34.84 -5.56 17.99
C THR C 708 34.14 -6.92 17.93
N GLU C 709 34.76 -7.95 18.53
CA GLU C 709 34.15 -9.27 18.60
C GLU C 709 32.83 -9.22 19.36
N GLU C 710 32.77 -8.45 20.46
CA GLU C 710 31.55 -8.33 21.25
C GLU C 710 30.43 -7.73 20.41
N GLY C 711 30.74 -6.64 19.69
CA GLY C 711 29.77 -6.01 18.81
C GLY C 711 29.29 -6.95 17.70
N MET C 712 30.23 -7.68 17.11
CA MET C 712 29.92 -8.61 16.05
C MET C 712 28.96 -9.68 16.56
N ILE C 713 29.23 -10.23 17.74
CA ILE C 713 28.38 -11.28 18.30
C ILE C 713 27.02 -10.70 18.66
N ARG C 714 26.99 -9.48 19.18
CA ARG C 714 25.71 -8.84 19.51
C ARG C 714 24.85 -8.69 18.24
N VAL C 715 25.47 -8.28 17.14
CA VAL C 715 24.77 -8.18 15.86
C VAL C 715 24.23 -9.55 15.46
N ARG C 716 25.08 -10.58 15.56
CA ARG C 716 24.70 -11.92 15.15
C ARG C 716 23.51 -12.44 15.96
N LYS C 717 23.54 -12.24 17.28
CA LYS C 717 22.51 -12.77 18.17
C LYS C 717 21.24 -11.92 18.12
N SER C 718 21.32 -10.65 17.70
CA SER C 718 20.25 -9.68 17.93
C SER C 718 18.98 -9.98 17.12
N LYS C 719 19.14 -10.62 15.95
CA LYS C 719 18.03 -10.91 15.05
C LYS C 719 17.49 -9.61 14.45
N GLY C 720 18.41 -8.80 13.93
CA GLY C 720 18.07 -7.58 13.21
C GLY C 720 17.55 -6.46 14.09
N LYS C 721 17.86 -6.48 15.40
CA LYS C 721 17.53 -5.39 16.30
C LYS C 721 18.78 -4.61 16.74
N TYR C 722 19.98 -5.07 16.38
CA TYR C 722 21.21 -4.35 16.68
C TYR C 722 22.04 -4.23 15.41
N ALA C 723 22.49 -3.00 15.11
CA ALA C 723 23.42 -2.72 14.03
C ALA C 723 24.71 -2.20 14.66
N TYR C 724 25.76 -2.11 13.86
CA TYR C 724 27.05 -1.65 14.34
C TYR C 724 27.64 -0.70 13.33
N LEU C 725 28.42 0.27 13.81
CA LEU C 725 29.11 1.23 12.95
C LEU C 725 30.62 1.04 13.12
N LEU C 726 31.33 0.80 12.01
CA LEU C 726 32.76 0.58 12.08
C LEU C 726 33.42 0.89 10.76
N GLU C 727 34.75 0.78 10.71
CA GLU C 727 35.48 1.08 9.50
C GLU C 727 35.08 0.11 8.38
N SER C 728 35.02 0.65 7.16
CA SER C 728 34.48 -0.10 6.04
C SER C 728 35.31 -1.35 5.75
N THR C 729 36.63 -1.26 5.92
CA THR C 729 37.50 -2.36 5.56
C THR C 729 37.28 -3.55 6.49
N MET C 730 37.20 -3.29 7.79
CA MET C 730 36.89 -4.35 8.74
C MET C 730 35.49 -4.91 8.46
N ASN C 731 34.56 -4.03 8.06
CA ASN C 731 33.22 -4.48 7.73
C ASN C 731 33.26 -5.50 6.60
N GLU C 732 33.94 -5.16 5.50
CA GLU C 732 34.02 -6.04 4.35
C GLU C 732 34.73 -7.34 4.74
N TYR C 733 35.75 -7.26 5.60
CA TYR C 733 36.45 -8.46 6.04
C TYR C 733 35.50 -9.39 6.79
N ILE C 734 34.85 -8.84 7.81
CA ILE C 734 33.92 -9.62 8.63
C ILE C 734 32.80 -10.19 7.77
N GLU C 735 32.39 -9.48 6.72
CA GLU C 735 31.36 -9.95 5.82
C GLU C 735 31.74 -11.28 5.17
N GLN C 736 33.04 -11.55 4.96
CA GLN C 736 33.48 -12.76 4.28
C GLN C 736 33.95 -13.84 5.26
N ARG C 737 33.58 -13.73 6.55
CA ARG C 737 34.00 -14.71 7.54
C ARG C 737 32.77 -15.44 8.08
N LYS C 738 32.82 -16.78 8.10
CA LYS C 738 31.73 -17.59 8.63
C LYS C 738 31.63 -17.37 10.14
N PRO C 739 30.41 -17.27 10.73
CA PRO C 739 29.13 -17.30 10.02
C PRO C 739 28.87 -16.06 9.17
N CYS C 740 28.26 -16.25 7.99
CA CYS C 740 28.11 -15.21 6.99
C CYS C 740 26.79 -14.46 7.13
N ASP C 741 26.36 -14.17 8.35
CA ASP C 741 25.07 -13.54 8.63
C ASP C 741 25.29 -12.07 8.96
N THR C 742 26.14 -11.41 8.19
CA THR C 742 26.40 -9.98 8.34
C THR C 742 26.55 -9.36 6.96
N MET C 743 26.24 -8.05 6.86
CA MET C 743 26.49 -7.34 5.63
C MET C 743 26.68 -5.85 5.88
N LYS C 744 27.37 -5.19 4.96
CA LYS C 744 27.56 -3.76 4.97
C LYS C 744 26.47 -3.13 4.12
N VAL C 745 25.86 -2.06 4.64
CA VAL C 745 24.74 -1.42 3.96
C VAL C 745 25.08 0.04 3.73
N GLY C 746 24.77 0.52 2.52
CA GLY C 746 24.98 1.91 2.16
C GLY C 746 26.44 2.23 1.89
N GLY C 747 26.69 3.52 1.68
CA GLY C 747 28.01 4.04 1.44
C GLY C 747 28.75 4.36 2.73
N ASN C 748 29.90 5.01 2.57
CA ASN C 748 30.68 5.45 3.72
C ASN C 748 30.09 6.75 4.24
N LEU C 749 30.24 6.95 5.56
CA LEU C 749 29.87 8.18 6.22
C LEU C 749 31.03 9.16 6.24
N ASP C 750 32.26 8.71 5.91
CA ASP C 750 33.46 9.51 6.09
C ASP C 750 34.44 9.12 5.00
N SER C 751 35.49 9.93 4.80
CA SER C 751 36.61 9.57 3.92
C SER C 751 37.92 9.63 4.70
N LYS C 752 38.52 8.46 4.94
CA LYS C 752 39.85 8.32 5.52
C LYS C 752 40.72 7.50 4.56
N GLY C 753 42.02 7.48 4.84
CA GLY C 753 42.98 6.66 4.12
C GLY C 753 43.94 5.99 5.09
N TYR C 754 44.44 4.79 4.76
CA TYR C 754 45.59 4.23 5.42
C TYR C 754 46.84 4.54 4.62
N GLY C 755 47.93 4.84 5.33
CA GLY C 755 49.17 5.22 4.70
C GLY C 755 50.36 4.44 5.23
N ILE C 756 51.45 4.49 4.46
CA ILE C 756 52.74 4.05 4.93
C ILE C 756 53.44 5.21 5.61
N ALA C 757 53.88 4.98 6.85
CA ALA C 757 54.49 6.02 7.67
C ALA C 757 56.00 5.78 7.75
N THR C 758 56.73 6.89 7.76
CA THR C 758 58.17 6.90 7.99
C THR C 758 58.49 8.03 8.96
N PRO C 759 59.59 7.94 9.75
CA PRO C 759 59.91 9.01 10.70
C PRO C 759 60.12 10.35 10.02
N LYS C 760 59.75 11.42 10.74
CA LYS C 760 59.70 12.75 10.13
C LYS C 760 61.11 13.12 9.66
N GLY C 761 61.20 13.55 8.40
CA GLY C 761 62.47 13.93 7.79
C GLY C 761 63.34 12.76 7.34
N SER C 762 62.78 11.54 7.23
CA SER C 762 63.49 10.40 6.69
C SER C 762 63.78 10.58 5.19
N ALA C 763 64.85 9.94 4.71
CA ALA C 763 65.22 9.97 3.31
C ALA C 763 64.52 8.87 2.50
N LEU C 764 63.92 7.90 3.19
CA LEU C 764 63.20 6.80 2.54
C LEU C 764 61.81 7.24 2.04
N ARG C 765 61.35 8.40 2.52
CA ARG C 765 59.98 8.84 2.31
C ARG C 765 59.65 8.96 0.82
N GLY C 766 60.44 9.70 0.05
CA GLY C 766 60.14 9.91 -1.38
C GLY C 766 60.06 8.58 -2.15
N PRO C 767 61.07 7.71 -2.02
CA PRO C 767 61.01 6.38 -2.63
C PRO C 767 59.78 5.58 -2.24
N VAL C 768 59.42 5.57 -0.94
CA VAL C 768 58.27 4.82 -0.49
C VAL C 768 56.98 5.39 -1.11
N ASN C 769 56.87 6.71 -1.14
CA ASN C 769 55.69 7.35 -1.70
C ASN C 769 55.52 6.96 -3.16
N LEU C 770 56.60 7.11 -3.93
CA LEU C 770 56.55 6.75 -5.34
C LEU C 770 56.22 5.25 -5.51
N ALA C 771 56.74 4.41 -4.61
CA ALA C 771 56.48 2.97 -4.66
C ALA C 771 54.99 2.70 -4.49
N VAL C 772 54.37 3.35 -3.49
CA VAL C 772 52.95 3.17 -3.26
C VAL C 772 52.15 3.62 -4.47
N LEU C 773 52.45 4.79 -5.04
CA LEU C 773 51.72 5.23 -6.23
C LEU C 773 51.88 4.25 -7.39
N LYS C 774 53.10 3.74 -7.59
CA LYS C 774 53.35 2.81 -8.69
C LYS C 774 52.52 1.54 -8.49
N LEU C 775 52.54 1.00 -7.26
CA LEU C 775 51.75 -0.16 -6.94
C LEU C 775 50.27 0.07 -7.23
N SER C 776 49.75 1.22 -6.77
CA SER C 776 48.34 1.55 -6.98
C SER C 776 48.01 1.53 -8.48
N GLU C 777 48.84 2.19 -9.29
CA GLU C 777 48.54 2.32 -10.71
C GLU C 777 48.67 1.00 -11.47
N GLN C 778 49.51 0.08 -10.96
CA GLN C 778 49.67 -1.24 -11.58
C GLN C 778 48.60 -2.24 -11.16
N GLY C 779 47.67 -1.84 -10.27
CA GLY C 779 46.58 -2.70 -9.85
C GLY C 779 46.98 -3.71 -8.78
N VAL C 780 48.18 -3.56 -8.22
CA VAL C 780 48.69 -4.55 -7.28
C VAL C 780 47.86 -4.48 -6.00
N LEU C 781 47.52 -3.28 -5.55
CA LEU C 781 46.79 -3.12 -4.30
C LEU C 781 45.38 -3.69 -4.43
N ASP C 782 44.72 -3.45 -5.58
CA ASP C 782 43.41 -4.02 -5.85
C ASP C 782 43.47 -5.54 -5.76
N LYS C 783 44.50 -6.12 -6.42
CA LYS C 783 44.66 -7.57 -6.46
C LYS C 783 44.88 -8.12 -5.06
N LEU C 784 45.70 -7.44 -4.27
CA LEU C 784 45.97 -7.89 -2.92
C LEU C 784 44.70 -7.85 -2.06
N LYS C 785 43.92 -6.79 -2.21
CA LYS C 785 42.67 -6.68 -1.46
C LYS C 785 41.74 -7.82 -1.87
N SER C 786 41.62 -8.06 -3.18
CA SER C 786 40.78 -9.13 -3.69
C SER C 786 41.19 -10.47 -3.08
N LYS C 787 42.51 -10.71 -3.09
CA LYS C 787 43.04 -11.97 -2.60
C LYS C 787 42.71 -12.15 -1.12
N TRP C 788 43.01 -11.16 -0.30
CA TRP C 788 43.00 -11.34 1.14
C TRP C 788 41.63 -11.09 1.77
N TRP C 789 40.70 -10.51 1.01
CA TRP C 789 39.33 -10.33 1.48
C TRP C 789 38.42 -11.41 0.92
N TYR C 790 38.48 -11.64 -0.41
CA TYR C 790 37.49 -12.48 -1.07
C TYR C 790 38.07 -13.87 -1.34
N ASP C 791 39.22 -13.94 -2.03
CA ASP C 791 39.77 -15.23 -2.40
C ASP C 791 40.12 -16.08 -1.17
N LYS C 792 40.36 -15.45 -0.02
CA LYS C 792 40.49 -16.16 1.25
C LYS C 792 39.22 -16.04 2.10
N GLY C 793 38.08 -15.74 1.46
CA GLY C 793 36.82 -15.58 2.17
C GLY C 793 36.05 -16.91 2.21
N GLU C 794 35.51 -17.25 3.38
CA GLU C 794 34.68 -18.43 3.52
C GLU C 794 33.39 -18.27 2.73
N CYS C 795 32.72 -17.12 2.88
CA CYS C 795 31.41 -16.89 2.26
C CYS C 795 31.51 -16.91 0.73
N GLY C 796 32.48 -16.18 0.18
CA GLY C 796 32.68 -16.10 -1.26
C GLY C 796 31.50 -15.46 -1.99
N SER C 797 30.79 -14.56 -1.30
CA SER C 797 29.49 -14.06 -1.72
C SER C 797 29.63 -12.72 -2.43
N LYS C 798 28.96 -12.57 -3.59
CA LYS C 798 28.96 -11.34 -4.36
C LYS C 798 27.54 -10.80 -4.56
N ASP C 799 26.50 -11.45 -4.01
CA ASP C 799 25.12 -11.05 -4.17
C ASP C 799 24.34 -11.40 -2.90
N ASP C 804 16.12 -8.29 -10.42
CA ASP C 804 15.75 -8.22 -8.97
C ASP C 804 14.43 -8.96 -8.75
N LYS C 805 14.03 -9.08 -7.48
CA LYS C 805 12.74 -9.62 -7.03
C LYS C 805 11.57 -9.25 -7.95
N THR C 806 11.05 -10.25 -8.68
CA THR C 806 9.96 -10.07 -9.63
C THR C 806 8.64 -9.83 -8.90
N SER C 807 8.45 -10.52 -7.76
CA SER C 807 7.28 -10.36 -6.92
C SER C 807 6.11 -11.25 -7.37
N ALA C 808 6.14 -11.84 -8.58
CA ALA C 808 5.36 -13.03 -8.93
C ALA C 808 5.45 -14.12 -7.87
N LEU C 809 4.29 -14.72 -7.56
CA LEU C 809 4.26 -15.77 -6.59
C LEU C 809 5.05 -16.92 -7.16
N SER C 810 5.87 -17.52 -6.29
CA SER C 810 6.66 -18.65 -6.68
C SER C 810 5.99 -19.93 -6.24
N LEU C 811 6.35 -21.03 -6.90
CA LEU C 811 5.76 -22.30 -6.59
C LEU C 811 5.90 -22.63 -5.11
N SER C 812 6.93 -22.10 -4.46
CA SER C 812 7.12 -22.35 -3.03
C SER C 812 6.03 -21.68 -2.18
N ASN C 813 5.42 -20.62 -2.67
CA ASN C 813 4.36 -19.95 -1.95
C ASN C 813 3.03 -20.70 -1.98
N VAL C 814 2.85 -21.65 -2.92
CA VAL C 814 1.62 -22.39 -3.00
C VAL C 814 1.90 -23.89 -3.04
N ALA C 815 3.07 -24.35 -2.58
CA ALA C 815 3.42 -25.75 -2.77
C ALA C 815 2.53 -26.67 -1.95
N GLY C 816 2.16 -26.21 -0.77
CA GLY C 816 1.24 -26.97 0.07
C GLY C 816 -0.08 -27.32 -0.59
N VAL C 817 -0.61 -26.41 -1.38
CA VAL C 817 -1.89 -26.66 -2.00
C VAL C 817 -1.71 -27.76 -3.05
N PHE C 818 -0.59 -27.76 -3.77
CA PHE C 818 -0.28 -28.86 -4.68
C PHE C 818 -0.12 -30.20 -3.92
N TYR C 819 0.54 -30.21 -2.78
CA TYR C 819 0.66 -31.42 -1.99
C TYR C 819 -0.69 -31.92 -1.55
N ILE C 820 -1.54 -31.04 -1.04
CA ILE C 820 -2.88 -31.47 -0.64
C ILE C 820 -3.65 -32.02 -1.84
N LEU C 821 -3.48 -31.40 -3.00
CA LEU C 821 -4.18 -31.86 -4.19
C LEU C 821 -3.79 -33.28 -4.49
N ILE C 822 -2.48 -33.51 -4.66
CA ILE C 822 -2.03 -34.83 -5.07
C ILE C 822 -2.33 -35.86 -3.98
N GLY C 823 -2.20 -35.47 -2.72
CA GLY C 823 -2.63 -36.36 -1.65
C GLY C 823 -4.10 -36.79 -1.77
N GLY C 824 -4.97 -35.84 -2.08
CA GLY C 824 -6.38 -36.17 -2.25
C GLY C 824 -6.61 -37.09 -3.44
N LEU C 825 -5.86 -36.93 -4.53
CA LEU C 825 -6.02 -37.77 -5.68
C LEU C 825 -5.63 -39.20 -5.32
N GLY C 826 -4.50 -39.33 -4.61
CA GLY C 826 -4.06 -40.62 -4.12
C GLY C 826 -5.12 -41.25 -3.24
N LEU C 827 -5.62 -40.48 -2.27
CA LEU C 827 -6.64 -41.00 -1.38
C LEU C 827 -7.89 -41.45 -2.15
N ALA C 828 -8.27 -40.70 -3.17
CA ALA C 828 -9.46 -41.00 -3.93
C ALA C 828 -9.27 -42.34 -4.62
N MET C 829 -8.10 -42.55 -5.22
CA MET C 829 -7.82 -43.79 -5.91
C MET C 829 -7.86 -44.95 -4.92
N LEU C 830 -7.29 -44.76 -3.73
CA LEU C 830 -7.32 -45.81 -2.73
C LEU C 830 -8.76 -46.16 -2.36
N VAL C 831 -9.58 -45.16 -2.08
CA VAL C 831 -10.95 -45.40 -1.70
C VAL C 831 -11.70 -46.09 -2.84
N ALA C 832 -11.40 -45.76 -4.09
CA ALA C 832 -12.07 -46.40 -5.20
C ALA C 832 -11.74 -47.89 -5.22
N LEU C 833 -10.47 -48.23 -4.97
CA LEU C 833 -10.06 -49.63 -4.92
C LEU C 833 -10.79 -50.33 -3.78
N ILE C 834 -10.82 -49.73 -2.60
CA ILE C 834 -11.48 -50.33 -1.47
C ILE C 834 -12.96 -50.57 -1.77
N GLU C 835 -13.67 -49.57 -2.28
CA GLU C 835 -15.08 -49.72 -2.64
C GLU C 835 -15.24 -50.84 -3.65
N PHE C 836 -14.32 -50.94 -4.60
CA PHE C 836 -14.43 -51.96 -5.64
C PHE C 836 -14.33 -53.34 -5.01
N CYS C 837 -13.31 -53.53 -4.17
CA CYS C 837 -13.11 -54.82 -3.52
C CYS C 837 -14.29 -55.17 -2.61
N TYR C 838 -14.83 -54.19 -1.88
CA TYR C 838 -15.99 -54.43 -1.03
C TYR C 838 -17.19 -54.85 -1.88
N LYS C 839 -17.51 -54.09 -2.94
CA LYS C 839 -18.75 -54.30 -3.69
C LYS C 839 -18.61 -55.52 -4.62
N SER C 840 -17.37 -55.95 -4.93
CA SER C 840 -17.14 -57.15 -5.74
C SER C 840 -17.12 -58.43 -4.91
N ARG C 841 -17.33 -58.35 -3.57
CA ARG C 841 -17.49 -59.50 -2.71
C ARG C 841 -18.67 -59.24 -1.76
N THR D 416 29.61 40.47 39.08
CA THR D 416 28.93 39.16 38.96
C THR D 416 27.50 39.27 39.48
N TYR D 417 26.52 38.93 38.62
CA TYR D 417 25.12 39.04 38.97
C TYR D 417 24.57 37.66 39.37
N ILE D 418 23.57 37.70 40.26
CA ILE D 418 22.85 36.52 40.70
C ILE D 418 21.61 36.37 39.80
N VAL D 419 21.54 35.25 39.06
CA VAL D 419 20.45 34.98 38.14
C VAL D 419 19.52 33.94 38.75
N THR D 420 18.34 34.37 39.19
CA THR D 420 17.43 33.44 39.82
C THR D 420 16.80 32.54 38.77
N THR D 421 16.29 31.39 39.20
CA THR D 421 15.84 30.32 38.33
C THR D 421 14.95 29.38 39.11
N ILE D 422 14.26 28.48 38.41
CA ILE D 422 13.47 27.43 39.04
C ILE D 422 13.85 26.09 38.42
N LEU D 423 13.50 25.00 39.11
CA LEU D 423 13.72 23.65 38.60
C LEU D 423 12.49 23.23 37.80
N GLU D 424 12.64 23.13 36.47
CA GLU D 424 11.54 22.70 35.61
C GLU D 424 12.14 22.17 34.31
N ASP D 425 11.83 20.91 34.00
CA ASP D 425 12.35 20.30 32.79
C ASP D 425 11.55 20.85 31.61
N PRO D 426 12.15 21.11 30.44
CA PRO D 426 13.58 21.00 30.16
C PRO D 426 14.36 22.30 30.33
N TYR D 427 13.87 23.18 31.20
CA TYR D 427 14.41 24.54 31.25
C TYR D 427 15.73 24.50 32.01
N VAL D 428 15.66 24.04 33.26
CA VAL D 428 16.83 23.90 34.11
C VAL D 428 16.70 22.59 34.86
N MET D 429 17.71 21.73 34.65
CA MET D 429 17.70 20.38 35.17
C MET D 429 19.08 20.11 35.75
N LEU D 430 19.10 19.44 36.91
CA LEU D 430 20.35 19.00 37.55
C LEU D 430 20.96 17.88 36.73
N LYS D 431 22.23 18.07 36.32
CA LYS D 431 22.92 17.08 35.49
C LYS D 431 23.18 15.85 36.36
N LYS D 432 23.25 14.66 35.74
CA LYS D 432 23.37 13.43 36.51
C LYS D 432 24.66 13.43 37.32
N ASN D 433 25.75 13.92 36.71
CA ASN D 433 27.03 14.12 37.38
C ASN D 433 27.02 15.47 38.12
N ALA D 434 26.05 15.65 39.02
CA ALA D 434 25.89 16.88 39.77
C ALA D 434 27.04 17.08 40.75
N ASN D 435 27.30 16.03 41.56
CA ASN D 435 28.41 16.00 42.49
C ASN D 435 29.76 16.12 41.79
N GLN D 436 29.87 15.59 40.56
CA GLN D 436 31.11 15.59 39.81
C GLN D 436 31.40 16.98 39.25
N PHE D 437 30.39 17.86 39.13
CA PHE D 437 30.54 19.21 38.63
C PHE D 437 30.16 20.22 39.71
N GLU D 438 30.70 21.44 39.59
CA GLU D 438 30.36 22.54 40.48
C GLU D 438 30.31 23.85 39.69
N GLY D 439 29.44 24.75 40.15
CA GLY D 439 29.22 26.06 39.56
C GLY D 439 27.97 26.14 38.69
N ASN D 440 28.03 26.97 37.64
CA ASN D 440 27.01 27.02 36.62
C ASN D 440 26.91 25.71 35.84
N ASP D 441 27.98 24.90 35.79
CA ASP D 441 27.95 23.62 35.07
C ASP D 441 27.31 22.50 35.89
N ARG D 442 26.74 22.80 37.07
CA ARG D 442 25.88 21.87 37.80
C ARG D 442 24.56 21.59 37.07
N TYR D 443 24.12 22.54 36.24
CA TYR D 443 22.80 22.52 35.61
C TYR D 443 22.90 22.52 34.09
N GLU D 444 21.84 22.01 33.47
CA GLU D 444 21.69 21.94 32.02
C GLU D 444 20.23 22.23 31.67
N GLY D 445 19.99 22.69 30.44
CA GLY D 445 18.65 22.85 29.94
C GLY D 445 18.51 23.98 28.93
N TYR D 446 17.25 24.34 28.66
CA TYR D 446 16.93 25.40 27.72
C TYR D 446 17.31 26.76 28.30
N CYS D 447 16.83 27.04 29.51
CA CYS D 447 17.02 28.34 30.13
C CYS D 447 18.48 28.60 30.47
N VAL D 448 19.24 27.53 30.75
CA VAL D 448 20.63 27.74 31.11
C VAL D 448 21.39 28.26 29.91
N GLU D 449 21.19 27.67 28.73
CA GLU D 449 21.84 28.17 27.53
C GLU D 449 21.29 29.55 27.15
N LEU D 450 20.02 29.82 27.48
CA LEU D 450 19.49 31.13 27.23
C LEU D 450 20.23 32.17 28.07
N ALA D 451 20.44 31.87 29.36
CA ALA D 451 21.17 32.76 30.24
C ALA D 451 22.60 32.98 29.74
N ALA D 452 23.23 31.90 29.28
CA ALA D 452 24.54 32.00 28.68
C ALA D 452 24.56 33.01 27.53
N GLU D 453 23.63 32.86 26.59
CA GLU D 453 23.58 33.73 25.43
C GLU D 453 23.26 35.17 25.84
N ILE D 454 22.36 35.34 26.81
CA ILE D 454 21.98 36.68 27.23
C ILE D 454 23.19 37.39 27.81
N ALA D 455 23.94 36.68 28.66
CA ALA D 455 25.15 37.22 29.24
C ALA D 455 26.15 37.58 28.16
N LYS D 456 26.36 36.68 27.20
CA LYS D 456 27.29 36.95 26.11
C LYS D 456 26.94 38.25 25.38
N HIS D 457 25.64 38.48 25.14
CA HIS D 457 25.22 39.64 24.37
C HIS D 457 25.33 40.91 25.20
N VAL D 458 24.86 40.87 26.45
CA VAL D 458 24.90 42.03 27.31
C VAL D 458 26.35 42.31 27.72
N GLY D 459 27.10 41.25 28.09
CA GLY D 459 28.45 41.39 28.61
C GLY D 459 28.65 40.65 29.94
N TYR D 460 27.79 40.92 30.92
CA TYR D 460 27.97 40.62 32.32
C TYR D 460 28.31 39.15 32.59
N SER D 461 28.67 38.86 33.84
CA SER D 461 28.91 37.51 34.33
C SER D 461 27.93 37.23 35.48
N TYR D 462 27.67 35.95 35.72
CA TYR D 462 26.56 35.56 36.57
C TYR D 462 26.86 34.21 37.21
N ARG D 463 26.11 33.91 38.28
CA ARG D 463 26.03 32.56 38.83
C ARG D 463 24.56 32.17 38.89
N LEU D 464 24.22 30.93 38.50
CA LEU D 464 22.83 30.51 38.40
C LEU D 464 22.40 30.06 39.79
N GLU D 465 21.80 30.98 40.51
CA GLU D 465 21.15 30.66 41.76
C GLU D 465 19.77 30.09 41.46
N ILE D 466 19.27 29.27 42.39
CA ILE D 466 17.95 28.65 42.29
C ILE D 466 17.10 29.16 43.42
N VAL D 467 15.86 29.54 43.10
CA VAL D 467 14.93 30.06 44.08
C VAL D 467 14.73 28.97 45.14
N SER D 468 14.94 29.36 46.40
CA SER D 468 14.92 28.41 47.52
C SER D 468 13.57 27.70 47.58
N ASP D 469 12.50 28.50 47.54
CA ASP D 469 11.12 28.02 47.62
C ASP D 469 10.75 27.15 46.41
N GLY D 470 11.40 27.39 45.25
CA GLY D 470 11.11 26.61 44.05
C GLY D 470 9.72 26.90 43.49
N LYS D 471 9.32 28.19 43.47
CA LYS D 471 8.00 28.58 43.01
C LYS D 471 8.12 29.86 42.18
N TYR D 472 7.22 29.99 41.21
CA TYR D 472 7.08 31.22 40.44
C TYR D 472 6.24 32.14 41.33
N GLY D 473 6.58 33.42 41.35
CA GLY D 473 6.06 34.29 42.37
C GLY D 473 4.53 34.47 42.33
N ALA D 474 3.99 34.93 43.44
CA ALA D 474 2.58 35.24 43.60
C ALA D 474 2.42 36.11 44.85
N ARG D 475 1.38 36.95 44.85
CA ARG D 475 1.16 37.92 45.92
C ARG D 475 0.03 37.41 46.80
N ASP D 476 0.35 37.05 48.06
CA ASP D 476 -0.62 36.44 48.95
C ASP D 476 -1.54 37.55 49.46
N PRO D 477 -2.89 37.48 49.32
CA PRO D 477 -3.74 38.62 49.66
C PRO D 477 -3.72 39.02 51.14
N ASP D 478 -3.72 38.01 52.03
CA ASP D 478 -3.77 38.23 53.47
C ASP D 478 -2.60 39.09 53.94
N THR D 479 -1.37 38.70 53.59
CA THR D 479 -0.16 39.40 54.02
C THR D 479 0.27 40.46 53.01
N LYS D 480 -0.14 40.33 51.73
CA LYS D 480 0.29 41.21 50.66
C LYS D 480 1.81 41.13 50.46
N ALA D 481 2.32 39.89 50.41
CA ALA D 481 3.74 39.66 50.18
C ALA D 481 3.93 38.81 48.91
N TRP D 482 5.04 39.08 48.22
CA TRP D 482 5.43 38.30 47.05
C TRP D 482 6.31 37.13 47.47
N ASN D 483 6.09 35.98 46.83
CA ASN D 483 6.90 34.80 47.09
C ASN D 483 7.69 34.49 45.83
N GLY D 484 8.42 33.37 45.86
CA GLY D 484 8.98 32.78 44.65
C GLY D 484 9.98 33.70 43.96
N MET D 485 10.12 33.50 42.64
CA MET D 485 11.10 34.25 41.87
C MET D 485 10.74 35.74 41.85
N VAL D 486 9.45 36.06 41.73
CA VAL D 486 9.03 37.45 41.65
C VAL D 486 9.37 38.14 42.97
N GLY D 487 9.12 37.46 44.10
CA GLY D 487 9.50 37.98 45.41
C GLY D 487 11.01 38.23 45.51
N GLU D 488 11.77 37.19 45.11
CA GLU D 488 13.21 37.26 45.16
C GLU D 488 13.76 38.35 44.25
N LEU D 489 13.00 38.78 43.25
CA LEU D 489 13.43 39.80 42.31
C LEU D 489 13.01 41.18 42.80
N VAL D 490 11.85 41.28 43.44
CA VAL D 490 11.37 42.58 43.90
C VAL D 490 12.12 43.00 45.16
N TYR D 491 12.54 42.07 46.01
CA TYR D 491 13.27 42.40 47.23
C TYR D 491 14.78 42.41 47.04
N GLY D 492 15.27 42.59 45.82
CA GLY D 492 16.66 42.88 45.57
C GLY D 492 17.60 41.67 45.72
N ARG D 493 17.08 40.51 46.14
CA ARG D 493 17.93 39.34 46.31
C ARG D 493 18.47 38.86 44.95
N ALA D 494 17.71 39.06 43.87
CA ALA D 494 18.13 38.65 42.53
C ALA D 494 18.26 39.84 41.59
N ASP D 495 19.11 39.67 40.58
CA ASP D 495 19.41 40.71 39.60
C ASP D 495 18.65 40.54 38.27
N VAL D 496 18.29 39.30 37.93
CA VAL D 496 17.54 38.97 36.74
C VAL D 496 16.96 37.56 36.94
N ALA D 497 15.78 37.31 36.36
CA ALA D 497 15.18 35.98 36.37
C ALA D 497 15.14 35.41 34.96
N VAL D 498 15.84 34.31 34.74
CA VAL D 498 15.82 33.59 33.47
C VAL D 498 15.14 32.25 33.71
N ALA D 499 13.83 32.25 33.60
CA ALA D 499 13.00 31.09 33.83
C ALA D 499 11.72 31.23 33.00
N PRO D 500 10.90 30.17 32.87
CA PRO D 500 9.58 30.33 32.26
C PRO D 500 8.61 31.06 33.19
N LEU D 501 8.81 32.36 33.38
CA LEU D 501 7.88 33.20 34.09
C LEU D 501 6.84 33.71 33.09
N THR D 502 5.57 33.66 33.46
CA THR D 502 4.50 34.11 32.58
C THR D 502 4.30 35.61 32.74
N ILE D 503 4.29 36.32 31.61
CA ILE D 503 4.00 37.75 31.65
C ILE D 503 2.53 37.96 32.01
N THR D 504 2.28 38.73 33.07
CA THR D 504 0.93 38.97 33.54
C THR D 504 0.84 40.41 34.06
N LEU D 505 -0.39 40.89 34.26
CA LEU D 505 -0.62 42.27 34.63
C LEU D 505 -0.10 42.53 36.04
N VAL D 506 -0.45 41.63 36.97
CA VAL D 506 -0.06 41.80 38.36
C VAL D 506 1.47 41.79 38.48
N ARG D 507 2.13 40.89 37.76
CA ARG D 507 3.58 40.84 37.79
C ARG D 507 4.17 42.01 37.00
N GLU D 508 3.51 42.48 35.95
CA GLU D 508 4.04 43.58 35.16
C GLU D 508 4.11 44.86 35.99
N GLU D 509 3.15 45.06 36.91
CA GLU D 509 3.15 46.26 37.75
C GLU D 509 4.39 46.33 38.66
N VAL D 510 4.89 45.18 39.11
CA VAL D 510 5.90 45.09 40.15
C VAL D 510 7.30 44.94 39.56
N ILE D 511 7.44 44.26 38.41
CA ILE D 511 8.74 44.07 37.76
C ILE D 511 8.62 44.45 36.28
N ASP D 512 9.76 44.55 35.61
CA ASP D 512 9.79 44.73 34.17
C ASP D 512 10.07 43.38 33.51
N PHE D 513 9.38 43.14 32.39
CA PHE D 513 9.61 41.95 31.58
C PHE D 513 10.22 42.33 30.25
N SER D 514 10.96 41.39 29.65
CA SER D 514 11.38 41.52 28.28
C SER D 514 10.25 41.10 27.34
N LYS D 515 10.41 41.39 26.06
CA LYS D 515 9.50 40.84 25.08
C LYS D 515 9.53 39.32 25.21
N PRO D 516 8.42 38.60 24.95
CA PRO D 516 8.41 37.17 25.22
C PRO D 516 9.46 36.46 24.36
N PHE D 517 10.27 35.62 25.03
CA PHE D 517 11.17 34.73 24.31
C PHE D 517 10.50 33.40 23.92
N MET D 518 9.28 33.16 24.38
CA MET D 518 8.58 31.95 24.01
C MET D 518 7.08 32.18 24.15
N SER D 519 6.33 32.00 23.04
CA SER D 519 4.88 32.14 23.04
C SER D 519 4.25 30.78 23.31
N LEU D 520 3.17 30.77 24.07
CA LEU D 520 2.48 29.53 24.40
C LEU D 520 1.01 29.81 24.65
N GLY D 521 0.26 28.76 25.01
CA GLY D 521 -1.15 28.90 25.32
C GLY D 521 -1.67 27.66 26.01
N ILE D 522 -2.99 27.62 26.27
CA ILE D 522 -3.61 26.44 26.83
C ILE D 522 -3.90 25.48 25.69
N SER D 523 -3.75 24.17 25.97
CA SER D 523 -3.94 23.16 24.96
C SER D 523 -4.49 21.89 25.59
N ILE D 524 -4.97 20.98 24.73
CA ILE D 524 -5.61 19.74 25.13
C ILE D 524 -4.62 18.59 24.93
N MET D 525 -4.45 17.79 25.97
CA MET D 525 -3.67 16.56 25.90
C MET D 525 -4.64 15.39 25.98
N ILE D 526 -4.46 14.41 25.08
CA ILE D 526 -5.25 13.18 25.08
C ILE D 526 -4.30 12.00 24.96
N LYS D 527 -4.83 10.80 25.24
CA LYS D 527 -4.05 9.58 24.97
C LYS D 527 -3.96 9.34 23.47
N LYS D 528 -2.79 8.86 23.00
CA LYS D 528 -2.63 8.62 21.58
C LYS D 528 -3.70 7.63 21.14
N PRO D 529 -4.45 7.88 20.05
CA PRO D 529 -5.41 6.90 19.56
C PRO D 529 -4.67 5.61 19.20
N GLN D 530 -5.24 4.47 19.58
CA GLN D 530 -4.72 3.16 19.22
C GLN D 530 -5.82 2.39 18.51
N LYS D 531 -5.40 1.32 17.82
CA LYS D 531 -6.30 0.48 17.03
C LYS D 531 -7.30 -0.22 17.99
N SER D 532 -8.60 -0.13 17.66
CA SER D 532 -9.67 -0.63 18.51
C SER D 532 -9.94 -2.12 18.31
N LYS D 533 -10.45 -2.78 19.36
CA LYS D 533 -10.90 -4.15 19.22
C LYS D 533 -11.99 -4.21 18.16
N PRO D 534 -11.95 -5.18 17.21
CA PRO D 534 -12.96 -5.22 16.16
C PRO D 534 -14.33 -5.52 16.75
N GLY D 535 -15.35 -4.88 16.21
CA GLY D 535 -16.72 -5.12 16.64
C GLY D 535 -17.33 -6.38 16.03
N VAL D 536 -18.33 -6.96 16.71
CA VAL D 536 -19.01 -8.17 16.27
C VAL D 536 -19.50 -8.09 14.83
N PHE D 537 -20.06 -6.97 14.40
CA PHE D 537 -20.59 -6.83 13.07
C PHE D 537 -19.66 -5.97 12.21
N SER D 538 -18.36 -6.06 12.49
CA SER D 538 -17.37 -5.28 11.76
C SER D 538 -17.24 -5.74 10.31
N PHE D 539 -17.70 -6.96 9.99
CA PHE D 539 -17.62 -7.42 8.63
C PHE D 539 -18.50 -6.58 7.70
N LEU D 540 -19.43 -5.80 8.24
CA LEU D 540 -20.20 -4.89 7.41
C LEU D 540 -19.46 -3.61 7.06
N ASP D 541 -18.33 -3.35 7.69
CA ASP D 541 -17.70 -2.03 7.59
C ASP D 541 -17.31 -1.59 6.19
N PRO D 542 -16.84 -2.46 5.27
CA PRO D 542 -16.45 -1.99 3.94
C PRO D 542 -17.50 -1.19 3.20
N LEU D 543 -18.80 -1.45 3.45
CA LEU D 543 -19.86 -0.71 2.74
C LEU D 543 -20.65 0.05 3.79
N ALA D 544 -21.07 1.27 3.39
CA ALA D 544 -21.92 2.10 4.22
C ALA D 544 -23.29 1.47 4.48
N TYR D 545 -23.89 1.81 5.61
CA TYR D 545 -25.16 1.26 6.03
C TYR D 545 -26.22 1.52 4.95
N GLU D 546 -26.14 2.64 4.26
CA GLU D 546 -27.10 2.89 3.21
C GLU D 546 -26.96 1.88 2.08
N ILE D 547 -25.74 1.47 1.72
CA ILE D 547 -25.61 0.48 0.67
C ILE D 547 -26.25 -0.83 1.12
N TRP D 548 -26.00 -1.29 2.34
CA TRP D 548 -26.63 -2.50 2.81
C TRP D 548 -28.15 -2.43 2.73
N MET D 549 -28.72 -1.31 3.14
CA MET D 549 -30.16 -1.16 3.15
C MET D 549 -30.68 -1.16 1.73
N CYS D 550 -30.00 -0.46 0.84
CA CYS D 550 -30.43 -0.47 -0.55
C CYS D 550 -30.22 -1.82 -1.23
N ILE D 551 -29.24 -2.59 -0.80
CA ILE D 551 -29.11 -3.93 -1.33
C ILE D 551 -30.36 -4.71 -0.99
N VAL D 552 -30.81 -4.62 0.26
CA VAL D 552 -32.00 -5.36 0.66
C VAL D 552 -33.24 -4.90 -0.11
N PHE D 553 -33.40 -3.60 -0.31
CA PHE D 553 -34.53 -3.15 -1.11
C PHE D 553 -34.43 -3.62 -2.55
N ALA D 554 -33.26 -3.50 -3.14
CA ALA D 554 -33.11 -3.96 -4.51
C ALA D 554 -33.41 -5.46 -4.61
N TYR D 555 -33.02 -6.21 -3.59
CA TYR D 555 -33.28 -7.62 -3.58
C TYR D 555 -34.78 -7.89 -3.65
N ILE D 556 -35.54 -7.24 -2.80
CA ILE D 556 -36.99 -7.40 -2.85
C ILE D 556 -37.56 -6.95 -4.19
N GLY D 557 -37.16 -5.79 -4.67
CA GLY D 557 -37.67 -5.33 -5.94
C GLY D 557 -37.40 -6.30 -7.09
N VAL D 558 -36.18 -6.84 -7.15
CA VAL D 558 -35.83 -7.76 -8.20
C VAL D 558 -36.69 -9.01 -8.08
N SER D 559 -36.83 -9.53 -6.87
CA SER D 559 -37.58 -10.76 -6.70
C SER D 559 -39.02 -10.57 -7.13
N VAL D 560 -39.61 -9.45 -6.76
CA VAL D 560 -41.00 -9.21 -7.13
C VAL D 560 -41.14 -8.98 -8.62
N VAL D 561 -40.29 -8.21 -9.26
CA VAL D 561 -40.42 -8.06 -10.69
C VAL D 561 -40.20 -9.37 -11.43
N LEU D 562 -39.28 -10.21 -10.97
CA LEU D 562 -39.04 -11.48 -11.67
C LEU D 562 -40.28 -12.36 -11.60
N PHE D 563 -40.88 -12.41 -10.40
CA PHE D 563 -42.15 -13.12 -10.24
C PHE D 563 -43.24 -12.55 -11.15
N LEU D 564 -43.39 -11.22 -11.20
CA LEU D 564 -44.43 -10.63 -12.01
C LEU D 564 -44.23 -10.88 -13.51
N VAL D 565 -43.06 -10.64 -14.07
CA VAL D 565 -42.86 -10.83 -15.50
C VAL D 565 -42.86 -12.31 -15.88
N SER D 566 -42.78 -13.22 -14.92
CA SER D 566 -42.73 -14.63 -15.23
C SER D 566 -44.12 -15.24 -15.24
N ARG D 567 -44.99 -14.81 -14.32
CA ARG D 567 -46.27 -15.46 -14.06
C ARG D 567 -47.34 -14.84 -14.93
N PHE D 568 -47.50 -13.53 -14.82
CA PHE D 568 -48.42 -12.82 -15.69
C PHE D 568 -48.11 -13.01 -17.18
N SER D 569 -46.85 -13.32 -17.55
CA SER D 569 -46.39 -13.21 -18.93
C SER D 569 -46.27 -14.61 -19.56
N PRO D 570 -46.09 -14.77 -20.89
CA PRO D 570 -46.00 -16.09 -21.52
C PRO D 570 -44.76 -16.92 -21.21
N TYR D 571 -43.74 -16.28 -20.60
CA TYR D 571 -42.59 -16.95 -20.02
C TYR D 571 -41.80 -17.62 -21.17
N GLU D 592 -40.14 -22.46 -13.01
CA GLU D 592 -41.33 -22.27 -12.11
C GLU D 592 -41.05 -21.13 -11.12
N PHE D 593 -41.19 -19.89 -11.58
CA PHE D 593 -40.79 -18.73 -10.82
C PHE D 593 -41.97 -18.15 -10.08
N GLY D 594 -42.52 -18.90 -9.13
CA GLY D 594 -43.35 -18.30 -8.10
C GLY D 594 -42.59 -17.31 -7.26
N ILE D 595 -43.24 -16.69 -6.29
CA ILE D 595 -42.58 -15.65 -5.52
C ILE D 595 -41.49 -16.29 -4.65
N PHE D 596 -41.74 -17.42 -4.00
CA PHE D 596 -40.73 -18.05 -3.15
C PHE D 596 -39.50 -18.48 -3.96
N ASN D 597 -39.72 -19.06 -5.11
CA ASN D 597 -38.63 -19.44 -5.98
C ASN D 597 -37.94 -18.20 -6.54
N SER D 598 -38.67 -17.12 -6.81
CA SER D 598 -38.04 -15.88 -7.24
C SER D 598 -37.09 -15.34 -6.18
N LEU D 599 -37.55 -15.29 -4.95
CA LEU D 599 -36.69 -14.89 -3.88
C LEU D 599 -35.46 -15.80 -3.77
N TRP D 600 -35.61 -17.09 -3.97
CA TRP D 600 -34.46 -17.97 -3.84
C TRP D 600 -33.50 -17.77 -5.00
N PHE D 601 -34.01 -17.51 -6.20
CA PHE D 601 -33.16 -17.29 -7.36
C PHE D 601 -32.32 -16.05 -7.13
N SER D 602 -32.98 -14.99 -6.66
CA SER D 602 -32.31 -13.73 -6.47
C SER D 602 -31.27 -13.83 -5.37
N LEU D 603 -31.58 -14.59 -4.32
CA LEU D 603 -30.62 -14.68 -3.23
C LEU D 603 -29.39 -15.44 -3.71
N GLY D 604 -29.62 -16.50 -4.39
CA GLY D 604 -28.49 -17.27 -4.88
C GLY D 604 -27.66 -16.50 -5.90
N ALA D 605 -28.29 -15.60 -6.66
CA ALA D 605 -27.56 -14.83 -7.65
C ALA D 605 -26.66 -13.85 -6.93
N PHE D 606 -27.17 -13.20 -5.91
CA PHE D 606 -26.38 -12.25 -5.17
C PHE D 606 -25.21 -12.92 -4.48
N MET D 607 -25.35 -14.13 -3.97
CA MET D 607 -24.30 -14.82 -3.23
C MET D 607 -23.39 -15.56 -4.19
N GLN D 608 -23.57 -15.40 -5.51
CA GLN D 608 -22.71 -16.03 -6.49
CA GLN D 608 -22.69 -16.02 -6.48
C GLN D 608 -22.69 -17.53 -6.22
N GLN D 609 -23.84 -18.07 -5.83
CA GLN D 609 -24.05 -19.50 -5.71
C GLN D 609 -24.79 -19.73 -7.00
N GLY D 610 -25.46 -20.87 -7.11
N GLY D 610 -26.04 -20.11 -6.89
CA GLY D 610 -25.98 -21.30 -8.40
CA GLY D 610 -26.88 -20.38 -8.03
C GLY D 610 -27.38 -20.79 -8.66
C GLY D 610 -27.77 -21.53 -7.61
N CYS D 611 -28.09 -21.61 -9.42
N CYS D 611 -28.91 -21.68 -8.28
CA CYS D 611 -29.53 -21.57 -9.44
CA CYS D 611 -29.73 -22.82 -7.94
C CYS D 611 -30.00 -22.99 -9.72
C CYS D 611 -30.37 -23.34 -9.20
N ASP D 612 -31.18 -23.35 -9.24
N ASP D 612 -31.58 -23.84 -9.02
CA ASP D 612 -31.82 -24.57 -9.73
CA ASP D 612 -32.08 -24.90 -9.85
C ASP D 612 -32.47 -24.30 -11.08
C ASP D 612 -32.50 -24.35 -11.21
N ILE D 613 -32.91 -23.08 -11.28
CA ILE D 613 -33.75 -22.66 -12.39
C ILE D 613 -33.23 -21.35 -12.91
N SER D 614 -33.26 -21.15 -14.22
CA SER D 614 -32.96 -19.84 -14.77
C SER D 614 -34.16 -19.35 -15.56
N PRO D 615 -34.41 -18.04 -15.63
CA PRO D 615 -35.42 -17.51 -16.51
C PRO D 615 -35.29 -17.89 -17.97
N ARG D 616 -36.44 -18.13 -18.66
CA ARG D 616 -36.42 -18.44 -20.08
C ARG D 616 -36.95 -17.33 -20.95
N SER D 617 -37.80 -16.46 -20.42
CA SER D 617 -38.32 -15.38 -21.26
C SER D 617 -37.30 -14.29 -21.45
N LEU D 618 -37.55 -13.42 -22.43
CA LEU D 618 -36.76 -12.22 -22.60
C LEU D 618 -36.84 -11.29 -21.36
N SER D 619 -38.02 -11.12 -20.80
CA SER D 619 -38.18 -10.25 -19.66
C SER D 619 -37.49 -10.81 -18.41
N GLY D 620 -37.65 -12.10 -18.17
CA GLY D 620 -36.96 -12.73 -17.05
C GLY D 620 -35.46 -12.65 -17.20
N ARG D 621 -34.96 -12.79 -18.42
CA ARG D 621 -33.54 -12.71 -18.66
C ARG D 621 -33.01 -11.30 -18.54
N ILE D 622 -33.75 -10.29 -18.92
CA ILE D 622 -33.30 -8.94 -18.66
C ILE D 622 -33.16 -8.72 -17.15
N VAL D 623 -34.17 -9.10 -16.38
CA VAL D 623 -34.13 -8.92 -14.95
C VAL D 623 -32.94 -9.64 -14.37
N GLY D 624 -32.79 -10.90 -14.75
CA GLY D 624 -31.68 -11.70 -14.26
C GLY D 624 -30.32 -11.08 -14.61
N GLY D 625 -30.20 -10.57 -15.83
CA GLY D 625 -28.94 -10.03 -16.32
C GLY D 625 -28.54 -8.80 -15.54
N VAL D 626 -29.46 -7.87 -15.31
CA VAL D 626 -29.08 -6.68 -14.56
C VAL D 626 -28.80 -7.04 -13.12
N TRP D 627 -29.53 -7.98 -12.54
CA TRP D 627 -29.18 -8.38 -11.17
C TRP D 627 -27.81 -9.06 -11.10
N TRP D 628 -27.45 -9.85 -12.10
CA TRP D 628 -26.09 -10.38 -12.20
C TRP D 628 -24.99 -9.32 -12.32
N PHE D 629 -25.22 -8.31 -13.11
CA PHE D 629 -24.26 -7.23 -13.21
C PHE D 629 -24.14 -6.46 -11.88
N PHE D 630 -25.27 -6.20 -11.24
CA PHE D 630 -25.26 -5.49 -9.99
C PHE D 630 -24.46 -6.26 -8.96
N THR D 631 -24.71 -7.54 -8.92
CA THR D 631 -24.06 -8.40 -7.94
C THR D 631 -22.57 -8.34 -8.15
N LEU D 632 -22.13 -8.46 -9.43
CA LEU D 632 -20.71 -8.50 -9.67
C LEU D 632 -19.98 -7.22 -9.20
N ILE D 633 -20.54 -6.07 -9.52
CA ILE D 633 -19.98 -4.82 -9.07
C ILE D 633 -19.99 -4.73 -7.54
N ILE D 634 -21.10 -5.02 -6.90
CA ILE D 634 -21.17 -4.86 -5.46
C ILE D 634 -20.22 -5.79 -4.71
N ILE D 635 -20.08 -7.04 -5.13
CA ILE D 635 -19.24 -7.94 -4.40
C ILE D 635 -17.79 -7.52 -4.61
N SER D 636 -17.41 -7.14 -5.82
CA SER D 636 -16.03 -6.74 -6.08
C SER D 636 -15.71 -5.50 -5.26
N SER D 637 -16.66 -4.57 -5.16
CA SER D 637 -16.48 -3.40 -4.33
C SER D 637 -16.27 -3.79 -2.88
N TYR D 638 -17.04 -4.73 -2.35
CA TYR D 638 -16.79 -5.16 -0.99
C TYR D 638 -15.38 -5.72 -0.78
N THR D 639 -14.95 -6.58 -1.67
CA THR D 639 -13.62 -7.19 -1.52
C THR D 639 -12.51 -6.15 -1.64
N ALA D 640 -12.63 -5.27 -2.62
CA ALA D 640 -11.64 -4.25 -2.91
C ALA D 640 -11.49 -3.30 -1.72
N ASN D 641 -12.63 -2.84 -1.18
CA ASN D 641 -12.56 -1.90 -0.11
C ASN D 641 -12.06 -2.57 1.15
N LEU D 642 -12.37 -3.83 1.38
CA LEU D 642 -11.87 -4.47 2.58
C LEU D 642 -10.37 -4.63 2.45
N ALA D 643 -9.88 -4.89 1.24
CA ALA D 643 -8.43 -4.99 1.05
C ALA D 643 -7.79 -3.66 1.42
N ALA D 644 -8.36 -2.57 0.93
CA ALA D 644 -7.88 -1.23 1.20
C ALA D 644 -7.81 -1.02 2.70
N PHE D 645 -8.90 -1.31 3.42
N PHE D 645 -8.89 -1.32 3.42
CA PHE D 645 -8.88 -1.13 4.85
CA PHE D 645 -8.87 -1.12 4.87
C PHE D 645 -7.76 -1.92 5.51
C PHE D 645 -7.74 -1.92 5.51
N LEU D 646 -7.60 -3.20 5.18
CA LEU D 646 -6.63 -4.03 5.87
C LEU D 646 -5.20 -3.67 5.44
N THR D 647 -5.02 -3.00 4.31
CA THR D 647 -3.68 -2.71 3.82
C THR D 647 -3.13 -1.50 4.56
N VAL D 648 -3.94 -0.45 4.72
CA VAL D 648 -3.43 0.78 5.29
C VAL D 648 -4.27 1.14 6.53
N GLU D 649 -3.59 1.41 7.65
CA GLU D 649 -4.28 1.72 8.89
C GLU D 649 -4.35 3.23 9.07
N ARG D 650 -5.58 3.74 9.16
CA ARG D 650 -5.84 5.14 9.44
C ARG D 650 -6.52 5.18 10.81
N MET D 651 -5.74 5.66 11.78
CA MET D 651 -6.20 5.90 13.13
C MET D 651 -6.56 7.37 13.28
N VAL D 652 -7.76 7.64 13.81
CA VAL D 652 -8.31 8.99 13.82
C VAL D 652 -8.54 9.37 15.28
N SER D 653 -8.10 10.59 15.64
CA SER D 653 -8.35 11.16 16.95
C SER D 653 -9.79 11.65 16.99
N PRO D 654 -10.60 11.30 18.01
CA PRO D 654 -11.98 11.80 18.08
C PRO D 654 -12.07 13.32 18.21
N ILE D 655 -11.11 13.90 18.96
CA ILE D 655 -11.06 15.31 19.26
C ILE D 655 -10.03 15.96 18.35
N GLU D 656 -10.36 17.16 17.86
CA GLU D 656 -9.42 17.95 17.08
C GLU D 656 -9.48 19.44 17.44
N SER D 657 -10.20 19.81 18.51
CA SER D 657 -10.39 21.20 18.89
C SER D 657 -11.06 21.26 20.25
N ALA D 658 -11.23 22.48 20.79
CA ALA D 658 -11.84 22.66 22.09
C ALA D 658 -13.36 22.63 21.99
N GLU D 659 -13.92 23.20 20.90
CA GLU D 659 -15.35 23.13 20.67
C GLU D 659 -15.84 21.68 20.62
N ASP D 660 -15.01 20.76 20.16
CA ASP D 660 -15.37 19.36 20.19
C ASP D 660 -15.47 18.85 21.61
N LEU D 661 -14.51 19.16 22.47
CA LEU D 661 -14.67 18.83 23.89
C LEU D 661 -15.93 19.46 24.47
N ALA D 662 -16.30 20.66 23.97
CA ALA D 662 -17.48 21.35 24.44
C ALA D 662 -18.76 20.57 24.08
N LYS D 663 -18.91 20.26 22.78
CA LYS D 663 -20.15 19.71 22.28
C LYS D 663 -20.33 18.26 22.72
N GLN D 664 -19.27 17.45 22.68
CA GLN D 664 -19.36 16.05 23.10
C GLN D 664 -19.52 15.99 24.62
N THR D 665 -19.88 14.81 25.12
CA THR D 665 -20.04 14.59 26.56
C THR D 665 -19.37 13.30 27.03
N GLU D 666 -19.05 12.36 26.13
CA GLU D 666 -18.53 11.05 26.52
C GLU D 666 -17.13 11.14 27.11
N ILE D 667 -16.33 12.10 26.61
CA ILE D 667 -14.98 12.37 27.08
C ILE D 667 -15.02 13.47 28.15
N ALA D 668 -14.39 13.16 29.29
CA ALA D 668 -14.24 14.11 30.38
C ALA D 668 -13.04 14.99 30.09
N TYR D 669 -12.97 16.12 30.80
CA TYR D 669 -11.78 16.95 30.73
C TYR D 669 -11.72 17.93 31.88
N GLY D 670 -10.52 18.09 32.46
CA GLY D 670 -10.35 18.97 33.60
C GLY D 670 -8.94 19.49 33.71
N THR D 671 -8.76 20.49 34.57
CA THR D 671 -7.53 21.24 34.70
C THR D 671 -6.89 20.95 36.05
N LEU D 672 -5.80 21.66 36.34
CA LEU D 672 -5.24 21.72 37.67
C LEU D 672 -5.97 22.79 38.46
N GLU D 673 -6.32 22.48 39.72
CA GLU D 673 -6.92 23.47 40.60
C GLU D 673 -5.93 24.59 40.93
N ALA D 674 -4.66 24.25 41.09
CA ALA D 674 -3.67 25.18 41.63
C ALA D 674 -3.37 26.35 40.69
N GLY D 675 -3.50 26.13 39.37
CA GLY D 675 -2.86 26.98 38.39
C GLY D 675 -3.80 28.00 37.79
N SER D 676 -3.21 28.82 36.92
CA SER D 676 -3.88 29.89 36.22
C SER D 676 -4.81 29.39 35.13
N THR D 677 -4.59 28.16 34.63
CA THR D 677 -5.42 27.57 33.58
C THR D 677 -6.89 27.52 34.01
N LYS D 678 -7.11 27.00 35.24
CA LYS D 678 -8.44 26.94 35.80
C LYS D 678 -9.09 28.33 35.82
N GLU D 679 -8.30 29.33 36.24
CA GLU D 679 -8.78 30.69 36.35
C GLU D 679 -9.16 31.24 34.99
N PHE D 680 -8.40 30.91 33.93
CA PHE D 680 -8.75 31.35 32.59
C PHE D 680 -10.19 30.97 32.26
N PHE D 681 -10.56 29.74 32.62
CA PHE D 681 -11.90 29.24 32.36
C PHE D 681 -12.92 29.88 33.30
N ARG D 682 -12.55 29.98 34.59
CA ARG D 682 -13.44 30.50 35.61
C ARG D 682 -13.95 31.90 35.27
N ARG D 683 -13.09 32.70 34.65
CA ARG D 683 -13.50 34.06 34.35
C ARG D 683 -13.70 34.29 32.86
N SER D 684 -13.82 33.25 32.03
CA SER D 684 -13.56 33.43 30.59
C SER D 684 -14.46 34.49 29.94
N LYS D 685 -15.76 34.17 29.77
CA LYS D 685 -16.75 34.99 29.10
C LYS D 685 -16.70 34.86 27.57
N ILE D 686 -15.95 33.89 27.05
CA ILE D 686 -16.16 33.39 25.69
C ILE D 686 -17.16 32.24 25.80
N ALA D 687 -18.06 32.14 24.81
CA ALA D 687 -19.15 31.19 24.83
C ALA D 687 -18.67 29.76 25.08
N VAL D 688 -17.72 29.33 24.25
CA VAL D 688 -17.25 27.94 24.29
C VAL D 688 -16.63 27.65 25.65
N PHE D 689 -15.77 28.56 26.11
CA PHE D 689 -15.04 28.32 27.35
C PHE D 689 -15.96 28.49 28.55
N GLU D 690 -16.95 29.38 28.46
CA GLU D 690 -17.95 29.50 29.51
C GLU D 690 -18.71 28.17 29.65
N LYS D 691 -19.12 27.60 28.52
CA LYS D 691 -19.82 26.32 28.52
C LYS D 691 -18.93 25.23 29.13
N MET D 692 -17.65 25.22 28.75
CA MET D 692 -16.72 24.24 29.27
C MET D 692 -16.57 24.41 30.78
N TRP D 693 -16.56 25.65 31.27
CA TRP D 693 -16.47 25.90 32.69
C TRP D 693 -17.71 25.40 33.40
N THR D 694 -18.88 25.68 32.83
CA THR D 694 -20.13 25.22 33.42
C THR D 694 -20.11 23.70 33.57
N TYR D 695 -19.65 22.99 32.52
CA TYR D 695 -19.49 21.55 32.60
C TYR D 695 -18.53 21.17 33.72
N MET D 696 -17.32 21.74 33.69
CA MET D 696 -16.23 21.29 34.53
C MET D 696 -16.56 21.49 36.00
N LYS D 697 -17.26 22.58 36.33
CA LYS D 697 -17.63 22.83 37.71
C LYS D 697 -18.60 21.76 38.22
N SER D 698 -19.62 21.44 37.40
CA SER D 698 -20.62 20.45 37.76
C SER D 698 -20.24 19.10 37.15
N ALA D 699 -19.16 18.50 37.67
CA ALA D 699 -18.65 17.23 37.17
C ALA D 699 -18.38 16.31 38.36
N GLU D 700 -18.91 15.09 38.27
CA GLU D 700 -18.81 14.10 39.33
C GLU D 700 -18.43 12.76 38.69
N PRO D 701 -17.26 12.14 39.00
CA PRO D 701 -16.31 12.62 40.03
C PRO D 701 -15.56 13.88 39.59
N SER D 702 -14.62 14.32 40.44
CA SER D 702 -13.88 15.55 40.20
C SER D 702 -13.01 15.40 38.96
N VAL D 703 -13.20 16.30 37.99
CA VAL D 703 -12.34 16.37 36.80
C VAL D 703 -10.96 16.96 37.15
N PHE D 704 -10.88 17.75 38.22
CA PHE D 704 -9.63 18.40 38.57
C PHE D 704 -8.63 17.41 39.15
N VAL D 705 -7.34 17.76 39.12
CA VAL D 705 -6.26 16.99 39.73
C VAL D 705 -5.41 17.94 40.58
N ARG D 706 -4.48 17.38 41.38
CA ARG D 706 -3.63 18.18 42.27
C ARG D 706 -2.43 18.70 41.51
N THR D 707 -1.73 17.80 40.79
CA THR D 707 -0.48 18.14 40.12
C THR D 707 -0.49 17.63 38.68
N THR D 708 0.36 18.22 37.84
CA THR D 708 0.43 17.86 36.43
C THR D 708 0.73 16.38 36.27
N GLU D 709 1.56 15.81 37.17
CA GLU D 709 1.85 14.37 37.14
C GLU D 709 0.56 13.56 37.29
N GLU D 710 -0.31 13.99 38.21
CA GLU D 710 -1.57 13.29 38.48
C GLU D 710 -2.46 13.33 37.24
N GLY D 711 -2.57 14.51 36.63
CA GLY D 711 -3.35 14.67 35.41
C GLY D 711 -2.82 13.82 34.27
N MET D 712 -1.49 13.79 34.12
CA MET D 712 -0.85 13.00 33.08
C MET D 712 -1.18 11.53 33.30
N ILE D 713 -1.07 11.04 34.53
CA ILE D 713 -1.36 9.64 34.83
C ILE D 713 -2.84 9.35 34.59
N ARG D 714 -3.72 10.27 34.96
CA ARG D 714 -5.14 10.07 34.74
C ARG D 714 -5.44 9.93 33.25
N VAL D 715 -4.84 10.79 32.43
CA VAL D 715 -5.02 10.70 30.98
C VAL D 715 -4.50 9.36 30.49
N ARG D 716 -3.31 8.96 30.98
CA ARG D 716 -2.70 7.71 30.53
C ARG D 716 -3.62 6.51 30.85
N LYS D 717 -4.14 6.46 32.08
CA LYS D 717 -4.75 5.24 32.60
C LYS D 717 -6.06 4.98 31.86
N SER D 718 -6.87 6.02 31.71
CA SER D 718 -8.16 5.92 31.05
C SER D 718 -7.93 5.61 29.57
N LYS D 719 -8.86 4.83 29.00
CA LYS D 719 -8.84 4.52 27.58
C LYS D 719 -9.54 5.67 26.85
N GLY D 720 -8.95 6.85 26.93
CA GLY D 720 -9.30 7.95 26.04
C GLY D 720 -10.63 8.61 26.36
N LYS D 721 -10.99 8.62 27.65
CA LYS D 721 -12.23 9.27 28.10
C LYS D 721 -11.96 10.53 28.92
N TYR D 722 -10.69 10.89 29.15
CA TYR D 722 -10.32 12.09 29.87
C TYR D 722 -9.28 12.85 29.06
N ALA D 723 -9.52 14.15 28.87
CA ALA D 723 -8.58 15.04 28.21
C ALA D 723 -8.13 16.08 29.22
N TYR D 724 -6.82 16.33 29.30
CA TYR D 724 -6.27 17.26 30.27
C TYR D 724 -5.90 18.57 29.59
N LEU D 725 -6.29 19.70 30.21
CA LEU D 725 -5.97 21.02 29.69
C LEU D 725 -4.77 21.61 30.43
N LEU D 726 -3.74 22.01 29.70
CA LEU D 726 -2.49 22.45 30.29
C LEU D 726 -1.73 23.34 29.31
N GLU D 727 -0.61 23.89 29.78
CA GLU D 727 0.21 24.78 28.97
C GLU D 727 0.79 24.01 27.78
N SER D 728 0.83 24.65 26.61
CA SER D 728 1.19 23.98 25.38
C SER D 728 2.62 23.47 25.43
N THR D 729 3.51 24.22 26.06
CA THR D 729 4.91 23.86 26.06
C THR D 729 5.13 22.58 26.84
N MET D 730 4.51 22.50 28.02
CA MET D 730 4.59 21.28 28.81
C MET D 730 3.96 20.11 28.05
N ASN D 731 2.88 20.39 27.35
CA ASN D 731 2.21 19.36 26.56
C ASN D 731 3.18 18.78 25.53
N GLU D 732 3.80 19.64 24.74
CA GLU D 732 4.69 19.18 23.68
C GLU D 732 5.86 18.41 24.28
N TYR D 733 6.37 18.88 25.44
CA TYR D 733 7.48 18.20 26.06
C TYR D 733 7.07 16.79 26.45
N ILE D 734 5.96 16.69 27.20
CA ILE D 734 5.47 15.39 27.64
C ILE D 734 5.24 14.49 26.44
N GLU D 735 4.74 15.03 25.33
CA GLU D 735 4.45 14.23 24.15
C GLU D 735 5.71 13.53 23.66
N GLN D 736 6.89 14.14 23.81
CA GLN D 736 8.12 13.55 23.29
C GLN D 736 8.85 12.70 24.32
N ARG D 737 8.30 12.53 25.53
CA ARG D 737 8.92 11.74 26.58
C ARG D 737 8.15 10.43 26.80
N LYS D 738 8.85 9.48 27.44
CA LYS D 738 8.38 8.10 27.55
C LYS D 738 7.18 8.04 28.49
N PRO D 739 6.20 7.13 28.30
CA PRO D 739 6.25 6.07 27.29
C PRO D 739 5.89 6.47 25.86
N CYS D 740 5.66 7.78 25.63
CA CYS D 740 5.28 8.31 24.34
C CYS D 740 3.93 7.75 23.91
N ASP D 741 2.91 7.98 24.74
CA ASP D 741 1.55 7.53 24.45
C ASP D 741 0.50 8.63 24.63
N THR D 742 0.91 9.91 24.51
CA THR D 742 -0.04 11.02 24.53
C THR D 742 0.23 11.91 23.34
N MET D 743 -0.71 12.81 23.09
CA MET D 743 -0.51 13.85 22.11
C MET D 743 -1.31 15.10 22.45
N LYS D 744 -0.87 16.22 21.84
CA LYS D 744 -1.62 17.45 21.93
C LYS D 744 -2.49 17.54 20.70
N VAL D 745 -3.72 18.00 20.91
CA VAL D 745 -4.68 18.12 19.84
C VAL D 745 -5.18 19.55 19.75
N GLY D 746 -5.35 20.00 18.50
CA GLY D 746 -5.91 21.30 18.23
C GLY D 746 -4.90 22.41 18.43
N GLY D 747 -5.41 23.65 18.29
CA GLY D 747 -4.63 24.85 18.54
C GLY D 747 -4.62 25.21 20.02
N ASN D 748 -4.01 26.36 20.31
CA ASN D 748 -4.04 26.90 21.65
C ASN D 748 -5.37 27.60 21.87
N LEU D 749 -5.83 27.59 23.12
CA LEU D 749 -7.10 28.22 23.46
C LEU D 749 -6.88 29.70 23.77
N ASP D 750 -5.73 30.03 24.34
CA ASP D 750 -5.39 31.40 24.69
C ASP D 750 -3.95 31.67 24.21
N SER D 751 -3.48 32.90 24.41
CA SER D 751 -2.14 33.32 24.01
C SER D 751 -1.45 33.97 25.20
N LYS D 752 -0.26 33.49 25.53
CA LYS D 752 0.56 34.12 26.54
C LYS D 752 2.03 33.87 26.26
N GLY D 753 2.91 34.50 27.05
CA GLY D 753 4.34 34.55 26.71
C GLY D 753 5.20 34.33 27.95
N TYR D 754 6.42 33.84 27.77
CA TYR D 754 7.41 33.84 28.82
C TYR D 754 8.46 34.89 28.51
N GLY D 755 8.81 35.65 29.55
CA GLY D 755 9.77 36.73 29.42
C GLY D 755 10.89 36.60 30.45
N ILE D 756 11.97 37.35 30.17
CA ILE D 756 13.04 37.55 31.13
C ILE D 756 12.70 38.77 31.96
N ALA D 757 12.74 38.58 33.29
CA ALA D 757 12.34 39.63 34.22
C ALA D 757 13.58 40.27 34.84
N THR D 758 13.47 41.57 35.18
CA THR D 758 14.52 42.29 35.90
C THR D 758 13.87 43.18 36.94
N PRO D 759 14.59 43.56 38.03
CA PRO D 759 14.02 44.45 39.06
C PRO D 759 13.59 45.79 38.48
N LYS D 760 12.59 46.39 39.11
CA LYS D 760 11.87 47.52 38.55
C LYS D 760 12.80 48.65 38.08
N GLY D 761 13.79 49.05 38.89
CA GLY D 761 14.64 50.18 38.53
C GLY D 761 15.91 49.80 37.75
N SER D 762 16.02 48.58 37.25
CA SER D 762 17.32 48.01 36.88
C SER D 762 17.84 48.64 35.59
N ALA D 763 19.17 48.67 35.47
CA ALA D 763 19.85 49.18 34.29
C ALA D 763 20.10 48.08 33.27
N LEU D 764 19.85 46.81 33.64
CA LEU D 764 19.95 45.68 32.73
C LEU D 764 18.78 45.64 31.74
N ARG D 765 17.69 46.36 32.01
CA ARG D 765 16.42 46.17 31.31
C ARG D 765 16.58 46.28 29.80
N GLY D 766 17.04 47.44 29.33
CA GLY D 766 17.13 47.70 27.90
C GLY D 766 18.06 46.71 27.18
N PRO D 767 19.27 46.49 27.71
CA PRO D 767 20.17 45.48 27.15
C PRO D 767 19.55 44.09 27.08
N VAL D 768 18.86 43.65 28.15
CA VAL D 768 18.27 42.31 28.17
C VAL D 768 17.19 42.22 27.09
N ASN D 769 16.35 43.25 26.99
CA ASN D 769 15.29 43.26 26.01
C ASN D 769 15.88 43.14 24.60
N LEU D 770 16.84 43.98 24.29
CA LEU D 770 17.43 43.94 22.96
C LEU D 770 18.13 42.60 22.73
N ALA D 771 18.72 41.99 23.77
CA ALA D 771 19.35 40.69 23.64
C ALA D 771 18.35 39.64 23.22
N VAL D 772 17.19 39.62 23.90
CA VAL D 772 16.16 38.65 23.58
C VAL D 772 15.70 38.85 22.14
N LEU D 773 15.42 40.09 21.74
CA LEU D 773 15.00 40.31 20.36
C LEU D 773 16.05 39.86 19.35
N LYS D 774 17.33 40.13 19.63
CA LYS D 774 18.41 39.74 18.74
C LYS D 774 18.44 38.22 18.60
N LEU D 775 18.36 37.52 19.74
CA LEU D 775 18.37 36.07 19.71
C LEU D 775 17.18 35.54 18.89
N SER D 776 15.98 36.09 19.12
CA SER D 776 14.82 35.69 18.36
C SER D 776 15.08 35.83 16.85
N GLU D 777 15.59 36.98 16.42
CA GLU D 777 15.72 37.26 15.00
C GLU D 777 16.83 36.43 14.34
N GLN D 778 17.85 36.04 15.12
CA GLN D 778 18.94 35.21 14.61
C GLN D 778 18.59 33.72 14.60
N GLY D 779 17.41 33.34 15.10
CA GLY D 779 16.98 31.96 15.07
C GLY D 779 17.58 31.12 16.20
N VAL D 780 18.21 31.76 17.18
CA VAL D 780 18.85 31.03 18.25
C VAL D 780 17.78 30.34 19.10
N LEU D 781 16.69 31.06 19.40
CA LEU D 781 15.70 30.56 20.36
C LEU D 781 14.95 29.35 19.79
N ASP D 782 14.60 29.44 18.50
CA ASP D 782 13.98 28.35 17.78
C ASP D 782 14.86 27.11 17.85
N LYS D 783 16.15 27.32 17.57
CA LYS D 783 17.13 26.24 17.56
C LYS D 783 17.19 25.57 18.94
N LEU D 784 17.22 26.38 19.98
CA LEU D 784 17.33 25.86 21.34
C LEU D 784 16.09 25.03 21.68
N LYS D 785 14.92 25.54 21.30
CA LYS D 785 13.68 24.82 21.56
C LYS D 785 13.70 23.48 20.82
N SER D 786 14.08 23.52 19.53
CA SER D 786 14.19 22.31 18.73
C SER D 786 15.11 21.31 19.40
N LYS D 787 16.26 21.77 19.88
CA LYS D 787 17.23 20.89 20.51
C LYS D 787 16.63 20.19 21.73
N TRP D 788 16.01 20.96 22.62
CA TRP D 788 15.66 20.46 23.94
C TRP D 788 14.27 19.83 23.99
N TRP D 789 13.48 19.95 22.90
CA TRP D 789 12.18 19.30 22.79
C TRP D 789 12.28 18.10 21.83
N TYR D 790 12.79 18.35 20.61
CA TYR D 790 12.72 17.40 19.51
C TYR D 790 14.01 16.60 19.37
N ASP D 791 15.17 17.27 19.30
CA ASP D 791 16.42 16.57 19.11
C ASP D 791 16.77 15.65 20.28
N LYS D 792 16.39 16.02 21.50
CA LYS D 792 16.55 15.13 22.64
C LYS D 792 15.33 14.22 22.83
N GLY D 793 14.34 14.28 21.92
CA GLY D 793 13.11 13.52 22.02
C GLY D 793 13.34 12.01 22.01
N GLU D 794 12.70 11.32 22.97
CA GLU D 794 12.85 9.89 23.12
C GLU D 794 12.26 9.17 21.90
N CYS D 795 11.03 9.53 21.53
CA CYS D 795 10.29 8.83 20.48
C CYS D 795 10.23 9.64 19.20
N GLY D 796 11.31 9.59 18.42
CA GLY D 796 11.35 10.23 17.10
C GLY D 796 10.36 9.65 16.11
N LYS D 803 4.43 0.69 9.43
CA LYS D 803 3.38 0.43 8.40
C LYS D 803 3.62 -0.92 7.70
N ASP D 804 3.79 -1.97 8.53
CA ASP D 804 4.31 -3.27 8.08
C ASP D 804 3.77 -4.36 9.01
N LYS D 805 4.09 -5.63 8.67
CA LYS D 805 3.72 -6.81 9.43
C LYS D 805 2.20 -6.79 9.64
N THR D 806 1.47 -6.89 8.53
CA THR D 806 0.02 -7.02 8.53
C THR D 806 -0.33 -8.40 9.08
N SER D 807 -1.36 -8.43 9.95
CA SER D 807 -1.68 -9.64 10.71
C SER D 807 -2.81 -10.47 10.09
N ALA D 808 -2.76 -11.79 10.33
CA ALA D 808 -3.87 -12.70 10.08
C ALA D 808 -5.15 -12.19 10.72
N LEU D 809 -6.26 -12.32 9.98
CA LEU D 809 -7.56 -12.03 10.57
C LEU D 809 -7.81 -13.04 11.66
N SER D 810 -8.29 -12.53 12.79
CA SER D 810 -8.56 -13.33 13.98
C SER D 810 -10.03 -13.67 14.03
N LEU D 811 -10.38 -14.63 14.88
CA LEU D 811 -11.77 -15.02 15.03
C LEU D 811 -12.64 -13.83 15.39
N SER D 812 -12.07 -12.82 16.02
CA SER D 812 -12.83 -11.71 16.56
C SER D 812 -13.39 -10.81 15.46
N ASN D 813 -12.69 -10.65 14.35
CA ASN D 813 -13.23 -9.78 13.30
C ASN D 813 -13.93 -10.58 12.22
N VAL D 814 -14.33 -11.83 12.51
CA VAL D 814 -15.41 -12.46 11.75
C VAL D 814 -16.39 -13.11 12.70
N ALA D 815 -16.41 -12.80 13.99
CA ALA D 815 -17.25 -13.54 14.93
C ALA D 815 -18.75 -13.35 14.65
N GLY D 816 -19.11 -12.16 14.18
CA GLY D 816 -20.48 -11.90 13.81
C GLY D 816 -21.05 -12.82 12.76
N VAL D 817 -20.23 -13.18 11.78
CA VAL D 817 -20.77 -14.06 10.76
C VAL D 817 -21.02 -15.44 11.35
N PHE D 818 -20.14 -15.90 12.24
CA PHE D 818 -20.41 -17.14 12.95
C PHE D 818 -21.70 -17.08 13.75
N TYR D 819 -21.94 -15.97 14.48
CA TYR D 819 -23.15 -15.86 15.27
C TYR D 819 -24.37 -15.87 14.36
N ILE D 820 -24.34 -15.10 13.27
CA ILE D 820 -25.48 -15.13 12.37
C ILE D 820 -25.71 -16.54 11.81
N LEU D 821 -24.62 -17.26 11.50
CA LEU D 821 -24.75 -18.60 10.98
C LEU D 821 -25.45 -19.50 11.97
N ILE D 822 -24.95 -19.57 13.19
CA ILE D 822 -25.55 -20.47 14.17
C ILE D 822 -26.97 -20.02 14.52
N GLY D 823 -27.22 -18.73 14.58
CA GLY D 823 -28.57 -18.26 14.72
C GLY D 823 -29.51 -18.77 13.63
N GLY D 824 -29.05 -18.70 12.39
CA GLY D 824 -29.83 -19.20 11.27
C GLY D 824 -30.11 -20.70 11.40
N LEU D 825 -29.15 -21.48 11.87
CA LEU D 825 -29.35 -22.91 12.00
C LEU D 825 -30.40 -23.19 13.05
N GLY D 826 -30.31 -22.49 14.18
CA GLY D 826 -31.33 -22.57 15.21
C GLY D 826 -32.71 -22.20 14.68
N LEU D 827 -32.80 -21.07 13.98
CA LEU D 827 -34.08 -20.65 13.42
C LEU D 827 -34.59 -21.68 12.43
N ALA D 828 -33.71 -22.30 11.63
CA ALA D 828 -34.15 -23.25 10.62
C ALA D 828 -34.78 -24.44 11.31
N MET D 829 -34.14 -24.90 12.39
CA MET D 829 -34.66 -26.04 13.10
C MET D 829 -36.03 -25.68 13.69
N LEU D 830 -36.16 -24.48 14.24
CA LEU D 830 -37.45 -24.07 14.78
C LEU D 830 -38.53 -24.06 13.71
N VAL D 831 -38.26 -23.46 12.56
CA VAL D 831 -39.23 -23.40 11.50
C VAL D 831 -39.58 -24.82 11.04
N ALA D 832 -38.62 -25.74 11.02
CA ALA D 832 -38.91 -27.10 10.62
C ALA D 832 -39.91 -27.72 11.58
N LEU D 833 -39.71 -27.50 12.89
CA LEU D 833 -40.63 -28.06 13.87
C LEU D 833 -42.03 -27.46 13.69
N ILE D 834 -42.10 -26.14 13.53
CA ILE D 834 -43.37 -25.49 13.35
C ILE D 834 -44.09 -26.05 12.12
N GLU D 835 -43.41 -26.11 10.97
CA GLU D 835 -44.04 -26.57 9.75
C GLU D 835 -44.49 -28.01 9.93
N PHE D 836 -43.70 -28.81 10.64
CA PHE D 836 -44.04 -30.21 10.83
C PHE D 836 -45.30 -30.33 11.63
N CYS D 837 -45.39 -29.60 12.75
CA CYS D 837 -46.60 -29.62 13.58
C CYS D 837 -47.82 -29.13 12.81
N TYR D 838 -47.66 -28.05 12.02
CA TYR D 838 -48.73 -27.52 11.20
C TYR D 838 -49.22 -28.58 10.21
N LYS D 839 -48.31 -29.27 9.51
CA LYS D 839 -48.70 -30.30 8.54
C LYS D 839 -49.24 -31.55 9.26
N SER D 840 -48.89 -31.76 10.54
CA SER D 840 -49.42 -32.88 11.31
C SER D 840 -50.91 -32.64 11.61
N ARG D 841 -51.24 -31.41 12.03
CA ARG D 841 -52.63 -31.03 12.31
C ARG D 841 -53.10 -29.98 11.29
N ASP E 4 -59.15 -18.53 0.33
CA ASP E 4 -58.79 -17.38 1.20
C ASP E 4 -58.95 -16.06 0.46
N ARG E 5 -59.85 -16.01 -0.53
CA ARG E 5 -60.00 -14.84 -1.38
C ARG E 5 -60.47 -13.64 -0.56
N GLY E 6 -61.41 -13.84 0.38
CA GLY E 6 -61.85 -12.77 1.27
C GLY E 6 -60.69 -12.16 2.05
N ILE E 7 -59.87 -13.02 2.65
CA ILE E 7 -58.72 -12.59 3.43
C ILE E 7 -57.68 -11.95 2.51
N GLN E 8 -57.51 -12.47 1.30
CA GLN E 8 -56.57 -11.89 0.35
C GLN E 8 -56.99 -10.47 0.00
N MET E 9 -58.29 -10.26 -0.24
CA MET E 9 -58.77 -8.94 -0.60
C MET E 9 -58.65 -8.01 0.61
N LEU E 10 -58.89 -8.54 1.83
CA LEU E 10 -58.74 -7.75 3.04
C LEU E 10 -57.30 -7.26 3.16
N ILE E 11 -56.35 -8.17 3.01
CA ILE E 11 -54.93 -7.83 3.08
C ILE E 11 -54.62 -6.77 2.03
N THR E 12 -55.08 -7.00 0.80
CA THR E 12 -54.81 -6.05 -0.27
C THR E 12 -55.30 -4.65 0.07
N THR E 13 -56.55 -4.53 0.54
CA THR E 13 -57.13 -3.22 0.83
C THR E 13 -56.45 -2.53 2.00
N VAL E 14 -56.27 -3.27 3.09
CA VAL E 14 -55.63 -2.72 4.28
C VAL E 14 -54.21 -2.28 3.92
N GLY E 15 -53.48 -3.15 3.20
CA GLY E 15 -52.12 -2.86 2.82
C GLY E 15 -52.03 -1.66 1.88
N ALA E 16 -52.96 -1.57 0.93
CA ALA E 16 -52.93 -0.43 0.01
C ALA E 16 -53.10 0.87 0.80
N PHE E 17 -54.06 0.88 1.74
CA PHE E 17 -54.28 2.06 2.56
C PHE E 17 -53.04 2.36 3.40
N ALA E 18 -52.46 1.33 4.03
CA ALA E 18 -51.29 1.51 4.87
C ALA E 18 -50.12 2.10 4.08
N ALA E 19 -49.85 1.55 2.90
CA ALA E 19 -48.74 2.02 2.08
C ALA E 19 -48.98 3.48 1.70
N PHE E 20 -50.19 3.81 1.26
CA PHE E 20 -50.49 5.17 0.84
C PHE E 20 -50.36 6.14 2.02
N SER E 21 -50.89 5.76 3.18
CA SER E 21 -50.82 6.63 4.35
C SER E 21 -49.38 6.88 4.76
N LEU E 22 -48.60 5.79 4.88
CA LEU E 22 -47.22 5.90 5.30
C LEU E 22 -46.45 6.79 4.32
N MET E 23 -46.64 6.59 3.02
CA MET E 23 -45.87 7.32 2.04
C MET E 23 -46.26 8.80 2.04
N THR E 24 -47.56 9.10 2.18
CA THR E 24 -48.02 10.48 2.19
C THR E 24 -47.52 11.23 3.43
N ILE E 25 -47.59 10.56 4.60
CA ILE E 25 -47.07 11.15 5.81
C ILE E 25 -45.58 11.45 5.62
N ALA E 26 -44.83 10.45 5.11
CA ALA E 26 -43.41 10.60 4.93
C ALA E 26 -43.10 11.79 4.04
N VAL E 27 -43.82 11.93 2.93
CA VAL E 27 -43.58 13.04 2.02
C VAL E 27 -43.95 14.37 2.67
N GLY E 28 -44.93 14.35 3.60
CA GLY E 28 -45.36 15.57 4.26
C GLY E 28 -44.47 16.00 5.43
N THR E 29 -44.25 15.07 6.36
CA THR E 29 -43.56 15.37 7.60
C THR E 29 -42.11 15.77 7.34
N ASP E 30 -41.43 16.24 8.40
CA ASP E 30 -40.09 16.80 8.28
C ASP E 30 -39.11 16.16 9.25
N TYR E 31 -39.14 14.83 9.35
CA TYR E 31 -38.18 14.11 10.17
C TYR E 31 -37.46 13.07 9.31
N TRP E 32 -36.98 13.46 8.14
CA TRP E 32 -36.13 12.58 7.35
C TRP E 32 -34.74 12.48 7.94
N LEU E 33 -34.14 13.63 8.24
CA LEU E 33 -32.74 13.67 8.60
C LEU E 33 -32.51 14.49 9.85
N TYR E 34 -31.80 13.93 10.82
CA TYR E 34 -31.24 14.70 11.92
C TYR E 34 -29.78 15.06 11.62
N SER E 35 -29.50 16.35 11.48
CA SER E 35 -28.16 16.83 11.21
C SER E 35 -27.85 18.04 12.10
N ARG E 36 -26.74 18.75 11.84
CA ARG E 36 -26.44 20.00 12.51
C ARG E 36 -26.29 21.08 11.44
N GLY E 37 -27.40 21.74 11.11
CA GLY E 37 -27.43 22.82 10.13
C GLY E 37 -27.81 24.12 10.82
N VAL E 38 -28.61 24.94 10.13
CA VAL E 38 -29.04 26.22 10.64
C VAL E 38 -30.46 26.48 10.16
N CYS E 39 -31.34 26.90 11.09
CA CYS E 39 -32.57 27.59 10.74
C CYS E 39 -32.30 29.08 10.94
N ARG E 40 -32.50 29.91 9.90
CA ARG E 40 -32.06 31.29 9.91
C ARG E 40 -33.25 32.22 9.70
N GLU E 54 -24.06 30.43 13.85
CA GLU E 54 -23.98 29.26 14.77
C GLU E 54 -24.81 28.12 14.19
N GLU E 55 -24.33 26.87 14.38
CA GLU E 55 -24.98 25.66 13.91
C GLU E 55 -25.47 24.86 15.11
N VAL E 56 -26.71 24.39 15.05
CA VAL E 56 -27.29 23.59 16.12
C VAL E 56 -27.93 22.33 15.53
N MET E 57 -28.38 21.42 16.40
CA MET E 57 -29.07 20.22 15.97
C MET E 57 -30.39 20.60 15.29
N THR E 58 -30.63 20.08 14.08
CA THR E 58 -31.82 20.38 13.30
C THR E 58 -32.61 19.11 13.05
N HIS E 59 -33.61 19.17 12.16
CA HIS E 59 -34.34 18.01 11.68
C HIS E 59 -34.99 18.40 10.36
N SER E 60 -34.35 18.01 9.27
CA SER E 60 -34.77 18.40 7.92
C SER E 60 -35.76 17.36 7.38
N GLY E 61 -36.44 17.70 6.29
CA GLY E 61 -37.33 16.79 5.58
C GLY E 61 -37.05 16.96 4.10
N LEU E 62 -38.07 16.83 3.26
CA LEU E 62 -37.87 16.92 1.82
C LEU E 62 -37.94 18.37 1.38
N TRP E 63 -38.55 19.25 2.19
CA TRP E 63 -38.85 20.62 1.80
C TRP E 63 -38.37 21.67 2.80
N ARG E 64 -38.45 21.40 4.12
CA ARG E 64 -38.13 22.36 5.17
C ARG E 64 -37.14 21.77 6.16
N THR E 65 -36.30 22.62 6.76
CA THR E 65 -35.38 22.28 7.84
C THR E 65 -35.78 23.06 9.09
N CYS E 66 -35.66 22.46 10.27
CA CYS E 66 -36.10 23.08 11.52
C CYS E 66 -35.11 22.88 12.65
N CYS E 67 -35.11 23.80 13.64
CA CYS E 67 -34.17 23.73 14.75
C CYS E 67 -34.79 22.88 15.86
N LEU E 68 -33.95 22.05 16.49
CA LEU E 68 -34.41 21.08 17.47
C LEU E 68 -34.16 21.55 18.91
N GLU E 69 -33.51 22.71 19.09
CA GLU E 69 -33.07 23.18 20.39
C GLU E 69 -32.68 24.67 20.31
N GLY E 70 -32.48 25.29 21.48
CA GLY E 70 -32.00 26.65 21.59
C GLY E 70 -33.12 27.67 21.37
N ALA E 71 -32.75 28.90 20.99
CA ALA E 71 -33.68 30.02 20.96
C ALA E 71 -34.63 29.90 19.78
N PHE E 72 -34.05 29.71 18.57
CA PHE E 72 -34.87 29.64 17.36
C PHE E 72 -35.58 28.30 17.22
N ARG E 73 -35.59 27.47 18.28
CA ARG E 73 -36.23 26.16 18.25
C ARG E 73 -37.66 26.29 17.74
N GLY E 74 -38.09 25.30 16.96
CA GLY E 74 -39.40 25.31 16.31
C GLY E 74 -39.44 26.17 15.04
N VAL E 75 -38.34 26.85 14.69
CA VAL E 75 -38.31 27.71 13.51
C VAL E 75 -37.83 26.87 12.34
N CYS E 76 -38.56 26.91 11.22
CA CYS E 76 -38.22 26.11 10.05
C CYS E 76 -38.04 27.02 8.85
N LYS E 77 -37.08 26.67 7.97
CA LYS E 77 -36.76 27.44 6.77
C LYS E 77 -36.79 26.49 5.56
N LYS E 78 -37.32 27.00 4.45
CA LYS E 78 -37.34 26.24 3.20
C LYS E 78 -35.92 25.81 2.86
N ILE E 79 -35.74 24.52 2.51
CA ILE E 79 -34.43 24.00 2.15
C ILE E 79 -33.99 24.66 0.85
N ASP E 80 -32.76 25.19 0.84
CA ASP E 80 -32.21 25.68 -0.41
C ASP E 80 -31.63 24.48 -1.12
N HIS E 81 -32.50 23.78 -1.87
CA HIS E 81 -32.09 22.55 -2.55
C HIS E 81 -30.90 22.80 -3.46
N PHE E 82 -30.93 23.94 -4.15
CA PHE E 82 -29.82 24.43 -4.94
C PHE E 82 -28.78 25.11 -4.05
N PRO E 83 -27.57 25.48 -4.56
CA PRO E 83 -26.57 26.16 -3.73
C PRO E 83 -27.03 27.52 -3.18
N ASP E 91 -21.09 20.35 -15.22
CA ASP E 91 -21.60 19.38 -14.21
C ASP E 91 -23.07 19.09 -14.50
N THR E 92 -23.34 18.36 -15.60
CA THR E 92 -24.68 17.96 -15.97
C THR E 92 -25.29 17.03 -14.91
N ALA E 93 -24.49 16.07 -14.44
CA ALA E 93 -24.99 15.05 -13.52
C ALA E 93 -25.40 15.67 -12.20
N GLU E 94 -24.56 16.55 -11.65
CA GLU E 94 -24.85 17.26 -10.41
C GLU E 94 -26.12 18.08 -10.59
N TYR E 95 -26.24 18.74 -11.75
CA TYR E 95 -27.42 19.56 -12.01
C TYR E 95 -28.68 18.71 -12.02
N LEU E 96 -28.64 17.58 -12.73
CA LEU E 96 -29.82 16.72 -12.82
C LEU E 96 -30.17 16.13 -11.45
N LEU E 97 -29.16 15.71 -10.69
CA LEU E 97 -29.44 15.16 -9.38
C LEU E 97 -30.10 16.23 -8.50
N ARG E 98 -29.54 17.45 -8.53
CA ARG E 98 -30.07 18.52 -7.70
C ARG E 98 -31.49 18.85 -8.12
N ALA E 99 -31.75 18.86 -9.43
CA ALA E 99 -33.09 19.11 -9.95
C ALA E 99 -34.08 18.05 -9.45
N VAL E 100 -33.72 16.80 -9.62
CA VAL E 100 -34.58 15.67 -9.30
C VAL E 100 -34.84 15.63 -7.80
N ARG E 101 -33.83 15.95 -7.00
CA ARG E 101 -34.00 15.93 -5.56
C ARG E 101 -34.78 17.12 -5.07
N ALA E 102 -34.68 18.24 -5.80
CA ALA E 102 -35.33 19.46 -5.37
C ALA E 102 -36.85 19.31 -5.46
N SER E 103 -37.30 18.76 -6.60
CA SER E 103 -38.71 18.55 -6.86
C SER E 103 -39.31 17.32 -6.19
N SER E 104 -38.50 16.46 -5.58
CA SER E 104 -39.00 15.23 -4.98
C SER E 104 -39.91 14.51 -5.98
N VAL E 105 -39.46 14.41 -7.23
CA VAL E 105 -40.24 13.79 -8.29
C VAL E 105 -40.71 12.40 -7.86
N PHE E 106 -39.73 11.61 -7.39
CA PHE E 106 -39.89 10.17 -7.24
C PHE E 106 -40.73 9.79 -6.03
N PRO E 107 -40.52 10.36 -4.83
CA PRO E 107 -41.50 10.17 -3.74
C PRO E 107 -42.92 10.56 -4.13
N ILE E 108 -43.08 11.65 -4.88
CA ILE E 108 -44.41 12.10 -5.27
C ILE E 108 -44.99 11.11 -6.28
N LEU E 109 -44.16 10.64 -7.22
CA LEU E 109 -44.66 9.69 -8.20
C LEU E 109 -45.08 8.38 -7.53
N SER E 110 -44.36 7.98 -6.48
CA SER E 110 -44.72 6.78 -5.77
C SER E 110 -46.04 7.01 -5.03
N VAL E 111 -46.29 8.22 -4.52
CA VAL E 111 -47.58 8.53 -3.89
C VAL E 111 -48.71 8.46 -4.92
N THR E 112 -48.47 9.04 -6.09
CA THR E 112 -49.44 9.00 -7.17
C THR E 112 -49.83 7.55 -7.52
N LEU E 113 -48.81 6.72 -7.75
CA LEU E 113 -49.07 5.35 -8.18
C LEU E 113 -49.75 4.56 -7.06
N LEU E 114 -49.42 4.81 -5.80
CA LEU E 114 -50.11 4.11 -4.74
C LEU E 114 -51.58 4.52 -4.75
N PHE E 115 -51.85 5.81 -5.01
CA PHE E 115 -53.22 6.28 -5.09
C PHE E 115 -53.98 5.53 -6.19
N PHE E 116 -53.40 5.46 -7.38
CA PHE E 116 -54.06 4.74 -8.48
C PHE E 116 -54.24 3.25 -8.21
N GLY E 117 -53.27 2.63 -7.54
CA GLY E 117 -53.40 1.24 -7.16
C GLY E 117 -54.57 1.05 -6.20
N GLY E 118 -54.69 1.95 -5.22
CA GLY E 118 -55.80 1.92 -4.28
C GLY E 118 -57.13 2.08 -5.01
N LEU E 119 -57.16 2.97 -6.01
CA LEU E 119 -58.37 3.17 -6.79
C LEU E 119 -58.77 1.89 -7.50
N CYS E 120 -57.81 1.21 -8.13
CA CYS E 120 -58.08 -0.06 -8.80
C CYS E 120 -58.57 -1.12 -7.81
N VAL E 121 -57.96 -1.19 -6.63
CA VAL E 121 -58.37 -2.18 -5.65
C VAL E 121 -59.82 -1.91 -5.23
N ALA E 122 -60.15 -0.64 -4.99
CA ALA E 122 -61.51 -0.29 -4.62
C ALA E 122 -62.48 -0.61 -5.75
N ALA E 123 -62.10 -0.23 -6.97
CA ALA E 123 -62.95 -0.41 -8.15
C ALA E 123 -63.19 -1.88 -8.46
N SER E 124 -62.29 -2.78 -8.05
CA SER E 124 -62.43 -4.19 -8.36
C SER E 124 -63.81 -4.70 -7.93
N GLU E 125 -64.20 -4.43 -6.68
CA GLU E 125 -65.42 -5.02 -6.13
C GLU E 125 -66.67 -4.48 -6.84
N PHE E 126 -66.65 -3.20 -7.21
CA PHE E 126 -67.79 -2.58 -7.85
C PHE E 126 -67.89 -2.98 -9.32
N HIS E 127 -66.85 -3.62 -9.88
CA HIS E 127 -66.87 -4.09 -11.25
C HIS E 127 -66.11 -5.43 -11.33
N ARG E 128 -66.82 -6.51 -10.96
CA ARG E 128 -66.25 -7.86 -10.94
C ARG E 128 -66.15 -8.47 -12.34
N SER E 129 -66.78 -7.85 -13.35
CA SER E 129 -66.80 -8.32 -14.72
C SER E 129 -65.37 -8.43 -15.29
N ARG E 130 -64.61 -7.34 -15.24
CA ARG E 130 -63.28 -7.28 -15.83
C ARG E 130 -62.23 -7.74 -14.82
N HIS E 131 -61.28 -8.55 -15.27
CA HIS E 131 -60.26 -9.13 -14.40
C HIS E 131 -59.09 -8.17 -14.22
N SER E 132 -58.67 -7.54 -15.32
CA SER E 132 -57.42 -6.78 -15.37
C SER E 132 -57.36 -5.67 -14.33
N VAL E 133 -58.49 -5.30 -13.73
CA VAL E 133 -58.50 -4.26 -12.73
C VAL E 133 -57.51 -4.61 -11.62
N ILE E 134 -57.66 -5.78 -10.99
CA ILE E 134 -56.78 -6.09 -9.86
C ILE E 134 -55.35 -6.32 -10.36
N LEU E 135 -55.20 -6.88 -11.56
CA LEU E 135 -53.86 -7.00 -12.11
C LEU E 135 -53.17 -5.63 -12.19
N SER E 136 -53.91 -4.65 -12.70
CA SER E 136 -53.36 -3.30 -12.81
C SER E 136 -53.07 -2.73 -11.44
N ALA E 137 -53.89 -3.05 -10.44
CA ALA E 137 -53.60 -2.66 -9.07
C ALA E 137 -52.21 -3.15 -8.70
N GLY E 138 -51.99 -4.44 -8.89
CA GLY E 138 -50.71 -5.04 -8.56
C GLY E 138 -49.56 -4.34 -9.27
N ILE E 139 -49.72 -4.06 -10.56
CA ILE E 139 -48.65 -3.44 -11.30
C ILE E 139 -48.37 -2.03 -10.79
N PHE E 140 -49.41 -1.28 -10.47
CA PHE E 140 -49.23 0.03 -9.89
C PHE E 140 -48.41 -0.07 -8.61
N PHE E 141 -48.78 -1.00 -7.72
CA PHE E 141 -48.05 -1.14 -6.49
C PHE E 141 -46.58 -1.48 -6.71
N VAL E 142 -46.30 -2.36 -7.63
CA VAL E 142 -44.93 -2.72 -7.91
C VAL E 142 -44.17 -1.49 -8.39
N SER E 143 -44.75 -0.78 -9.34
CA SER E 143 -44.12 0.42 -9.86
C SER E 143 -43.93 1.47 -8.75
N ALA E 144 -44.89 1.61 -7.83
CA ALA E 144 -44.74 2.52 -6.73
C ALA E 144 -43.48 2.18 -5.93
N GLY E 145 -43.34 0.90 -5.57
CA GLY E 145 -42.13 0.46 -4.90
C GLY E 145 -40.86 0.85 -5.65
N LEU E 146 -40.82 0.67 -6.97
CA LEU E 146 -39.62 1.03 -7.71
C LEU E 146 -39.34 2.52 -7.63
N SER E 147 -40.36 3.36 -7.81
CA SER E 147 -40.17 4.81 -7.67
C SER E 147 -39.65 5.14 -6.27
N ASN E 148 -40.20 4.47 -5.26
CA ASN E 148 -39.75 4.69 -3.91
C ASN E 148 -38.25 4.45 -3.81
N ILE E 149 -37.76 3.33 -4.34
CA ILE E 149 -36.35 3.01 -4.29
C ILE E 149 -35.53 4.12 -4.95
N ILE E 150 -35.95 4.54 -6.14
CA ILE E 150 -35.20 5.58 -6.82
C ILE E 150 -35.13 6.84 -5.94
N GLY E 151 -36.27 7.20 -5.35
CA GLY E 151 -36.34 8.30 -4.42
C GLY E 151 -35.29 8.21 -3.34
N ILE E 152 -35.28 7.07 -2.64
CA ILE E 152 -34.38 6.93 -1.51
C ILE E 152 -32.94 7.12 -2.00
N ILE E 153 -32.61 6.51 -3.12
CA ILE E 153 -31.25 6.61 -3.61
C ILE E 153 -30.92 8.06 -3.93
N VAL E 154 -31.78 8.72 -4.68
CA VAL E 154 -31.55 10.12 -5.01
C VAL E 154 -31.43 10.98 -3.75
N TYR E 155 -32.33 10.80 -2.80
CA TYR E 155 -32.24 11.54 -1.57
C TYR E 155 -30.89 11.35 -0.89
N ILE E 156 -30.51 10.10 -0.63
CA ILE E 156 -29.28 9.81 0.06
C ILE E 156 -28.09 10.38 -0.73
N SER E 157 -28.09 10.18 -2.02
CA SER E 157 -26.98 10.60 -2.85
C SER E 157 -26.85 12.12 -2.81
N ALA E 158 -27.99 12.83 -2.87
CA ALA E 158 -28.00 14.28 -2.86
C ALA E 158 -27.57 14.84 -1.50
N ASN E 159 -27.89 14.16 -0.42
CA ASN E 159 -27.38 14.55 0.87
C ASN E 159 -25.87 14.47 0.91
N ALA E 160 -25.28 13.41 0.32
CA ALA E 160 -23.84 13.24 0.35
C ALA E 160 -23.12 14.43 -0.27
N GLY E 161 -23.68 14.98 -1.34
CA GLY E 161 -23.14 16.16 -1.98
C GLY E 161 -23.25 17.41 -1.11
N SER E 171 -21.71 14.32 10.83
CA SER E 171 -22.55 13.23 11.40
C SER E 171 -24.03 13.53 11.16
N TYR E 172 -24.87 12.48 11.20
CA TYR E 172 -26.29 12.61 10.91
C TYR E 172 -26.99 11.30 11.24
N SER E 173 -28.33 11.33 11.14
CA SER E 173 -29.16 10.17 11.40
C SER E 173 -30.41 10.28 10.56
N TYR E 174 -31.19 9.19 10.47
CA TYR E 174 -32.41 9.20 9.69
C TYR E 174 -33.56 9.17 10.70
N GLY E 175 -34.60 9.95 10.41
CA GLY E 175 -35.73 10.05 11.30
C GLY E 175 -36.82 9.06 10.92
N TRP E 176 -38.00 9.24 11.51
CA TRP E 176 -39.09 8.31 11.33
C TRP E 176 -39.80 8.56 10.00
N SER E 177 -39.67 9.73 9.40
CA SER E 177 -40.24 9.97 8.09
C SER E 177 -39.57 9.11 7.00
N PHE E 178 -38.25 8.99 7.10
CA PHE E 178 -37.47 8.14 6.23
C PHE E 178 -37.95 6.70 6.34
N TYR E 179 -38.09 6.23 7.59
CA TYR E 179 -38.53 4.87 7.79
C TYR E 179 -39.96 4.65 7.36
N PHE E 180 -40.80 5.67 7.43
CA PHE E 180 -42.12 5.56 6.88
C PHE E 180 -42.06 5.29 5.39
N GLY E 181 -41.21 6.02 4.69
CA GLY E 181 -40.99 5.75 3.26
C GLY E 181 -40.54 4.30 3.00
N ALA E 182 -39.58 3.82 3.79
CA ALA E 182 -39.08 2.47 3.65
C ALA E 182 -40.18 1.43 3.86
N PHE E 183 -40.96 1.57 4.93
CA PHE E 183 -42.04 0.63 5.21
C PHE E 183 -43.12 0.70 4.13
N SER E 184 -43.34 1.89 3.59
CA SER E 184 -44.24 2.00 2.46
C SER E 184 -43.76 1.13 1.30
N PHE E 185 -42.45 1.15 1.01
CA PHE E 185 -41.92 0.32 -0.06
C PHE E 185 -42.21 -1.16 0.20
N ILE E 186 -41.91 -1.61 1.41
CA ILE E 186 -42.07 -3.03 1.71
C ILE E 186 -43.52 -3.44 1.55
N ILE E 187 -44.43 -2.69 2.16
CA ILE E 187 -45.85 -3.02 2.09
C ILE E 187 -46.34 -2.95 0.65
N ALA E 188 -45.92 -1.95 -0.11
CA ALA E 188 -46.34 -1.86 -1.50
C ALA E 188 -45.99 -3.13 -2.28
N GLU E 189 -44.77 -3.64 -2.07
CA GLU E 189 -44.34 -4.81 -2.80
C GLU E 189 -45.14 -6.04 -2.36
N ILE E 190 -45.42 -6.16 -1.06
CA ILE E 190 -46.24 -7.27 -0.57
C ILE E 190 -47.64 -7.21 -1.19
N VAL E 191 -48.24 -6.03 -1.22
CA VAL E 191 -49.58 -5.90 -1.74
C VAL E 191 -49.59 -6.20 -3.23
N GLY E 192 -48.56 -5.77 -3.95
CA GLY E 192 -48.45 -6.10 -5.37
C GLY E 192 -48.45 -7.61 -5.61
N VAL E 193 -47.72 -8.33 -4.75
CA VAL E 193 -47.61 -9.76 -4.92
C VAL E 193 -48.96 -10.40 -4.67
N VAL E 194 -49.63 -9.98 -3.61
CA VAL E 194 -50.95 -10.51 -3.28
C VAL E 194 -51.96 -10.23 -4.38
N ALA E 195 -51.96 -9.00 -4.90
CA ALA E 195 -52.85 -8.66 -6.00
C ALA E 195 -52.65 -9.57 -7.21
N VAL E 196 -51.39 -9.78 -7.61
CA VAL E 196 -51.11 -10.61 -8.75
C VAL E 196 -51.54 -12.05 -8.46
N HIS E 197 -51.39 -12.51 -7.21
CA HIS E 197 -51.90 -13.82 -6.86
C HIS E 197 -53.42 -13.90 -7.06
N ILE E 198 -54.15 -12.85 -6.67
CA ILE E 198 -55.59 -12.86 -6.83
C ILE E 198 -55.93 -13.01 -8.31
N TYR E 199 -55.28 -12.23 -9.16
CA TYR E 199 -55.57 -12.29 -10.58
C TYR E 199 -55.24 -13.67 -11.15
N ILE E 200 -54.10 -14.22 -10.75
CA ILE E 200 -53.65 -15.50 -11.25
C ILE E 200 -54.67 -16.55 -10.87
N GLU E 201 -55.12 -16.55 -9.62
CA GLU E 201 -56.01 -17.60 -9.16
C GLU E 201 -57.37 -17.44 -9.83
N LYS E 202 -57.82 -16.21 -10.08
CA LYS E 202 -59.07 -16.02 -10.82
C LYS E 202 -58.97 -16.65 -12.21
N HIS E 203 -57.91 -16.36 -12.96
CA HIS E 203 -57.77 -16.93 -14.29
C HIS E 203 -57.53 -18.42 -14.27
N GLN E 204 -56.86 -18.94 -13.23
CA GLN E 204 -56.63 -20.38 -13.12
C GLN E 204 -57.93 -21.11 -12.81
N GLN E 205 -58.72 -20.56 -11.88
CA GLN E 205 -59.96 -21.18 -11.45
C GLN E 205 -60.96 -21.18 -12.60
N LEU E 206 -61.14 -20.01 -13.24
CA LEU E 206 -62.21 -19.83 -14.23
C LEU E 206 -61.87 -20.62 -15.50
N ARG E 207 -60.61 -20.57 -15.93
CA ARG E 207 -60.14 -21.31 -17.10
C ARG E 207 -60.20 -22.82 -16.86
N ALA E 208 -60.00 -23.28 -15.61
CA ALA E 208 -59.95 -24.71 -15.30
C ALA E 208 -60.14 -24.95 -13.79
N ASP F 4 -41.52 -14.96 -43.10
CA ASP F 4 -40.42 -13.96 -43.03
C ASP F 4 -39.30 -14.30 -44.02
N ARG F 5 -39.52 -15.19 -45.00
CA ARG F 5 -38.44 -15.70 -45.82
C ARG F 5 -37.91 -14.57 -46.72
N GLY F 6 -38.83 -13.98 -47.49
CA GLY F 6 -38.53 -12.81 -48.29
C GLY F 6 -37.93 -11.67 -47.47
N ILE F 7 -38.47 -11.41 -46.28
CA ILE F 7 -38.00 -10.36 -45.41
C ILE F 7 -36.60 -10.72 -44.89
N GLN F 8 -36.37 -12.00 -44.56
CA GLN F 8 -35.07 -12.45 -44.12
C GLN F 8 -34.02 -12.19 -45.21
N MET F 9 -34.36 -12.51 -46.45
CA MET F 9 -33.40 -12.33 -47.53
C MET F 9 -33.17 -10.83 -47.79
N LEU F 10 -34.23 -10.03 -47.65
CA LEU F 10 -34.09 -8.59 -47.83
C LEU F 10 -33.16 -8.01 -46.77
N ILE F 11 -33.36 -8.40 -45.51
CA ILE F 11 -32.49 -7.96 -44.41
C ILE F 11 -31.06 -8.39 -44.72
N THR F 12 -30.87 -9.64 -45.11
CA THR F 12 -29.53 -10.13 -45.40
C THR F 12 -28.85 -9.28 -46.46
N THR F 13 -29.53 -9.00 -47.58
CA THR F 13 -28.92 -8.25 -48.68
C THR F 13 -28.63 -6.80 -48.31
N VAL F 14 -29.61 -6.14 -47.69
CA VAL F 14 -29.44 -4.76 -47.28
C VAL F 14 -28.29 -4.67 -46.28
N GLY F 15 -28.30 -5.58 -45.30
CA GLY F 15 -27.29 -5.60 -44.26
C GLY F 15 -25.90 -5.88 -44.82
N ALA F 16 -25.80 -6.80 -45.78
CA ALA F 16 -24.52 -7.10 -46.40
C ALA F 16 -23.96 -5.83 -47.02
N PHE F 17 -24.79 -5.14 -47.80
CA PHE F 17 -24.36 -3.91 -48.45
C PHE F 17 -23.98 -2.86 -47.41
N ALA F 18 -24.81 -2.68 -46.38
CA ALA F 18 -24.56 -1.69 -45.34
C ALA F 18 -23.22 -1.94 -44.62
N ALA F 19 -22.97 -3.21 -44.23
CA ALA F 19 -21.74 -3.55 -43.54
C ALA F 19 -20.54 -3.25 -44.42
N PHE F 20 -20.62 -3.67 -45.70
CA PHE F 20 -19.51 -3.48 -46.61
C PHE F 20 -19.25 -1.98 -46.81
N SER F 21 -20.31 -1.21 -47.02
CA SER F 21 -20.16 0.21 -47.26
C SER F 21 -19.54 0.91 -46.06
N LEU F 22 -20.09 0.63 -44.86
CA LEU F 22 -19.57 1.25 -43.65
C LEU F 22 -18.10 0.91 -43.44
N MET F 23 -17.72 -0.36 -43.62
CA MET F 23 -16.36 -0.75 -43.36
C MET F 23 -15.42 -0.14 -44.38
N THR F 24 -15.84 -0.07 -45.66
CA THR F 24 -15.00 0.49 -46.72
C THR F 24 -14.80 1.99 -46.49
N ILE F 25 -15.87 2.69 -46.15
CA ILE F 25 -15.75 4.11 -45.84
C ILE F 25 -14.78 4.29 -44.67
N ALA F 26 -14.97 3.52 -43.59
CA ALA F 26 -14.14 3.63 -42.41
C ALA F 26 -12.67 3.42 -42.78
N VAL F 27 -12.37 2.41 -43.58
CA VAL F 27 -10.99 2.15 -43.95
C VAL F 27 -10.45 3.28 -44.82
N GLY F 28 -11.34 3.94 -45.58
CA GLY F 28 -10.93 5.00 -46.50
C GLY F 28 -10.75 6.35 -45.80
N THR F 29 -11.76 6.78 -45.06
CA THR F 29 -11.79 8.09 -44.44
C THR F 29 -10.74 8.21 -43.36
N ASP F 30 -10.54 9.45 -42.88
CA ASP F 30 -9.42 9.81 -42.03
C ASP F 30 -9.91 10.52 -40.78
N TYR F 31 -10.93 9.98 -40.11
CA TYR F 31 -11.42 10.54 -38.86
C TYR F 31 -11.52 9.44 -37.82
N TRP F 32 -10.47 8.63 -37.68
CA TRP F 32 -10.43 7.65 -36.62
C TRP F 32 -10.15 8.33 -35.28
N LEU F 33 -9.10 9.14 -35.23
CA LEU F 33 -8.60 9.67 -33.97
C LEU F 33 -8.48 11.18 -34.01
N TYR F 34 -8.93 11.85 -32.95
CA TYR F 34 -8.67 13.26 -32.72
C TYR F 34 -7.59 13.43 -31.66
N SER F 35 -6.45 14.00 -32.02
CA SER F 35 -5.34 14.13 -31.09
C SER F 35 -4.47 15.33 -31.46
N ARG F 36 -3.52 15.66 -30.58
CA ARG F 36 -2.59 16.76 -30.79
C ARG F 36 -1.32 16.26 -31.46
N GLY F 37 -1.00 16.81 -32.62
CA GLY F 37 0.21 16.44 -33.35
C GLY F 37 0.52 17.44 -34.47
N VAL F 38 1.37 17.00 -35.39
CA VAL F 38 1.87 17.84 -36.47
C VAL F 38 1.74 17.08 -37.78
N CYS F 39 1.20 17.77 -38.78
CA CYS F 39 1.16 17.26 -40.15
C CYS F 39 2.29 17.87 -40.99
N ARG F 40 3.33 18.40 -40.33
CA ARG F 40 4.43 19.04 -41.04
C ARG F 40 5.38 17.97 -41.62
N GLU F 54 5.77 23.45 -32.85
CA GLU F 54 4.49 23.46 -32.08
C GLU F 54 3.48 22.55 -32.79
N GLU F 55 2.65 21.86 -31.99
CA GLU F 55 1.73 20.84 -32.47
C GLU F 55 0.30 21.32 -32.24
N VAL F 56 -0.54 21.16 -33.27
CA VAL F 56 -1.92 21.61 -33.23
C VAL F 56 -2.82 20.37 -33.14
N MET F 57 -4.12 20.60 -32.94
CA MET F 57 -5.12 19.54 -33.03
C MET F 57 -5.12 18.99 -34.45
N THR F 58 -5.35 17.69 -34.55
CA THR F 58 -5.36 17.00 -35.83
C THR F 58 -6.47 15.96 -35.83
N HIS F 59 -6.54 15.23 -36.95
CA HIS F 59 -7.31 14.02 -37.04
C HIS F 59 -6.54 13.01 -37.91
N SER F 60 -6.50 11.77 -37.43
CA SER F 60 -5.77 10.71 -38.09
C SER F 60 -6.76 9.65 -38.54
N GLY F 61 -6.42 8.94 -39.62
CA GLY F 61 -7.08 7.72 -40.00
C GLY F 61 -6.13 6.54 -39.84
N LEU F 62 -6.23 5.58 -40.74
CA LEU F 62 -5.31 4.46 -40.75
C LEU F 62 -4.02 4.84 -41.45
N TRP F 63 -4.08 5.84 -42.36
CA TRP F 63 -2.93 6.14 -43.21
C TRP F 63 -2.45 7.59 -43.07
N ARG F 64 -3.37 8.52 -43.29
CA ARG F 64 -3.03 9.94 -43.29
C ARG F 64 -3.33 10.55 -41.92
N THR F 65 -2.46 11.48 -41.51
CA THR F 65 -2.73 12.39 -40.39
C THR F 65 -2.80 13.82 -40.94
N CYS F 66 -3.82 14.58 -40.53
CA CYS F 66 -4.13 15.86 -41.15
C CYS F 66 -4.49 16.87 -40.07
N CYS F 67 -3.88 18.07 -40.14
CA CYS F 67 -4.18 19.15 -39.22
C CYS F 67 -5.52 19.79 -39.58
N LEU F 68 -6.32 20.15 -38.56
CA LEU F 68 -7.63 20.75 -38.80
C LEU F 68 -7.71 22.15 -38.20
N GLU F 69 -6.57 22.74 -37.83
CA GLU F 69 -6.52 24.15 -37.46
C GLU F 69 -5.08 24.64 -37.51
N GLY F 70 -4.88 25.83 -38.07
CA GLY F 70 -3.58 26.47 -38.17
C GLY F 70 -3.27 26.90 -39.60
N ALA F 71 -1.99 27.25 -39.83
CA ALA F 71 -1.46 27.59 -41.14
C ALA F 71 -1.58 26.43 -42.13
N PHE F 72 -1.19 25.24 -41.66
CA PHE F 72 -1.18 24.04 -42.48
C PHE F 72 -2.52 23.30 -42.37
N ARG F 73 -3.61 24.00 -42.02
CA ARG F 73 -4.90 23.34 -41.91
C ARG F 73 -5.26 22.70 -43.25
N GLY F 74 -5.76 21.46 -43.20
CA GLY F 74 -6.10 20.71 -44.39
C GLY F 74 -4.90 19.98 -45.03
N VAL F 75 -3.69 20.19 -44.50
CA VAL F 75 -2.52 19.44 -44.94
C VAL F 75 -2.61 18.02 -44.37
N CYS F 76 -2.09 17.05 -45.12
CA CYS F 76 -2.08 15.66 -44.71
C CYS F 76 -0.70 15.08 -44.92
N LYS F 77 -0.32 14.08 -44.12
CA LYS F 77 0.91 13.35 -44.35
C LYS F 77 0.74 11.89 -43.99
N LYS F 78 1.42 11.01 -44.73
CA LYS F 78 1.50 9.60 -44.39
C LYS F 78 2.00 9.46 -42.97
N ILE F 79 1.29 8.65 -42.17
CA ILE F 79 1.74 8.30 -40.82
C ILE F 79 3.04 7.51 -40.93
N ASP F 80 3.97 7.80 -40.02
CA ASP F 80 5.18 7.03 -39.87
C ASP F 80 4.96 5.97 -38.80
N HIS F 81 4.44 4.83 -39.22
CA HIS F 81 4.17 3.72 -38.30
C HIS F 81 5.47 3.28 -37.65
N PHE F 82 6.51 3.14 -38.47
CA PHE F 82 7.84 2.79 -38.00
C PHE F 82 8.64 4.07 -37.80
N PRO F 83 8.72 4.64 -36.56
CA PRO F 83 9.36 5.94 -36.34
C PRO F 83 10.87 5.94 -36.66
N ASP F 91 12.50 -6.33 -29.02
CA ASP F 91 11.07 -5.91 -28.93
C ASP F 91 10.28 -6.51 -30.10
N THR F 92 10.33 -7.84 -30.23
CA THR F 92 9.74 -8.53 -31.38
C THR F 92 8.23 -8.36 -31.42
N ALA F 93 7.57 -8.42 -30.26
CA ALA F 93 6.14 -8.19 -30.14
C ALA F 93 5.78 -6.77 -30.61
N GLU F 94 6.56 -5.78 -30.19
CA GLU F 94 6.34 -4.40 -30.61
C GLU F 94 6.49 -4.28 -32.12
N TYR F 95 7.48 -4.97 -32.68
CA TYR F 95 7.71 -4.96 -34.12
C TYR F 95 6.51 -5.57 -34.84
N LEU F 96 6.02 -6.73 -34.37
CA LEU F 96 4.86 -7.36 -35.01
C LEU F 96 3.62 -6.46 -34.90
N LEU F 97 3.40 -5.83 -33.75
CA LEU F 97 2.26 -4.94 -33.61
C LEU F 97 2.37 -3.80 -34.62
N ARG F 98 3.56 -3.20 -34.71
CA ARG F 98 3.80 -2.09 -35.63
C ARG F 98 3.56 -2.54 -37.08
N ALA F 99 4.03 -3.75 -37.42
CA ALA F 99 3.85 -4.29 -38.75
C ALA F 99 2.37 -4.45 -39.08
N VAL F 100 1.64 -5.10 -38.17
CA VAL F 100 0.25 -5.42 -38.39
C VAL F 100 -0.58 -4.15 -38.47
N ARG F 101 -0.23 -3.16 -37.65
CA ARG F 101 -0.96 -1.91 -37.66
C ARG F 101 -0.59 -1.02 -38.84
N ALA F 102 0.61 -1.22 -39.39
CA ALA F 102 1.06 -0.43 -40.53
C ALA F 102 0.32 -0.89 -41.77
N SER F 103 0.35 -2.21 -42.02
CA SER F 103 -0.36 -2.77 -43.15
C SER F 103 -1.88 -2.66 -42.98
N SER F 104 -2.33 -2.54 -41.72
CA SER F 104 -3.74 -2.63 -41.40
C SER F 104 -4.36 -3.82 -42.14
N VAL F 105 -3.67 -4.96 -42.04
CA VAL F 105 -4.11 -6.17 -42.68
C VAL F 105 -5.53 -6.51 -42.23
N PHE F 106 -5.87 -6.26 -40.95
CA PHE F 106 -7.10 -6.78 -40.39
C PHE F 106 -8.34 -6.02 -40.86
N PRO F 107 -8.38 -4.68 -40.82
CA PRO F 107 -9.44 -3.93 -41.49
C PRO F 107 -9.61 -4.24 -42.98
N ILE F 108 -8.50 -4.45 -43.68
CA ILE F 108 -8.61 -4.76 -45.10
C ILE F 108 -9.17 -6.16 -45.28
N LEU F 109 -8.73 -7.09 -44.44
CA LEU F 109 -9.25 -8.45 -44.53
C LEU F 109 -10.75 -8.47 -44.24
N SER F 110 -11.18 -7.62 -43.30
CA SER F 110 -12.59 -7.49 -42.97
C SER F 110 -13.37 -7.00 -44.18
N VAL F 111 -12.80 -6.07 -44.94
CA VAL F 111 -13.47 -5.57 -46.12
C VAL F 111 -13.53 -6.65 -47.20
N THR F 112 -12.43 -7.36 -47.39
CA THR F 112 -12.40 -8.46 -48.34
C THR F 112 -13.48 -9.51 -48.05
N LEU F 113 -13.57 -9.95 -46.79
CA LEU F 113 -14.51 -10.99 -46.42
C LEU F 113 -15.94 -10.47 -46.54
N LEU F 114 -16.19 -9.19 -46.24
CA LEU F 114 -17.53 -8.66 -46.44
C LEU F 114 -17.88 -8.69 -47.92
N PHE F 115 -16.90 -8.39 -48.77
CA PHE F 115 -17.13 -8.43 -50.20
C PHE F 115 -17.52 -9.84 -50.66
N PHE F 116 -16.77 -10.85 -50.23
CA PHE F 116 -17.07 -12.24 -50.58
C PHE F 116 -18.42 -12.68 -50.02
N GLY F 117 -18.77 -12.24 -48.82
CA GLY F 117 -20.05 -12.58 -48.25
C GLY F 117 -21.18 -12.00 -49.09
N GLY F 118 -21.03 -10.73 -49.49
CA GLY F 118 -22.04 -10.10 -50.34
C GLY F 118 -22.17 -10.83 -51.68
N LEU F 119 -21.02 -11.26 -52.22
CA LEU F 119 -21.03 -11.97 -53.48
C LEU F 119 -21.77 -13.31 -53.34
N CYS F 120 -21.52 -14.03 -52.25
CA CYS F 120 -22.23 -15.27 -51.98
C CYS F 120 -23.73 -15.02 -51.81
N VAL F 121 -24.12 -13.94 -51.13
CA VAL F 121 -25.53 -13.65 -50.95
C VAL F 121 -26.18 -13.43 -52.31
N ALA F 122 -25.50 -12.68 -53.18
CA ALA F 122 -26.00 -12.46 -54.54
C ALA F 122 -26.13 -13.77 -55.30
N ALA F 123 -25.09 -14.62 -55.23
CA ALA F 123 -25.08 -15.88 -55.96
C ALA F 123 -26.15 -16.86 -55.45
N SER F 124 -26.47 -16.81 -54.15
CA SER F 124 -27.40 -17.77 -53.56
C SER F 124 -28.75 -17.69 -54.25
N GLU F 125 -29.12 -16.48 -54.68
CA GLU F 125 -30.34 -16.26 -55.44
C GLU F 125 -30.38 -17.11 -56.72
N PHE F 126 -29.23 -17.48 -57.30
CA PHE F 126 -29.19 -18.31 -58.51
C PHE F 126 -29.21 -19.80 -58.19
N HIS F 127 -28.18 -20.28 -57.48
CA HIS F 127 -27.99 -21.73 -57.31
C HIS F 127 -28.78 -22.24 -56.12
N ARG F 128 -30.11 -22.35 -56.30
CA ARG F 128 -31.02 -22.78 -55.25
C ARG F 128 -30.88 -24.28 -54.94
N SER F 129 -30.31 -25.07 -55.89
CA SER F 129 -29.95 -26.45 -55.65
C SER F 129 -28.95 -26.57 -54.50
N ARG F 130 -27.83 -25.83 -54.57
CA ARG F 130 -26.78 -25.89 -53.57
C ARG F 130 -27.09 -24.89 -52.45
N HIS F 131 -27.47 -25.40 -51.28
CA HIS F 131 -27.80 -24.58 -50.13
C HIS F 131 -26.55 -23.88 -49.59
N SER F 132 -25.43 -24.62 -49.54
CA SER F 132 -24.23 -24.19 -48.83
C SER F 132 -23.77 -22.79 -49.21
N VAL F 133 -24.11 -22.33 -50.41
CA VAL F 133 -23.81 -20.96 -50.82
C VAL F 133 -24.20 -19.95 -49.73
N ILE F 134 -25.46 -19.98 -49.26
CA ILE F 134 -25.89 -19.00 -48.29
C ILE F 134 -25.19 -19.26 -46.96
N LEU F 135 -24.98 -20.53 -46.60
CA LEU F 135 -24.21 -20.82 -45.39
C LEU F 135 -22.82 -20.17 -45.51
N SER F 136 -22.19 -20.28 -46.67
CA SER F 136 -20.91 -19.64 -46.91
C SER F 136 -20.97 -18.14 -46.64
N ALA F 137 -22.04 -17.51 -47.14
CA ALA F 137 -22.24 -16.10 -46.86
C ALA F 137 -22.19 -15.85 -45.36
N GLY F 138 -22.99 -16.60 -44.63
CA GLY F 138 -23.01 -16.52 -43.18
C GLY F 138 -21.61 -16.56 -42.61
N ILE F 139 -20.86 -17.60 -42.96
CA ILE F 139 -19.54 -17.76 -42.37
C ILE F 139 -18.63 -16.59 -42.71
N PHE F 140 -18.66 -16.14 -43.94
CA PHE F 140 -17.86 -14.98 -44.32
C PHE F 140 -18.16 -13.78 -43.42
N PHE F 141 -19.44 -13.48 -43.25
CA PHE F 141 -19.81 -12.33 -42.43
C PHE F 141 -19.31 -12.50 -40.99
N VAL F 142 -19.51 -13.69 -40.42
CA VAL F 142 -19.06 -13.89 -39.06
C VAL F 142 -17.55 -13.66 -38.99
N SER F 143 -16.82 -14.26 -39.90
CA SER F 143 -15.37 -14.09 -39.95
C SER F 143 -14.96 -12.63 -40.11
N ALA F 144 -15.69 -11.89 -40.95
CA ALA F 144 -15.40 -10.47 -41.11
C ALA F 144 -15.48 -9.77 -39.77
N GLY F 145 -16.57 -9.98 -39.04
CA GLY F 145 -16.67 -9.48 -37.68
C GLY F 145 -15.42 -9.78 -36.84
N LEU F 146 -14.96 -11.04 -36.81
CA LEU F 146 -13.79 -11.34 -35.99
C LEU F 146 -12.58 -10.51 -36.43
N SER F 147 -12.31 -10.44 -37.74
CA SER F 147 -11.15 -9.69 -38.19
C SER F 147 -11.31 -8.22 -37.79
N ASN F 148 -12.51 -7.69 -37.94
CA ASN F 148 -12.79 -6.34 -37.51
C ASN F 148 -12.39 -6.11 -36.05
N ILE F 149 -12.80 -7.00 -35.15
CA ILE F 149 -12.48 -6.82 -33.74
C ILE F 149 -10.96 -6.84 -33.55
N ILE F 150 -10.27 -7.77 -34.21
CA ILE F 150 -8.81 -7.79 -34.08
C ILE F 150 -8.22 -6.45 -34.52
N GLY F 151 -8.70 -5.97 -35.68
CA GLY F 151 -8.35 -4.65 -36.16
C GLY F 151 -8.42 -3.58 -35.06
N ILE F 152 -9.59 -3.46 -34.46
CA ILE F 152 -9.80 -2.44 -33.47
C ILE F 152 -8.82 -2.61 -32.32
N ILE F 153 -8.65 -3.82 -31.82
CA ILE F 153 -7.73 -4.01 -30.70
C ILE F 153 -6.33 -3.59 -31.09
N VAL F 154 -5.87 -4.07 -32.25
CA VAL F 154 -4.55 -3.71 -32.75
C VAL F 154 -4.41 -2.20 -32.88
N TYR F 155 -5.39 -1.58 -33.51
CA TYR F 155 -5.37 -0.14 -33.62
C TYR F 155 -5.25 0.53 -32.26
N ILE F 156 -6.17 0.28 -31.34
CA ILE F 156 -6.13 0.90 -30.04
C ILE F 156 -4.81 0.54 -29.34
N SER F 157 -4.38 -0.70 -29.42
CA SER F 157 -3.21 -1.12 -28.68
C SER F 157 -1.99 -0.35 -29.17
N ALA F 158 -1.91 -0.16 -30.50
CA ALA F 158 -0.79 0.52 -31.11
C ALA F 158 -0.82 2.01 -30.81
N ASN F 159 -2.01 2.62 -30.79
CA ASN F 159 -2.04 4.07 -30.65
C ASN F 159 -1.52 4.50 -29.30
N ALA F 160 -2.14 3.96 -28.26
CA ALA F 160 -1.82 4.40 -26.91
C ALA F 160 -0.38 4.07 -26.56
N GLY F 161 0.20 2.99 -27.14
CA GLY F 161 1.61 2.71 -27.02
C GLY F 161 2.52 3.78 -27.62
N SER F 171 -4.20 13.76 -24.54
CA SER F 171 -5.57 13.19 -24.63
C SER F 171 -5.88 12.81 -26.08
N TYR F 172 -7.09 12.28 -26.30
CA TYR F 172 -7.54 11.90 -27.63
C TYR F 172 -9.03 11.64 -27.59
N SER F 173 -9.59 11.39 -28.79
CA SER F 173 -10.98 10.96 -28.93
C SER F 173 -11.12 10.17 -30.23
N TYR F 174 -12.27 9.52 -30.41
CA TYR F 174 -12.49 8.69 -31.58
C TYR F 174 -13.49 9.40 -32.47
N GLY F 175 -13.19 9.41 -33.79
CA GLY F 175 -14.05 10.09 -34.73
C GLY F 175 -15.12 9.15 -35.27
N TRP F 176 -15.82 9.60 -36.30
CA TRP F 176 -16.92 8.86 -36.87
C TRP F 176 -16.43 7.68 -37.71
N SER F 177 -15.18 7.72 -38.18
CA SER F 177 -14.64 6.61 -38.94
C SER F 177 -14.50 5.36 -38.09
N PHE F 178 -14.02 5.55 -36.86
CA PHE F 178 -13.90 4.49 -35.87
C PHE F 178 -15.27 3.87 -35.62
N TYR F 179 -16.27 4.71 -35.38
CA TYR F 179 -17.60 4.20 -35.10
C TYR F 179 -18.25 3.54 -36.33
N PHE F 180 -17.86 3.96 -37.53
CA PHE F 180 -18.29 3.25 -38.70
C PHE F 180 -17.77 1.82 -38.67
N GLY F 181 -16.50 1.65 -38.31
CA GLY F 181 -15.95 0.31 -38.15
C GLY F 181 -16.74 -0.53 -37.12
N ALA F 182 -17.05 0.09 -35.99
CA ALA F 182 -17.79 -0.60 -34.93
C ALA F 182 -19.18 -1.03 -35.40
N PHE F 183 -19.92 -0.14 -36.06
CA PHE F 183 -21.24 -0.48 -36.56
C PHE F 183 -21.16 -1.53 -37.66
N SER F 184 -20.10 -1.48 -38.47
CA SER F 184 -19.89 -2.53 -39.45
C SER F 184 -19.80 -3.90 -38.74
N PHE F 185 -19.08 -3.95 -37.60
CA PHE F 185 -18.94 -5.20 -36.89
C PHE F 185 -20.32 -5.71 -36.47
N ILE F 186 -21.11 -4.84 -35.87
CA ILE F 186 -22.39 -5.26 -35.34
C ILE F 186 -23.28 -5.79 -36.45
N ILE F 187 -23.39 -5.02 -37.55
CA ILE F 187 -24.24 -5.42 -38.66
C ILE F 187 -23.74 -6.73 -39.26
N ALA F 188 -22.43 -6.88 -39.41
CA ALA F 188 -21.90 -8.10 -39.97
C ALA F 188 -22.34 -9.32 -39.16
N GLU F 189 -22.27 -9.22 -37.85
CA GLU F 189 -22.63 -10.33 -37.00
C GLU F 189 -24.14 -10.63 -37.11
N ILE F 190 -24.97 -9.59 -37.17
CA ILE F 190 -26.40 -9.79 -37.33
C ILE F 190 -26.71 -10.47 -38.66
N VAL F 191 -26.07 -10.04 -39.74
CA VAL F 191 -26.33 -10.61 -41.04
C VAL F 191 -25.86 -12.06 -41.08
N GLY F 192 -24.73 -12.37 -40.43
CA GLY F 192 -24.27 -13.74 -40.34
C GLY F 192 -25.32 -14.63 -39.65
N VAL F 193 -25.95 -14.10 -38.60
CA VAL F 193 -26.92 -14.89 -37.86
C VAL F 193 -28.12 -15.17 -38.74
N VAL F 194 -28.58 -14.13 -39.43
CA VAL F 194 -29.73 -14.27 -40.31
C VAL F 194 -29.45 -15.25 -41.46
N ALA F 195 -28.27 -15.15 -42.06
CA ALA F 195 -27.90 -16.08 -43.12
C ALA F 195 -27.94 -17.53 -42.63
N VAL F 196 -27.35 -17.79 -41.48
CA VAL F 196 -27.33 -19.14 -40.96
C VAL F 196 -28.75 -19.60 -40.65
N HIS F 197 -29.61 -18.69 -40.20
CA HIS F 197 -31.02 -19.04 -40.02
C HIS F 197 -31.66 -19.47 -41.33
N ILE F 198 -31.35 -18.76 -42.42
CA ILE F 198 -31.91 -19.11 -43.71
C ILE F 198 -31.49 -20.53 -44.08
N TYR F 199 -30.23 -20.85 -43.93
CA TYR F 199 -29.77 -22.18 -44.27
C TYR F 199 -30.41 -23.24 -43.39
N ILE F 200 -30.53 -22.96 -42.09
CA ILE F 200 -31.14 -23.91 -41.17
C ILE F 200 -32.59 -24.18 -41.60
N GLU F 201 -33.32 -23.12 -41.94
CA GLU F 201 -34.71 -23.26 -42.34
C GLU F 201 -34.83 -24.05 -43.64
N LYS F 202 -33.90 -23.86 -44.58
CA LYS F 202 -33.88 -24.67 -45.80
C LYS F 202 -33.75 -26.15 -45.47
N HIS F 203 -32.75 -26.51 -44.66
CA HIS F 203 -32.52 -27.91 -44.33
C HIS F 203 -33.59 -28.46 -43.39
N GLN F 204 -34.38 -27.62 -42.72
CA GLN F 204 -35.49 -28.09 -41.91
C GLN F 204 -36.72 -28.33 -42.77
N GLN F 205 -37.05 -27.37 -43.63
CA GLN F 205 -38.18 -27.50 -44.56
C GLN F 205 -38.01 -28.71 -45.48
N LEU F 206 -36.77 -28.95 -45.95
CA LEU F 206 -36.46 -30.10 -46.78
C LEU F 206 -36.74 -31.43 -46.08
N ARG F 207 -36.39 -31.56 -44.79
CA ARG F 207 -36.68 -32.74 -43.99
C ARG F 207 -38.21 -32.97 -43.84
N ALA F 208 -38.99 -31.88 -43.76
CA ALA F 208 -40.45 -31.95 -43.80
C ALA F 208 -40.97 -32.01 -45.24
N ASP G 4 -11.00 -50.92 -33.10
CA ASP G 4 -9.64 -50.32 -33.14
C ASP G 4 -8.74 -50.91 -32.05
N ARG G 5 -9.02 -52.15 -31.62
CA ARG G 5 -8.30 -52.75 -30.51
C ARG G 5 -6.83 -52.93 -30.86
N GLY G 6 -6.51 -53.35 -32.09
CA GLY G 6 -5.13 -53.47 -32.54
C GLY G 6 -4.37 -52.15 -32.42
N ILE G 7 -4.99 -51.08 -32.91
CA ILE G 7 -4.40 -49.75 -32.88
C ILE G 7 -4.30 -49.26 -31.43
N GLN G 8 -5.31 -49.58 -30.61
CA GLN G 8 -5.27 -49.19 -29.21
C GLN G 8 -4.09 -49.84 -28.51
N MET G 9 -3.87 -51.14 -28.77
CA MET G 9 -2.77 -51.84 -28.13
C MET G 9 -1.44 -51.32 -28.67
N LEU G 10 -1.38 -50.97 -29.96
CA LEU G 10 -0.18 -50.39 -30.54
C LEU G 10 0.17 -49.09 -29.83
N ILE G 11 -0.82 -48.20 -29.69
CA ILE G 11 -0.63 -46.93 -29.00
C ILE G 11 -0.16 -47.18 -27.58
N THR G 12 -0.83 -48.10 -26.88
CA THR G 12 -0.45 -48.40 -25.51
C THR G 12 1.01 -48.83 -25.41
N THR G 13 1.45 -49.76 -26.26
CA THR G 13 2.81 -50.30 -26.18
C THR G 13 3.85 -49.24 -26.54
N VAL G 14 3.63 -48.54 -27.66
CA VAL G 14 4.54 -47.50 -28.10
C VAL G 14 4.64 -46.42 -27.03
N GLY G 15 3.49 -46.00 -26.51
CA GLY G 15 3.43 -44.96 -25.51
C GLY G 15 4.11 -45.39 -24.21
N ALA G 16 3.89 -46.64 -23.79
CA ALA G 16 4.54 -47.13 -22.58
C ALA G 16 6.06 -47.06 -22.74
N PHE G 17 6.57 -47.53 -23.88
CA PHE G 17 7.99 -47.49 -24.14
C PHE G 17 8.49 -46.05 -24.17
N ALA G 18 7.75 -45.16 -24.87
CA ALA G 18 8.14 -43.76 -24.97
C ALA G 18 8.23 -43.10 -23.59
N ALA G 19 7.22 -43.31 -22.75
CA ALA G 19 7.19 -42.72 -21.42
C ALA G 19 8.38 -43.22 -20.61
N PHE G 20 8.61 -44.52 -20.64
CA PHE G 20 9.69 -45.11 -19.87
C PHE G 20 11.05 -44.59 -20.35
N SER G 21 11.25 -44.53 -21.67
CA SER G 21 12.50 -44.05 -22.23
C SER G 21 12.76 -42.61 -21.83
N LEU G 22 11.74 -41.75 -22.03
CA LEU G 22 11.88 -40.34 -21.74
C LEU G 22 12.20 -40.14 -20.26
N MET G 23 11.48 -40.85 -19.38
CA MET G 23 11.68 -40.66 -17.96
C MET G 23 13.05 -41.16 -17.51
N THR G 24 13.51 -42.28 -18.06
CA THR G 24 14.81 -42.83 -17.68
C THR G 24 15.95 -41.93 -18.16
N ILE G 25 15.83 -41.43 -19.40
CA ILE G 25 16.82 -40.50 -19.90
C ILE G 25 16.86 -39.27 -18.99
N ALA G 26 15.69 -38.72 -18.68
CA ALA G 26 15.61 -37.53 -17.86
C ALA G 26 16.27 -37.77 -16.52
N VAL G 27 16.01 -38.90 -15.88
CA VAL G 27 16.60 -39.17 -14.59
C VAL G 27 18.11 -39.36 -14.70
N GLY G 28 18.58 -39.83 -15.87
CA GLY G 28 20.00 -40.09 -16.08
C GLY G 28 20.79 -38.84 -16.45
N THR G 29 20.32 -38.13 -17.48
CA THR G 29 21.05 -37.00 -18.06
C THR G 29 21.15 -35.86 -17.07
N ASP G 30 21.95 -34.84 -17.41
CA ASP G 30 22.28 -33.75 -16.51
C ASP G 30 22.00 -32.40 -17.14
N TYR G 31 20.84 -32.24 -17.79
CA TYR G 31 20.45 -30.97 -18.36
C TYR G 31 19.07 -30.59 -17.81
N TRP G 32 18.88 -30.69 -16.49
CA TRP G 32 17.66 -30.18 -15.88
C TRP G 32 17.68 -28.67 -15.81
N LEU G 33 18.77 -28.09 -15.31
CA LEU G 33 18.80 -26.68 -15.01
C LEU G 33 20.05 -26.03 -15.56
N TYR G 34 19.88 -24.90 -16.26
CA TYR G 34 21.00 -24.02 -16.58
C TYR G 34 21.05 -22.88 -15.57
N SER G 35 22.11 -22.82 -14.79
CA SER G 35 22.31 -21.78 -13.80
C SER G 35 23.73 -21.23 -13.88
N ARG G 36 24.14 -20.40 -12.90
CA ARG G 36 25.53 -19.96 -12.78
C ARG G 36 26.04 -20.37 -11.41
N GLY G 37 26.61 -21.57 -11.34
CA GLY G 37 27.19 -22.10 -10.11
C GLY G 37 28.68 -22.29 -10.29
N VAL G 38 29.21 -23.38 -9.73
CA VAL G 38 30.64 -23.66 -9.79
C VAL G 38 30.81 -25.18 -9.89
N CYS G 39 31.67 -25.62 -10.82
CA CYS G 39 32.28 -26.94 -10.76
C CYS G 39 33.68 -26.77 -10.18
N ARG G 40 33.99 -27.46 -9.07
CA ARG G 40 35.20 -27.19 -8.31
C ARG G 40 36.07 -28.45 -8.26
N GLU G 54 35.27 -18.21 -8.49
CA GLU G 54 34.59 -17.65 -9.68
C GLU G 54 33.40 -18.53 -10.05
N GLU G 55 32.30 -17.91 -10.51
CA GLU G 55 31.08 -18.58 -10.93
C GLU G 55 30.92 -18.45 -12.43
N VAL G 56 30.59 -19.56 -13.11
CA VAL G 56 30.37 -19.55 -14.55
C VAL G 56 29.06 -20.25 -14.87
N MET G 57 28.64 -20.21 -16.14
CA MET G 57 27.44 -20.90 -16.60
C MET G 57 27.64 -22.41 -16.45
N THR G 58 26.68 -23.09 -15.78
CA THR G 58 26.75 -24.52 -15.54
C THR G 58 25.56 -25.21 -16.19
N HIS G 59 25.35 -26.49 -15.87
CA HIS G 59 24.19 -27.26 -16.30
C HIS G 59 24.05 -28.43 -15.36
N SER G 60 23.16 -28.28 -14.37
CA SER G 60 23.00 -29.25 -13.31
C SER G 60 21.95 -30.28 -13.72
N GLY G 61 21.86 -31.38 -12.99
CA GLY G 61 20.85 -32.41 -13.19
C GLY G 61 20.34 -32.81 -11.81
N LEU G 62 19.98 -34.08 -11.65
CA LEU G 62 19.44 -34.52 -10.37
C LEU G 62 20.55 -34.90 -9.41
N TRP G 63 21.76 -35.17 -9.94
CA TRP G 63 22.86 -35.73 -9.16
C TRP G 63 24.16 -34.97 -9.34
N ARG G 64 24.48 -34.46 -10.54
CA ARG G 64 25.74 -33.83 -10.85
C ARG G 64 25.53 -32.45 -11.47
N THR G 65 26.48 -31.52 -11.24
CA THR G 65 26.52 -30.21 -11.86
C THR G 65 27.80 -30.12 -12.69
N CYS G 66 27.74 -29.46 -13.86
CA CYS G 66 28.88 -29.38 -14.78
C CYS G 66 29.08 -27.97 -15.35
N CYS G 67 30.31 -27.65 -15.74
CA CYS G 67 30.63 -26.33 -16.28
C CYS G 67 30.39 -26.34 -17.78
N LEU G 68 29.82 -25.24 -18.29
CA LEU G 68 29.40 -25.16 -19.67
C LEU G 68 30.39 -24.36 -20.53
N GLU G 69 31.44 -23.81 -19.91
CA GLU G 69 32.37 -22.90 -20.58
C GLU G 69 33.64 -22.71 -19.73
N GLY G 70 34.66 -22.08 -20.31
CA GLY G 70 35.89 -21.73 -19.61
C GLY G 70 36.84 -22.93 -19.47
N ALA G 71 37.75 -22.87 -18.49
CA ALA G 71 38.85 -23.82 -18.39
C ALA G 71 38.35 -25.18 -17.90
N PHE G 72 37.62 -25.16 -16.78
CA PHE G 72 37.13 -26.40 -16.17
C PHE G 72 35.94 -26.98 -16.93
N ARG G 73 35.62 -26.44 -18.12
CA ARG G 73 34.51 -26.93 -18.93
C ARG G 73 34.57 -28.45 -19.07
N GLY G 74 33.38 -29.07 -19.04
CA GLY G 74 33.25 -30.51 -19.06
C GLY G 74 33.49 -31.18 -17.71
N VAL G 75 33.86 -30.40 -16.67
CA VAL G 75 34.13 -30.97 -15.35
C VAL G 75 32.83 -30.95 -14.56
N CYS G 76 32.47 -32.10 -13.96
CA CYS G 76 31.21 -32.20 -13.22
C CYS G 76 31.50 -32.64 -11.79
N LYS G 77 30.72 -32.12 -10.83
CA LYS G 77 30.87 -32.41 -9.41
C LYS G 77 29.51 -32.85 -8.87
N LYS G 78 29.53 -33.85 -7.97
CA LYS G 78 28.33 -34.31 -7.30
C LYS G 78 27.65 -33.13 -6.60
N ILE G 79 26.33 -32.99 -6.79
CA ILE G 79 25.59 -31.90 -6.18
C ILE G 79 25.58 -32.11 -4.67
N ASP G 80 25.93 -31.06 -3.93
CA ASP G 80 25.79 -31.13 -2.48
C ASP G 80 24.34 -30.80 -2.18
N HIS G 81 23.48 -31.83 -2.23
CA HIS G 81 22.05 -31.63 -2.04
C HIS G 81 21.78 -30.96 -0.70
N PHE G 82 22.51 -31.41 0.33
CA PHE G 82 22.50 -30.78 1.64
C PHE G 82 23.41 -29.55 1.66
N PRO G 83 23.40 -28.71 2.73
CA PRO G 83 24.27 -27.53 2.79
C PRO G 83 25.77 -27.86 2.74
N ASP G 91 13.64 -26.80 11.81
CA ASP G 91 13.24 -26.76 10.37
C ASP G 91 13.00 -28.18 9.86
N THR G 92 11.91 -28.81 10.34
CA THR G 92 11.53 -30.13 9.90
C THR G 92 11.21 -30.15 8.40
N ALA G 93 10.46 -29.12 7.94
CA ALA G 93 9.97 -29.09 6.58
C ALA G 93 11.13 -28.98 5.59
N GLU G 94 12.07 -28.08 5.89
CA GLU G 94 13.26 -27.89 5.06
C GLU G 94 14.05 -29.19 5.02
N TYR G 95 14.17 -29.86 6.18
CA TYR G 95 14.91 -31.11 6.25
C TYR G 95 14.26 -32.17 5.37
N LEU G 96 12.94 -32.33 5.48
CA LEU G 96 12.24 -33.34 4.70
C LEU G 96 12.32 -33.03 3.21
N LEU G 97 12.17 -31.76 2.83
CA LEU G 97 12.26 -31.41 1.42
C LEU G 97 13.65 -31.75 0.90
N ARG G 98 14.68 -31.38 1.67
CA ARG G 98 16.06 -31.61 1.24
C ARG G 98 16.31 -33.11 1.13
N ALA G 99 15.79 -33.89 2.09
CA ALA G 99 15.92 -35.35 2.04
C ALA G 99 15.29 -35.93 0.78
N VAL G 100 14.04 -35.55 0.52
CA VAL G 100 13.26 -36.09 -0.57
C VAL G 100 13.89 -35.69 -1.90
N ARG G 101 14.40 -34.45 -1.98
CA ARG G 101 15.01 -34.00 -3.22
C ARG G 101 16.38 -34.63 -3.43
N ALA G 102 17.08 -34.96 -2.33
CA ALA G 102 18.42 -35.48 -2.43
C ALA G 102 18.40 -36.86 -3.06
N SER G 103 17.47 -37.69 -2.59
CA SER G 103 17.34 -39.06 -3.06
C SER G 103 16.56 -39.20 -4.36
N SER G 104 15.96 -38.12 -4.87
CA SER G 104 15.15 -38.20 -6.09
C SER G 104 14.16 -39.36 -5.97
N VAL G 105 13.50 -39.48 -4.83
CA VAL G 105 12.59 -40.58 -4.56
C VAL G 105 11.55 -40.67 -5.68
N PHE G 106 10.92 -39.53 -5.98
CA PHE G 106 9.70 -39.49 -6.77
C PHE G 106 9.97 -39.67 -8.26
N PRO G 107 10.98 -39.03 -8.89
CA PRO G 107 11.37 -39.41 -10.26
C PRO G 107 11.70 -40.89 -10.39
N ILE G 108 12.38 -41.46 -9.40
CA ILE G 108 12.75 -42.88 -9.45
C ILE G 108 11.49 -43.72 -9.32
N LEU G 109 10.60 -43.34 -8.42
CA LEU G 109 9.37 -44.09 -8.23
C LEU G 109 8.52 -44.06 -9.50
N SER G 110 8.53 -42.92 -10.21
CA SER G 110 7.79 -42.84 -11.44
C SER G 110 8.43 -43.74 -12.50
N VAL G 111 9.76 -43.86 -12.50
CA VAL G 111 10.43 -44.78 -13.41
C VAL G 111 10.04 -46.22 -13.10
N THR G 112 10.06 -46.56 -11.81
CA THR G 112 9.67 -47.90 -11.38
C THR G 112 8.27 -48.25 -11.86
N LEU G 113 7.31 -47.36 -11.61
CA LEU G 113 5.93 -47.63 -11.94
C LEU G 113 5.74 -47.70 -13.46
N LEU G 114 6.46 -46.88 -14.23
CA LEU G 114 6.37 -47.01 -15.67
C LEU G 114 6.90 -48.36 -16.10
N PHE G 115 7.97 -48.85 -15.46
CA PHE G 115 8.50 -50.16 -15.77
C PHE G 115 7.46 -51.24 -15.54
N PHE G 116 6.81 -51.22 -14.37
CA PHE G 116 5.79 -52.21 -14.06
C PHE G 116 4.58 -52.11 -14.98
N GLY G 117 4.19 -50.90 -15.36
CA GLY G 117 3.11 -50.73 -16.31
C GLY G 117 3.46 -51.37 -17.65
N GLY G 118 4.70 -51.13 -18.11
CA GLY G 118 5.18 -51.73 -19.34
C GLY G 118 5.17 -53.24 -19.26
N LEU G 119 5.57 -53.79 -18.09
CA LEU G 119 5.54 -55.23 -17.90
C LEU G 119 4.12 -55.77 -18.03
N CYS G 120 3.16 -55.11 -17.40
CA CYS G 120 1.76 -55.53 -17.51
C CYS G 120 1.26 -55.45 -18.96
N VAL G 121 1.62 -54.39 -19.68
CA VAL G 121 1.17 -54.26 -21.05
C VAL G 121 1.75 -55.40 -21.89
N ALA G 122 3.02 -55.72 -21.69
CA ALA G 122 3.65 -56.81 -22.42
C ALA G 122 2.98 -58.14 -22.05
N ALA G 123 2.77 -58.35 -20.75
CA ALA G 123 2.21 -59.61 -20.24
C ALA G 123 0.78 -59.81 -20.70
N SER G 124 0.04 -58.74 -21.02
CA SER G 124 -1.35 -58.87 -21.43
C SER G 124 -1.50 -59.88 -22.57
N GLU G 125 -0.69 -59.72 -23.63
CA GLU G 125 -0.86 -60.52 -24.84
C GLU G 125 -0.54 -62.00 -24.57
N PHE G 126 0.45 -62.26 -23.72
CA PHE G 126 0.87 -63.62 -23.44
C PHE G 126 -0.09 -64.30 -22.47
N HIS G 127 -1.01 -63.55 -21.84
CA HIS G 127 -2.02 -64.10 -20.94
C HIS G 127 -3.33 -63.34 -21.11
N ARG G 128 -4.09 -63.70 -22.16
CA ARG G 128 -5.34 -63.05 -22.51
C ARG G 128 -6.50 -63.49 -21.59
N SER G 129 -6.30 -64.54 -20.80
CA SER G 129 -7.31 -65.08 -19.90
C SER G 129 -7.79 -64.04 -18.90
N ARG G 130 -6.86 -63.43 -18.15
CA ARG G 130 -7.18 -62.49 -17.09
C ARG G 130 -7.28 -61.07 -17.65
N HIS G 131 -8.30 -60.33 -17.24
CA HIS G 131 -8.56 -58.99 -17.74
C HIS G 131 -7.74 -57.95 -16.99
N SER G 132 -7.67 -58.10 -15.65
CA SER G 132 -7.14 -57.07 -14.76
C SER G 132 -5.70 -56.67 -15.11
N VAL G 133 -5.00 -57.48 -15.91
CA VAL G 133 -3.64 -57.16 -16.29
C VAL G 133 -3.59 -55.76 -16.92
N ILE G 134 -4.37 -55.53 -17.98
CA ILE G 134 -4.28 -54.23 -18.64
C ILE G 134 -4.83 -53.14 -17.75
N LEU G 135 -5.85 -53.45 -16.94
CA LEU G 135 -6.34 -52.44 -16.01
C LEU G 135 -5.21 -52.01 -15.08
N SER G 136 -4.45 -52.97 -14.55
CA SER G 136 -3.36 -52.65 -13.66
C SER G 136 -2.27 -51.86 -14.40
N ALA G 137 -2.07 -52.15 -15.68
CA ALA G 137 -1.16 -51.34 -16.49
C ALA G 137 -1.61 -49.89 -16.42
N GLY G 138 -2.88 -49.64 -16.72
CA GLY G 138 -3.43 -48.31 -16.69
C GLY G 138 -3.23 -47.63 -15.34
N ILE G 139 -3.49 -48.35 -14.26
CA ILE G 139 -3.34 -47.77 -12.93
C ILE G 139 -1.89 -47.43 -12.64
N PHE G 140 -0.97 -48.30 -13.04
CA PHE G 140 0.45 -48.00 -12.86
C PHE G 140 0.80 -46.71 -13.60
N PHE G 141 0.36 -46.58 -14.86
CA PHE G 141 0.68 -45.38 -15.60
C PHE G 141 0.12 -44.12 -14.93
N VAL G 142 -1.10 -44.19 -14.44
CA VAL G 142 -1.68 -43.03 -13.78
C VAL G 142 -0.86 -42.66 -12.55
N SER G 143 -0.55 -43.66 -11.74
CA SER G 143 0.27 -43.42 -10.56
C SER G 143 1.65 -42.86 -10.93
N ALA G 144 2.25 -43.36 -12.02
CA ALA G 144 3.53 -42.86 -12.46
C ALA G 144 3.42 -41.36 -12.71
N GLY G 145 2.40 -40.95 -13.47
CA GLY G 145 2.17 -39.53 -13.69
C GLY G 145 2.09 -38.74 -12.38
N LEU G 146 1.36 -39.23 -11.39
CA LEU G 146 1.27 -38.51 -10.14
C LEU G 146 2.64 -38.36 -9.46
N SER G 147 3.42 -39.45 -9.41
CA SER G 147 4.75 -39.36 -8.83
C SER G 147 5.59 -38.34 -9.59
N ASN G 148 5.46 -38.35 -10.92
CA ASN G 148 6.18 -37.40 -11.73
C ASN G 148 5.88 -35.98 -11.28
N ILE G 149 4.59 -35.65 -11.12
CA ILE G 149 4.18 -34.32 -10.70
C ILE G 149 4.84 -33.98 -9.37
N ILE G 150 4.75 -34.89 -8.40
CA ILE G 150 5.33 -34.59 -7.10
C ILE G 150 6.82 -34.32 -7.22
N GLY G 151 7.50 -35.13 -8.01
CA GLY G 151 8.90 -34.90 -8.31
C GLY G 151 9.18 -33.49 -8.82
N ILE G 152 8.46 -33.08 -9.86
CA ILE G 152 8.68 -31.77 -10.44
C ILE G 152 8.50 -30.69 -9.35
N ILE G 153 7.45 -30.81 -8.57
CA ILE G 153 7.20 -29.80 -7.58
C ILE G 153 8.34 -29.77 -6.57
N VAL G 154 8.70 -30.94 -6.05
CA VAL G 154 9.79 -31.00 -5.08
C VAL G 154 11.08 -30.43 -5.69
N TYR G 155 11.41 -30.85 -6.91
CA TYR G 155 12.59 -30.31 -7.54
C TYR G 155 12.57 -28.78 -7.60
N ILE G 156 11.52 -28.22 -8.19
CA ILE G 156 11.44 -26.77 -8.35
C ILE G 156 11.48 -26.09 -6.99
N SER G 157 10.73 -26.61 -6.05
CA SER G 157 10.67 -26.00 -4.73
C SER G 157 12.04 -26.01 -4.06
N ALA G 158 12.77 -27.12 -4.19
CA ALA G 158 14.09 -27.27 -3.58
C ALA G 158 15.11 -26.35 -4.24
N ASN G 159 14.98 -26.12 -5.54
CA ASN G 159 15.83 -25.15 -6.20
C ASN G 159 15.62 -23.77 -5.62
N ALA G 160 14.36 -23.38 -5.36
CA ALA G 160 14.06 -22.06 -4.86
C ALA G 160 14.79 -21.78 -3.55
N GLY G 161 14.90 -22.79 -2.69
CA GLY G 161 15.64 -22.69 -1.44
C GLY G 161 17.13 -22.54 -1.66
N SER G 171 19.30 -15.85 -11.91
CA SER G 171 18.64 -16.27 -13.17
C SER G 171 18.91 -17.76 -13.41
N TYR G 172 18.05 -18.40 -14.23
CA TYR G 172 18.18 -19.81 -14.54
C TYR G 172 17.22 -20.18 -15.65
N SER G 173 17.32 -21.41 -16.14
CA SER G 173 16.46 -21.93 -17.19
C SER G 173 16.34 -23.44 -17.02
N TYR G 174 15.41 -24.07 -17.73
CA TYR G 174 15.22 -25.50 -17.63
C TYR G 174 15.75 -26.11 -18.92
N GLY G 175 16.45 -27.24 -18.79
CA GLY G 175 17.03 -27.91 -19.94
C GLY G 175 16.08 -28.94 -20.52
N TRP G 176 16.61 -29.76 -21.42
CA TRP G 176 15.80 -30.73 -22.15
C TRP G 176 15.53 -31.96 -21.27
N SER G 177 16.34 -32.22 -20.26
CA SER G 177 16.06 -33.30 -19.33
C SER G 177 14.76 -33.07 -18.56
N PHE G 178 14.56 -31.84 -18.10
CA PHE G 178 13.34 -31.44 -17.43
C PHE G 178 12.15 -31.67 -18.35
N TYR G 179 12.25 -31.23 -19.60
CA TYR G 179 11.15 -31.38 -20.52
C TYR G 179 10.91 -32.84 -20.89
N PHE G 180 11.95 -33.66 -20.87
CA PHE G 180 11.75 -35.08 -21.03
C PHE G 180 10.87 -35.62 -19.92
N GLY G 181 11.15 -35.22 -18.68
CA GLY G 181 10.28 -35.59 -17.55
C GLY G 181 8.82 -35.15 -17.77
N ALA G 182 8.63 -33.91 -18.22
CA ALA G 182 7.31 -33.37 -18.43
C ALA G 182 6.56 -34.16 -19.52
N PHE G 183 7.21 -34.43 -20.65
CA PHE G 183 6.58 -35.19 -21.72
C PHE G 183 6.30 -36.63 -21.28
N SER G 184 7.17 -37.18 -20.43
CA SER G 184 6.89 -38.48 -19.86
C SER G 184 5.56 -38.44 -19.10
N PHE G 185 5.33 -37.38 -18.31
CA PHE G 185 4.09 -37.26 -17.56
C PHE G 185 2.90 -37.28 -18.52
N ILE G 186 2.95 -36.47 -19.56
CA ILE G 186 1.82 -36.34 -20.45
C ILE G 186 1.51 -37.69 -21.10
N ILE G 187 2.55 -38.33 -21.65
CA ILE G 187 2.37 -39.60 -22.33
C ILE G 187 1.86 -40.66 -21.36
N ALA G 188 2.40 -40.68 -20.15
CA ALA G 188 1.95 -41.66 -19.17
C ALA G 188 0.44 -41.55 -18.93
N GLU G 189 -0.06 -40.33 -18.79
CA GLU G 189 -1.45 -40.12 -18.52
C GLU G 189 -2.31 -40.54 -19.72
N ILE G 190 -1.85 -40.23 -20.94
CA ILE G 190 -2.57 -40.66 -22.13
C ILE G 190 -2.63 -42.18 -22.21
N VAL G 191 -1.51 -42.85 -21.95
CA VAL G 191 -1.48 -44.29 -22.06
C VAL G 191 -2.37 -44.91 -20.99
N GLY G 192 -2.38 -44.34 -19.78
CA GLY G 192 -3.29 -44.80 -18.73
C GLY G 192 -4.75 -44.74 -19.17
N VAL G 193 -5.12 -43.66 -19.85
CA VAL G 193 -6.49 -43.49 -20.28
C VAL G 193 -6.82 -44.55 -21.32
N VAL G 194 -5.92 -44.75 -22.28
CA VAL G 194 -6.13 -45.74 -23.33
C VAL G 194 -6.24 -47.15 -22.74
N ALA G 195 -5.36 -47.48 -21.80
CA ALA G 195 -5.42 -48.78 -21.15
C ALA G 195 -6.76 -49.01 -20.48
N VAL G 196 -7.24 -48.03 -19.72
CA VAL G 196 -8.52 -48.18 -19.04
C VAL G 196 -9.64 -48.29 -20.06
N HIS G 197 -9.54 -47.60 -21.19
CA HIS G 197 -10.53 -47.79 -22.25
C HIS G 197 -10.52 -49.23 -22.76
N ILE G 198 -9.32 -49.83 -22.94
CA ILE G 198 -9.25 -51.20 -23.41
C ILE G 198 -9.98 -52.11 -22.44
N TYR G 199 -9.69 -51.96 -21.15
CA TYR G 199 -10.32 -52.82 -20.18
C TYR G 199 -11.83 -52.64 -20.16
N ILE G 200 -12.27 -51.39 -20.22
CA ILE G 200 -13.69 -51.09 -20.18
C ILE G 200 -14.38 -51.75 -21.36
N GLU G 201 -13.79 -51.62 -22.56
CA GLU G 201 -14.45 -52.12 -23.74
C GLU G 201 -14.45 -53.65 -23.72
N LYS G 202 -13.40 -54.29 -23.18
CA LYS G 202 -13.40 -55.73 -23.05
C LYS G 202 -14.56 -56.19 -22.17
N HIS G 203 -14.72 -55.58 -20.99
CA HIS G 203 -15.80 -55.98 -20.10
C HIS G 203 -17.17 -55.61 -20.66
N GLN G 204 -17.28 -54.53 -21.41
CA GLN G 204 -18.56 -54.13 -22.00
C GLN G 204 -18.94 -55.11 -23.11
N GLN G 205 -17.98 -55.46 -23.97
CA GLN G 205 -18.23 -56.35 -25.11
C GLN G 205 -18.59 -57.74 -24.60
N LEU G 206 -17.79 -58.27 -23.66
CA LEU G 206 -17.93 -59.67 -23.24
C LEU G 206 -19.21 -59.84 -22.43
N ARG G 207 -19.48 -58.88 -21.52
CA ARG G 207 -20.69 -58.91 -20.69
C ARG G 207 -21.94 -58.72 -21.55
N ALA G 208 -21.86 -57.97 -22.65
CA ALA G 208 -23.02 -57.66 -23.49
C ALA G 208 -22.58 -57.16 -24.87
N ASP H 4 -27.80 -53.65 10.66
CA ASP H 4 -26.98 -52.73 11.49
C ASP H 4 -27.80 -52.12 12.63
N ARG H 5 -28.99 -52.65 12.94
CA ARG H 5 -29.91 -51.96 13.84
C ARG H 5 -29.33 -51.98 15.26
N GLY H 6 -29.02 -53.19 15.73
CA GLY H 6 -28.33 -53.40 17.00
C GLY H 6 -27.03 -52.60 17.09
N ILE H 7 -26.24 -52.61 16.01
CA ILE H 7 -24.97 -51.91 15.96
C ILE H 7 -25.23 -50.40 15.99
N GLN H 8 -26.27 -49.93 15.29
CA GLN H 8 -26.61 -48.52 15.29
C GLN H 8 -26.96 -48.07 16.72
N MET H 9 -27.74 -48.87 17.44
CA MET H 9 -28.11 -48.49 18.78
C MET H 9 -26.91 -48.53 19.72
N LEU H 10 -26.02 -49.51 19.50
CA LEU H 10 -24.81 -49.60 20.31
C LEU H 10 -23.94 -48.36 20.10
N ILE H 11 -23.73 -47.97 18.83
CA ILE H 11 -22.96 -46.77 18.51
C ILE H 11 -23.62 -45.57 19.19
N THR H 12 -24.94 -45.44 19.06
CA THR H 12 -25.62 -44.31 19.64
C THR H 12 -25.37 -44.23 21.15
N THR H 13 -25.53 -45.34 21.87
CA THR H 13 -25.38 -45.33 23.32
C THR H 13 -23.95 -45.04 23.76
N VAL H 14 -22.99 -45.73 23.14
CA VAL H 14 -21.58 -45.54 23.46
C VAL H 14 -21.19 -44.09 23.17
N GLY H 15 -21.60 -43.59 22.00
CA GLY H 15 -21.27 -42.25 21.57
C GLY H 15 -21.90 -41.21 22.49
N ALA H 16 -23.15 -41.43 22.91
CA ALA H 16 -23.80 -40.49 23.82
C ALA H 16 -22.98 -40.37 25.09
N PHE H 17 -22.59 -41.52 25.66
CA PHE H 17 -21.82 -41.52 26.87
C PHE H 17 -20.46 -40.85 26.66
N ALA H 18 -19.79 -41.18 25.56
CA ALA H 18 -18.47 -40.61 25.25
C ALA H 18 -18.54 -39.08 25.12
N ALA H 19 -19.53 -38.57 24.38
CA ALA H 19 -19.66 -37.14 24.19
C ALA H 19 -19.90 -36.45 25.54
N PHE H 20 -20.81 -37.02 26.34
CA PHE H 20 -21.16 -36.43 27.62
C PHE H 20 -19.92 -36.41 28.54
N SER H 21 -19.21 -37.53 28.59
CA SER H 21 -18.05 -37.62 29.45
C SER H 21 -16.98 -36.62 29.04
N LEU H 22 -16.66 -36.58 27.74
CA LEU H 22 -15.64 -35.65 27.25
C LEU H 22 -16.02 -34.20 27.54
N MET H 23 -17.28 -33.83 27.31
CA MET H 23 -17.67 -32.45 27.51
C MET H 23 -17.66 -32.10 28.99
N THR H 24 -18.10 -33.02 29.86
CA THR H 24 -18.13 -32.77 31.29
C THR H 24 -16.71 -32.61 31.84
N ILE H 25 -15.81 -33.51 31.42
CA ILE H 25 -14.42 -33.39 31.83
C ILE H 25 -13.86 -32.05 31.37
N ALA H 26 -14.09 -31.69 30.10
CA ALA H 26 -13.57 -30.46 29.56
C ALA H 26 -14.08 -29.27 30.38
N VAL H 27 -15.36 -29.25 30.71
CA VAL H 27 -15.90 -28.14 31.49
C VAL H 27 -15.31 -28.13 32.90
N GLY H 28 -14.95 -29.30 33.41
CA GLY H 28 -14.40 -29.43 34.76
C GLY H 28 -12.91 -29.10 34.86
N THR H 29 -12.11 -29.74 34.01
CA THR H 29 -10.66 -29.62 34.06
C THR H 29 -10.20 -28.21 33.67
N ASP H 30 -8.90 -27.95 33.89
CA ASP H 30 -8.33 -26.61 33.84
C ASP H 30 -7.13 -26.58 32.92
N TYR H 31 -7.23 -27.15 31.73
CA TYR H 31 -6.14 -27.11 30.75
C TYR H 31 -6.66 -26.65 29.39
N TRP H 32 -7.45 -25.57 29.39
CA TRP H 32 -7.90 -25.01 28.13
C TRP H 32 -6.76 -24.25 27.45
N LEU H 33 -6.12 -23.35 28.19
CA LEU H 33 -5.16 -22.43 27.61
C LEU H 33 -3.83 -22.49 28.36
N TYR H 34 -2.73 -22.51 27.60
CA TYR H 34 -1.40 -22.32 28.14
C TYR H 34 -0.89 -20.92 27.80
N SER H 35 -0.65 -20.09 28.82
CA SER H 35 -0.28 -18.71 28.59
C SER H 35 0.55 -18.20 29.77
N ARG H 36 1.11 -16.99 29.61
CA ARG H 36 1.92 -16.35 30.64
C ARG H 36 1.04 -15.46 31.49
N GLY H 37 1.04 -15.70 32.81
CA GLY H 37 0.28 -14.89 33.73
C GLY H 37 0.68 -15.18 35.18
N VAL H 38 -0.18 -14.76 36.11
CA VAL H 38 0.06 -14.86 37.54
C VAL H 38 -1.17 -15.47 38.20
N CYS H 39 -0.93 -16.45 39.07
CA CYS H 39 -1.95 -17.01 39.92
C CYS H 39 -1.89 -16.41 41.33
N ARG H 40 -1.24 -15.23 41.48
CA ARG H 40 -1.08 -14.62 42.79
C ARG H 40 -2.38 -13.90 43.19
N GLU H 54 6.24 -10.33 38.66
CA GLU H 54 6.70 -11.17 37.51
C GLU H 54 5.70 -12.30 37.27
N GLU H 55 5.49 -12.65 35.99
CA GLU H 55 4.46 -13.58 35.56
C GLU H 55 5.13 -14.81 34.97
N VAL H 56 4.65 -15.99 35.35
CA VAL H 56 5.21 -17.27 34.92
C VAL H 56 4.22 -17.91 33.95
N MET H 57 4.65 -19.02 33.34
CA MET H 57 3.76 -19.86 32.54
C MET H 57 2.67 -20.42 33.45
N THR H 58 1.47 -20.52 32.88
CA THR H 58 0.32 -21.01 33.61
C THR H 58 -0.50 -21.91 32.71
N HIS H 59 -1.62 -22.39 33.27
CA HIS H 59 -2.68 -22.99 32.49
C HIS H 59 -4.02 -22.58 33.08
N SER H 60 -4.95 -22.21 32.19
CA SER H 60 -6.26 -21.74 32.59
C SER H 60 -7.31 -22.71 32.07
N GLY H 61 -8.42 -22.80 32.78
CA GLY H 61 -9.61 -23.47 32.28
C GLY H 61 -10.70 -22.43 32.09
N LEU H 62 -11.95 -22.85 32.35
CA LEU H 62 -13.05 -21.90 32.26
C LEU H 62 -13.15 -21.08 33.53
N TRP H 63 -12.62 -21.58 34.67
CA TRP H 63 -12.85 -20.94 35.95
C TRP H 63 -11.54 -20.60 36.65
N ARG H 64 -10.68 -21.61 36.84
CA ARG H 64 -9.45 -21.43 37.58
C ARG H 64 -8.30 -21.19 36.62
N THR H 65 -7.36 -20.32 37.05
CA THR H 65 -6.05 -20.17 36.44
C THR H 65 -4.99 -20.61 37.44
N CYS H 66 -4.03 -21.43 37.00
CA CYS H 66 -3.09 -22.08 37.90
C CYS H 66 -1.68 -22.03 37.32
N CYS H 67 -0.69 -21.62 38.14
CA CYS H 67 0.70 -21.60 37.73
C CYS H 67 1.27 -23.02 37.72
N LEU H 68 2.10 -23.34 36.73
CA LEU H 68 2.67 -24.68 36.63
C LEU H 68 4.19 -24.64 36.71
N GLU H 69 4.76 -23.51 37.15
CA GLU H 69 6.18 -23.44 37.47
C GLU H 69 6.45 -22.21 38.33
N GLY H 70 7.27 -22.39 39.37
CA GLY H 70 7.66 -21.31 40.27
C GLY H 70 7.41 -21.69 41.73
N ALA H 71 7.50 -20.67 42.59
CA ALA H 71 7.20 -20.77 44.01
C ALA H 71 5.75 -21.19 44.25
N PHE H 72 4.84 -20.53 43.53
CA PHE H 72 3.41 -20.76 43.68
C PHE H 72 2.94 -21.85 42.72
N ARG H 73 3.82 -22.75 42.28
CA ARG H 73 3.41 -23.81 41.36
C ARG H 73 2.31 -24.63 42.02
N GLY H 74 1.26 -24.94 41.24
CA GLY H 74 0.12 -25.68 41.73
C GLY H 74 -0.93 -24.81 42.42
N VAL H 75 -0.65 -23.51 42.60
CA VAL H 75 -1.63 -22.57 43.13
C VAL H 75 -2.65 -22.27 42.04
N CYS H 76 -3.89 -22.02 42.45
CA CYS H 76 -4.97 -21.70 41.54
C CYS H 76 -5.71 -20.47 42.05
N LYS H 77 -6.32 -19.71 41.15
CA LYS H 77 -7.22 -18.64 41.55
C LYS H 77 -8.37 -18.51 40.57
N LYS H 78 -9.55 -18.13 41.09
CA LYS H 78 -10.68 -17.80 40.25
C LYS H 78 -10.25 -16.72 39.25
N ILE H 79 -10.58 -16.94 37.97
CA ILE H 79 -10.38 -15.94 36.93
C ILE H 79 -11.29 -14.75 37.24
N ASP H 80 -10.74 -13.55 37.02
CA ASP H 80 -11.50 -12.31 37.09
C ASP H 80 -11.96 -11.97 35.68
N HIS H 81 -13.12 -12.51 35.30
CA HIS H 81 -13.70 -12.26 33.99
C HIS H 81 -13.96 -10.77 33.83
N PHE H 82 -14.54 -10.16 34.87
CA PHE H 82 -14.80 -8.74 34.90
C PHE H 82 -13.64 -8.06 35.61
N PRO H 83 -12.63 -7.50 34.90
CA PRO H 83 -11.43 -6.96 35.54
C PRO H 83 -11.72 -5.74 36.44
N ASP H 91 -19.75 0.13 25.91
CA ASP H 91 -19.18 -1.14 25.37
C ASP H 91 -20.12 -2.31 25.68
N THR H 92 -21.37 -2.20 25.22
CA THR H 92 -22.43 -3.14 25.58
C THR H 92 -22.11 -4.54 25.06
N ALA H 93 -21.60 -4.63 23.83
CA ALA H 93 -21.19 -5.90 23.23
C ALA H 93 -20.09 -6.57 24.06
N GLU H 94 -19.09 -5.78 24.48
CA GLU H 94 -18.01 -6.29 25.31
C GLU H 94 -18.57 -6.80 26.64
N TYR H 95 -19.53 -6.07 27.20
CA TYR H 95 -20.14 -6.48 28.46
C TYR H 95 -20.87 -7.80 28.28
N LEU H 96 -21.67 -7.94 27.21
CA LEU H 96 -22.39 -9.18 26.98
C LEU H 96 -21.42 -10.35 26.75
N LEU H 97 -20.35 -10.13 26.00
CA LEU H 97 -19.37 -11.19 25.77
C LEU H 97 -18.79 -11.62 27.11
N ARG H 98 -18.40 -10.64 27.95
CA ARG H 98 -17.81 -10.93 29.25
C ARG H 98 -18.80 -11.71 30.11
N ALA H 99 -20.08 -11.31 30.08
CA ALA H 99 -21.10 -11.99 30.87
C ALA H 99 -21.24 -13.44 30.44
N VAL H 100 -21.37 -13.65 29.12
CA VAL H 100 -21.62 -14.98 28.57
C VAL H 100 -20.40 -15.87 28.83
N ARG H 101 -19.21 -15.30 28.72
CA ARG H 101 -18.00 -16.08 28.94
C ARG H 101 -17.74 -16.33 30.41
N ALA H 102 -18.26 -15.47 31.28
CA ALA H 102 -18.06 -15.64 32.71
C ALA H 102 -18.92 -16.79 33.21
N SER H 103 -20.21 -16.74 32.88
CA SER H 103 -21.12 -17.81 33.23
C SER H 103 -20.78 -19.11 32.50
N SER H 104 -20.11 -18.99 31.34
CA SER H 104 -19.92 -20.11 30.44
C SER H 104 -21.23 -20.86 30.26
N VAL H 105 -22.30 -20.10 30.02
CA VAL H 105 -23.61 -20.66 29.83
C VAL H 105 -23.57 -21.70 28.72
N PHE H 106 -22.80 -21.49 27.64
CA PHE H 106 -22.89 -22.31 26.46
C PHE H 106 -22.26 -23.69 26.63
N PRO H 107 -21.03 -23.83 27.16
CA PRO H 107 -20.51 -25.14 27.55
C PRO H 107 -21.41 -25.90 28.54
N ILE H 108 -22.00 -25.19 29.48
CA ILE H 108 -22.87 -25.85 30.45
C ILE H 108 -24.15 -26.31 29.76
N LEU H 109 -24.69 -25.45 28.87
CA LEU H 109 -25.89 -25.83 28.14
C LEU H 109 -25.63 -27.06 27.27
N SER H 110 -24.43 -27.13 26.70
CA SER H 110 -24.02 -28.27 25.91
C SER H 110 -24.01 -29.54 26.76
N VAL H 111 -23.55 -29.42 28.00
CA VAL H 111 -23.51 -30.58 28.88
C VAL H 111 -24.94 -31.00 29.24
N THR H 112 -25.78 -30.01 29.56
CA THR H 112 -27.18 -30.28 29.88
C THR H 112 -27.88 -31.05 28.75
N LEU H 113 -27.73 -30.55 27.52
CA LEU H 113 -28.41 -31.15 26.39
C LEU H 113 -27.85 -32.54 26.10
N LEU H 114 -26.54 -32.75 26.29
CA LEU H 114 -26.01 -34.09 26.11
C LEU H 114 -26.61 -35.03 27.15
N PHE H 115 -26.80 -34.53 28.38
CA PHE H 115 -27.41 -35.34 29.41
C PHE H 115 -28.83 -35.77 29.02
N PHE H 116 -29.64 -34.80 28.57
CA PHE H 116 -31.01 -35.10 28.14
C PHE H 116 -31.04 -36.05 26.96
N GLY H 117 -30.10 -35.89 26.02
CA GLY H 117 -30.03 -36.78 24.88
C GLY H 117 -29.74 -38.21 25.32
N GLY H 118 -28.80 -38.36 26.25
CA GLY H 118 -28.47 -39.67 26.77
C GLY H 118 -29.67 -40.29 27.48
N LEU H 119 -30.42 -39.46 28.22
CA LEU H 119 -31.59 -39.94 28.93
C LEU H 119 -32.65 -40.41 27.93
N CYS H 120 -32.87 -39.66 26.85
CA CYS H 120 -33.79 -40.07 25.81
C CYS H 120 -33.34 -41.36 25.15
N VAL H 121 -32.04 -41.54 24.90
CA VAL H 121 -31.56 -42.75 24.28
C VAL H 121 -31.86 -43.94 25.19
N ALA H 122 -31.63 -43.76 26.49
CA ALA H 122 -31.94 -44.82 27.45
C ALA H 122 -33.44 -45.12 27.44
N ALA H 123 -34.28 -44.08 27.48
CA ALA H 123 -35.73 -44.26 27.52
C ALA H 123 -36.28 -44.92 26.25
N SER H 124 -35.66 -44.65 25.10
CA SER H 124 -36.17 -45.14 23.83
C SER H 124 -36.26 -46.66 23.85
N GLU H 125 -35.31 -47.30 24.54
CA GLU H 125 -35.31 -48.74 24.73
C GLU H 125 -36.61 -49.24 25.38
N PHE H 126 -37.31 -48.40 26.17
CA PHE H 126 -38.55 -48.81 26.82
C PHE H 126 -39.77 -48.55 25.93
N HIS H 127 -40.02 -47.27 25.59
CA HIS H 127 -41.27 -46.89 24.95
C HIS H 127 -41.16 -47.06 23.43
N ARG H 128 -41.20 -48.32 22.97
CA ARG H 128 -41.06 -48.66 21.56
C ARG H 128 -42.28 -48.26 20.73
N SER H 129 -43.45 -48.07 21.39
CA SER H 129 -44.63 -47.51 20.76
C SER H 129 -44.35 -46.11 20.20
N ARG H 130 -43.83 -45.21 21.04
CA ARG H 130 -43.56 -43.83 20.65
C ARG H 130 -42.15 -43.73 20.06
N HIS H 131 -42.08 -43.55 18.74
CA HIS H 131 -40.81 -43.44 18.04
C HIS H 131 -40.09 -42.15 18.43
N SER H 132 -40.85 -41.05 18.55
CA SER H 132 -40.30 -39.71 18.66
C SER H 132 -39.24 -39.59 19.76
N VAL H 133 -39.29 -40.45 20.78
CA VAL H 133 -38.26 -40.48 21.80
C VAL H 133 -36.85 -40.46 21.20
N ILE H 134 -36.54 -41.39 20.30
CA ILE H 134 -35.21 -41.46 19.75
C ILE H 134 -34.96 -40.24 18.87
N LEU H 135 -35.97 -39.78 18.12
CA LEU H 135 -35.80 -38.57 17.36
C LEU H 135 -35.41 -37.42 18.29
N SER H 136 -36.08 -37.32 19.45
CA SER H 136 -35.74 -36.33 20.44
C SER H 136 -34.27 -36.42 20.84
N ALA H 137 -33.80 -37.64 21.07
CA ALA H 137 -32.39 -37.84 21.36
C ALA H 137 -31.53 -37.18 20.29
N GLY H 138 -31.81 -37.53 19.04
CA GLY H 138 -31.11 -36.94 17.93
C GLY H 138 -31.07 -35.43 18.02
N ILE H 139 -32.23 -34.80 18.19
CA ILE H 139 -32.28 -33.36 18.19
C ILE H 139 -31.46 -32.78 19.35
N PHE H 140 -31.57 -33.38 20.51
CA PHE H 140 -30.77 -32.94 21.63
C PHE H 140 -29.30 -32.92 21.30
N PHE H 141 -28.80 -34.04 20.76
CA PHE H 141 -27.39 -34.11 20.42
C PHE H 141 -26.99 -33.06 19.38
N VAL H 142 -27.80 -32.87 18.36
CA VAL H 142 -27.49 -31.86 17.37
C VAL H 142 -27.40 -30.50 18.05
N SER H 143 -28.40 -30.17 18.86
CA SER H 143 -28.42 -28.90 19.56
C SER H 143 -27.21 -28.75 20.48
N ALA H 144 -26.82 -29.83 21.16
CA ALA H 144 -25.63 -29.78 22.00
C ALA H 144 -24.42 -29.35 21.20
N GLY H 145 -24.20 -30.00 20.05
CA GLY H 145 -23.18 -29.55 19.11
C GLY H 145 -23.23 -28.04 18.85
N LEU H 146 -24.40 -27.48 18.54
CA LEU H 146 -24.44 -26.07 18.22
C LEU H 146 -23.99 -25.24 19.42
N SER H 147 -24.51 -25.57 20.61
CA SER H 147 -24.15 -24.77 21.78
C SER H 147 -22.64 -24.87 22.01
N ASN H 148 -22.09 -26.07 21.84
CA ASN H 148 -20.66 -26.26 21.95
C ASN H 148 -19.89 -25.29 21.06
N ILE H 149 -20.27 -25.21 19.78
CA ILE H 149 -19.56 -24.33 18.86
C ILE H 149 -19.66 -22.88 19.34
N ILE H 150 -20.84 -22.46 19.76
CA ILE H 150 -20.95 -21.08 20.26
C ILE H 150 -20.01 -20.86 21.44
N GLY H 151 -20.00 -21.82 22.35
CA GLY H 151 -19.04 -21.84 23.45
C GLY H 151 -17.62 -21.53 22.99
N ILE H 152 -17.14 -22.35 22.07
CA ILE H 152 -15.78 -22.21 21.59
C ILE H 152 -15.55 -20.81 21.04
N ILE H 153 -16.46 -20.34 20.21
CA ILE H 153 -16.26 -19.04 19.61
C ILE H 153 -16.18 -17.97 20.69
N VAL H 154 -17.14 -17.98 21.60
CA VAL H 154 -17.17 -17.02 22.69
C VAL H 154 -15.87 -17.12 23.50
N TYR H 155 -15.49 -18.32 23.86
CA TYR H 155 -14.24 -18.49 24.58
C TYR H 155 -13.07 -17.87 23.84
N ILE H 156 -12.80 -18.28 22.61
CA ILE H 156 -11.69 -17.74 21.87
C ILE H 156 -11.86 -16.23 21.70
N SER H 157 -13.06 -15.77 21.38
CA SER H 157 -13.24 -14.36 21.12
C SER H 157 -12.90 -13.54 22.36
N ALA H 158 -13.29 -14.05 23.54
CA ALA H 158 -13.07 -13.36 24.79
C ALA H 158 -11.60 -13.41 25.18
N ASN H 159 -10.91 -14.51 24.93
CA ASN H 159 -9.54 -14.62 25.42
C ASN H 159 -8.65 -13.59 24.74
N ALA H 160 -8.64 -13.65 23.42
CA ALA H 160 -7.70 -12.84 22.66
C ALA H 160 -8.02 -11.36 22.84
N GLY H 161 -9.29 -11.00 23.10
CA GLY H 161 -9.67 -9.65 23.47
C GLY H 161 -9.05 -9.18 24.79
N SER H 171 1.93 -14.77 23.56
CA SER H 171 1.59 -16.04 22.87
C SER H 171 0.72 -16.93 23.77
N TYR H 172 0.30 -18.07 23.21
CA TYR H 172 -0.55 -19.00 23.91
C TYR H 172 -0.64 -20.31 23.15
N SER H 173 -1.31 -21.30 23.78
CA SER H 173 -1.63 -22.56 23.11
C SER H 173 -2.87 -23.15 23.77
N TYR H 174 -3.41 -24.20 23.16
CA TYR H 174 -4.63 -24.82 23.67
C TYR H 174 -4.26 -26.18 24.26
N GLY H 175 -4.84 -26.46 25.44
CA GLY H 175 -4.55 -27.69 26.13
C GLY H 175 -5.50 -28.79 25.71
N TRP H 176 -5.45 -29.91 26.44
CA TRP H 176 -6.24 -31.08 26.11
C TRP H 176 -7.71 -30.87 26.51
N SER H 177 -7.99 -29.94 27.43
CA SER H 177 -9.37 -29.69 27.80
C SER H 177 -10.16 -29.10 26.65
N PHE H 178 -9.52 -28.16 25.94
CA PHE H 178 -10.10 -27.53 24.75
C PHE H 178 -10.41 -28.61 23.71
N TYR H 179 -9.43 -29.49 23.46
CA TYR H 179 -9.64 -30.51 22.44
C TYR H 179 -10.67 -31.56 22.89
N PHE H 180 -10.83 -31.77 24.18
CA PHE H 180 -11.92 -32.59 24.64
C PHE H 180 -13.25 -31.99 24.23
N GLY H 181 -13.40 -30.68 24.44
CA GLY H 181 -14.59 -29.98 23.96
C GLY H 181 -14.84 -30.18 22.46
N ALA H 182 -13.79 -30.03 21.67
CA ALA H 182 -13.88 -30.18 20.23
C ALA H 182 -14.33 -31.59 19.83
N PHE H 183 -13.71 -32.61 20.42
CA PHE H 183 -14.07 -33.99 20.11
C PHE H 183 -15.50 -34.30 20.58
N SER H 184 -15.90 -33.69 21.70
CA SER H 184 -17.28 -33.82 22.12
C SER H 184 -18.21 -33.32 21.01
N PHE H 185 -17.88 -32.19 20.39
CA PHE H 185 -18.71 -31.65 19.34
C PHE H 185 -18.84 -32.65 18.20
N ILE H 186 -17.71 -33.17 17.75
CA ILE H 186 -17.74 -34.07 16.61
C ILE H 186 -18.58 -35.32 16.91
N ILE H 187 -18.34 -35.95 18.06
CA ILE H 187 -19.07 -37.14 18.42
C ILE H 187 -20.57 -36.84 18.58
N ALA H 188 -20.89 -35.70 19.18
CA ALA H 188 -22.28 -35.34 19.36
C ALA H 188 -23.01 -35.30 18.00
N GLU H 189 -22.37 -34.68 17.02
CA GLU H 189 -23.00 -34.54 15.73
C GLU H 189 -23.15 -35.90 15.06
N ILE H 190 -22.16 -36.78 15.18
CA ILE H 190 -22.26 -38.13 14.62
C ILE H 190 -23.40 -38.90 15.27
N VAL H 191 -23.51 -38.82 16.59
CA VAL H 191 -24.54 -39.55 17.28
C VAL H 191 -25.92 -39.01 16.90
N GLY H 192 -26.05 -37.70 16.75
CA GLY H 192 -27.30 -37.11 16.28
C GLY H 192 -27.71 -37.65 14.91
N VAL H 193 -26.73 -37.80 14.01
CA VAL H 193 -27.03 -38.29 12.68
C VAL H 193 -27.52 -39.72 12.76
N VAL H 194 -26.83 -40.54 13.56
CA VAL H 194 -27.20 -41.93 13.70
C VAL H 194 -28.60 -42.07 14.32
N ALA H 195 -28.89 -41.29 15.35
CA ALA H 195 -30.20 -41.33 15.97
C ALA H 195 -31.31 -41.01 14.96
N VAL H 196 -31.13 -39.94 14.18
CA VAL H 196 -32.12 -39.58 13.20
C VAL H 196 -32.26 -40.68 12.14
N HIS H 197 -31.16 -41.35 11.80
CA HIS H 197 -31.26 -42.50 10.90
C HIS H 197 -32.11 -43.60 11.51
N ILE H 198 -31.96 -43.86 12.81
CA ILE H 198 -32.76 -44.90 13.46
C ILE H 198 -34.24 -44.55 13.32
N TYR H 199 -34.60 -43.31 13.61
CA TYR H 199 -35.99 -42.93 13.53
C TYR H 199 -36.50 -43.02 12.10
N ILE H 200 -35.70 -42.59 11.13
CA ILE H 200 -36.10 -42.67 9.73
C ILE H 200 -36.37 -44.13 9.34
N GLU H 201 -35.50 -45.04 9.76
CA GLU H 201 -35.63 -46.45 9.44
C GLU H 201 -36.87 -47.03 10.09
N LYS H 202 -37.20 -46.62 11.31
CA LYS H 202 -38.44 -47.04 11.95
C LYS H 202 -39.65 -46.64 11.10
N HIS H 203 -39.73 -45.38 10.73
CA HIS H 203 -40.87 -44.87 9.98
C HIS H 203 -40.87 -45.39 8.53
N GLN H 204 -39.75 -45.91 8.02
CA GLN H 204 -39.71 -46.51 6.70
C GLN H 204 -40.17 -47.97 6.76
N GLN H 205 -39.64 -48.73 7.73
CA GLN H 205 -40.03 -50.12 7.93
C GLN H 205 -41.52 -50.24 8.24
N LEU H 206 -42.06 -49.30 9.04
CA LEU H 206 -43.49 -49.26 9.35
C LEU H 206 -44.37 -49.09 8.11
N ARG H 207 -43.98 -48.21 7.17
CA ARG H 207 -44.68 -48.03 5.90
C ARG H 207 -44.67 -49.30 5.04
N ALA H 208 -43.57 -50.09 5.11
CA ALA H 208 -43.51 -51.41 4.48
C ALA H 208 -44.11 -52.49 5.40
OAA ZK1 I . 5.04 45.69 10.62
OAB ZK1 I . 6.41 45.36 8.21
OAC ZK1 I . 7.97 44.03 5.74
OAD ZK1 I . 6.61 42.13 4.94
OAE ZK1 I . 6.83 42.57 7.39
FAF ZK1 I . -1.43 43.43 8.72
FAG ZK1 I . -1.49 42.34 6.87
FAH ZK1 I . -0.88 41.39 8.68
CAI ZK1 I . 2.58 43.23 6.33
CAJ ZK1 I . 1.28 43.62 8.74
CAK ZK1 I . 1.34 42.88 3.10
CAL ZK1 I . 2.01 40.79 3.86
CAM ZK1 I . 0.33 43.02 4.21
CAN ZK1 I . 1.01 40.82 4.99
CAO ZK1 I . 5.37 44.23 5.99
NAP ZK1 I . 3.23 44.69 9.67
OAQ ZK1 I . 1.54 41.52 2.74
CAR ZK1 I . 1.29 42.70 6.49
CAS ZK1 I . 0.61 42.97 7.71
CAT ZK1 I . 4.50 45.16 9.63
CAU ZK1 I . 5.24 44.97 8.32
CAV ZK1 I . 2.60 44.05 8.60
CAW ZK1 I . 3.28 43.85 7.38
NAX ZK1 I . 0.60 42.16 5.39
NAY ZK1 I . 4.61 44.33 7.25
CAZ ZK1 I . -0.79 42.53 7.98
PBA ZK1 I . 6.79 43.16 6.02
C1 PLM J . -16.49 5.81 -19.71
O1 PLM J . -15.69 6.55 -20.32
O2 PLM J . -16.54 5.74 -18.46
C2 PLM J . -17.46 4.96 -20.51
C3 PLM J . -17.33 3.48 -20.33
C4 PLM J . -18.53 2.66 -20.84
C5 PLM J . -18.47 2.28 -22.31
C6 PLM J . -19.60 1.42 -22.83
C7 PLM J . -19.80 0.11 -22.14
C8 PLM J . -20.75 0.14 -20.97
C9 PLM J . -20.49 -0.96 -19.95
CA PLM J . -20.71 -2.38 -20.43
CB PLM J . -21.04 -3.38 -19.32
CC PLM J . -20.55 -4.80 -19.56
CD PLM J . -21.60 -5.88 -19.43
CE PLM J . -21.13 -7.28 -19.82
CF PLM J . -21.56 -7.95 -21.13
CG PLM J . -20.76 -9.27 -21.32
C18 OLC K . -30.13 -11.79 -23.52
C10 OLC K . -25.59 -5.62 -18.55
C9 OLC K . -25.88 -4.55 -17.88
C17 OLC K . -30.54 -10.91 -22.35
C11 OLC K . -26.36 -6.90 -18.48
C8 OLC K . -25.18 -3.24 -17.99
C24 OLC K . -19.81 8.39 -19.69
C16 OLC K . -29.55 -9.82 -21.96
C12 OLC K . -27.86 -6.80 -18.82
C7 OLC K . -25.73 -2.37 -19.09
C15 OLC K . -30.14 -8.49 -21.44
C13 OLC K . -28.26 -7.66 -20.02
C6 OLC K . -25.57 -0.88 -18.86
C14 OLC K . -29.67 -8.05 -20.06
C5 OLC K . -24.12 -0.40 -18.81
C4 OLC K . -23.97 1.00 -18.30
C3 OLC K . -23.57 2.05 -19.33
C2 OLC K . -23.15 3.35 -18.71
C21 OLC K . -21.24 6.30 -19.83
C1 OLC K . -22.30 4.18 -19.62
C22 OLC K . -20.28 7.13 -19.00
O19 OLC K . -22.04 3.88 -20.77
O25 OLC K . -19.07 9.23 -18.81
O23 OLC K . -20.90 7.48 -17.77
O20 OLC K . -21.83 5.27 -19.02
OAA ZK1 L . 43.14 15.34 -12.91
OAB ZK1 L . 43.10 14.43 -15.52
OAC ZK1 L . 42.68 12.40 -17.64
OAD ZK1 L . 40.36 11.95 -18.33
OAE ZK1 L . 40.99 11.79 -15.95
FAF ZK1 L . 36.35 17.29 -11.91
FAG ZK1 L . 35.71 15.29 -11.89
FAH ZK1 L . 35.03 16.62 -13.38
CAI ZK1 L . 38.32 15.01 -15.56
CAJ ZK1 L . 38.52 15.90 -12.96
CAK ZK1 L . 35.69 13.94 -17.60
CAL ZK1 L . 35.98 16.24 -17.89
CAM ZK1 L . 35.51 14.04 -16.10
CAN ZK1 L . 35.55 16.46 -16.45
CAO ZK1 L . 40.80 14.23 -17.04
NAP ZK1 L . 40.90 15.60 -12.97
OAQ ZK1 L . 36.51 14.95 -18.16
CAR ZK1 L . 37.18 15.45 -14.90
CAS ZK1 L . 37.27 15.86 -13.54
CAT ZK1 L . 42.08 15.27 -13.53
CAU ZK1 L . 42.04 14.75 -14.96
CAV ZK1 L . 39.67 15.52 -13.63
CAW ZK1 L . 39.61 15.07 -14.97
NAX ZK1 L . 35.91 15.34 -15.55
NAY ZK1 L . 40.78 14.67 -15.63
CAZ ZK1 L . 36.10 16.27 -12.70
PBA ZK1 L . 41.24 12.48 -17.25
C1 PLM M . 5.72 -16.91 -18.82
O1 PLM M . 6.08 -16.84 -17.62
O2 PLM M . 6.45 -16.59 -19.79
C2 PLM M . 4.27 -17.36 -19.11
C3 PLM M . 3.88 -18.79 -18.73
C4 PLM M . 3.45 -19.68 -19.92
C5 PLM M . 2.63 -20.93 -19.57
C6 PLM M . 1.20 -20.98 -20.14
C7 PLM M . 0.12 -21.14 -19.10
C8 PLM M . -1.28 -21.01 -19.56
C9 PLM M . -2.28 -21.50 -18.54
CA PLM M . -3.69 -21.03 -18.76
CB PLM M . -4.64 -21.53 -17.75
CC PLM M . -5.35 -22.78 -18.16
CD PLM M . -6.10 -23.42 -17.04
CE PLM M . -6.33 -24.90 -17.20
CF PLM M . -6.75 -25.48 -15.89
CG PLM M . -8.20 -25.84 -15.87
C18 OLC N . -12.70 -30.97 -22.76
C10 OLC N . -9.34 -22.78 -22.38
C9 OLC N . -8.55 -21.92 -21.88
C17 OLC N . -12.02 -29.65 -22.68
C11 OLC N . -9.05 -24.00 -23.18
C8 OLC N . -7.08 -21.85 -21.81
C24 OLC N . 4.07 -15.98 -23.25
C16 OLC N . -12.02 -28.83 -23.93
C12 OLC N . -10.07 -24.20 -24.24
C7 OLC N . -6.49 -21.00 -22.89
C15 OLC N . -10.98 -27.75 -23.83
C13 OLC N . -10.08 -25.57 -24.87
C6 OLC N . -5.58 -19.90 -22.35
C14 OLC N . -11.30 -26.48 -24.56
C5 OLC N . -4.11 -20.20 -22.38
C4 OLC N . -3.45 -19.72 -23.63
C3 OLC N . -1.99 -20.14 -23.79
C2 OLC N . -1.10 -19.08 -24.40
C21 OLC N . 1.84 -17.20 -23.16
C1 OLC N . -0.19 -18.42 -23.42
C22 OLC N . 3.14 -16.98 -23.90
O19 OLC N . -0.43 -18.35 -22.25
O25 OLC N . 5.30 -16.54 -22.80
O23 OLC N . 3.74 -18.27 -24.02
O20 OLC N . 0.87 -17.84 -24.01
OAA ZK1 O . 44.97 4.04 12.38
OAB ZK1 O . 44.10 4.36 14.97
OAC ZK1 O . 41.10 4.82 16.58
OAD ZK1 O . 40.17 2.69 17.45
OAE ZK1 O . 40.19 3.13 15.03
FAF ZK1 O . 42.64 -2.59 10.97
FAG ZK1 O . 41.07 -3.23 12.26
FAH ZK1 O . 40.68 -1.86 10.67
CAI ZK1 O . 41.78 0.18 14.64
CAJ ZK1 O . 42.67 -0.01 12.02
CAK ZK1 O . 40.83 -2.18 16.96
CAL ZK1 O . 38.92 -1.19 16.13
CAM ZK1 O . 41.24 -2.66 15.58
CAN ZK1 O . 39.18 -1.67 14.72
CAO ZK1 O . 42.50 2.53 16.28
NAP ZK1 O . 43.84 2.09 12.24
OAQ ZK1 O . 39.41 -2.10 17.10
CAR ZK1 O . 41.34 -0.89 13.84
CAS ZK1 O . 41.86 -1.00 12.52
CAT ZK1 O . 44.24 3.20 12.89
CAU ZK1 O . 43.77 3.35 14.32
CAV ZK1 O . 43.06 1.08 12.80
CAW ZK1 O . 42.58 1.21 14.12
NAX ZK1 O . 40.61 -1.93 14.47
NAY ZK1 O . 42.96 2.33 14.89
CAZ ZK1 O . 41.56 -2.16 11.62
PBA ZK1 O . 40.88 3.37 16.32
C1 PLM P . -1.81 -23.16 11.24
O1 PLM P . -1.46 -22.78 12.38
O2 PLM P . -1.39 -22.64 10.18
C2 PLM P . -2.79 -24.32 11.13
C3 PLM P . -4.07 -24.01 10.39
C4 PLM P . -4.85 -25.26 9.95
C5 PLM P . -5.80 -25.81 11.00
C6 PLM P . -6.72 -26.94 10.57
C7 PLM P . -7.61 -26.62 9.40
C8 PLM P . -7.02 -26.98 8.04
C9 PLM P . -7.57 -26.18 6.88
CA PLM P . -9.05 -26.38 6.64
CB PLM P . -9.48 -26.21 5.19
CC PLM P . -10.92 -25.78 5.02
CD PLM P . -11.75 -26.58 4.03
CE PLM P . -13.20 -26.09 3.94
CF PLM P . -14.34 -26.98 4.47
CG PLM P . -15.70 -26.30 4.27
C18 OLC Q . -17.89 -35.25 1.21
C10 OLC Q . -10.73 -29.61 1.40
C9 OLC Q . -9.47 -29.81 1.41
C17 OLC Q . -16.51 -35.34 0.57
C11 OLC Q . -11.71 -30.32 0.49
C8 OLC Q . -8.49 -29.29 2.40
C24 OLC Q . 0.80 -26.44 10.90
C16 OLC Q . -15.46 -34.35 0.95
C12 OLC Q . -11.58 -31.85 0.51
C7 OLC Q . -8.05 -30.39 3.30
C15 OLC Q . -14.02 -34.86 0.72
C13 OLC Q . -12.85 -32.61 0.89
C6 OLC Q . -6.63 -30.29 3.83
C14 OLC Q . -13.04 -33.88 0.10
C5 OLC Q . -6.32 -29.05 4.66
C4 OLC Q . -4.86 -28.81 4.86
C3 OLC Q . -4.34 -29.02 6.27
C2 OLC Q . -2.98 -28.39 6.51
C21 OLC Q . -0.96 -27.58 9.47
C1 OLC Q . -2.66 -28.23 7.95
C22 OLC Q . 0.01 -26.42 9.61
O19 OLC Q . -3.42 -28.53 8.84
O25 OLC Q . 1.75 -25.38 10.93
O23 OLC Q . 0.91 -26.42 8.51
O20 OLC Q . -1.47 -27.65 8.13
OAA ZK1 R . 5.01 31.69 35.63
OAB ZK1 R . 2.95 30.75 37.19
OAC ZK1 R . 0.75 29.72 35.48
OAD ZK1 R . -0.07 29.39 37.79
OAE ZK1 R . -0.21 27.55 36.13
FAF ZK1 R . 7.51 25.67 32.70
FAG ZK1 R . 5.81 25.30 31.50
FAH ZK1 R . 6.28 23.98 33.07
CAI ZK1 R . 3.61 26.40 35.30
CAJ ZK1 R . 5.69 27.43 33.83
CAK ZK1 R . 2.39 22.56 33.60
CAL ZK1 R . 4.08 21.90 35.09
CAM ZK1 R . 2.58 24.00 34.01
CAN ZK1 R . 4.34 23.34 35.47
CAO ZK1 R . 2.12 28.10 37.19
NAP ZK1 R . 5.33 29.61 34.80
OAQ ZK1 R . 2.72 21.70 34.68
CAR ZK1 R . 4.38 25.55 34.50
CAS ZK1 R . 5.41 26.09 33.71
CAT ZK1 R . 4.71 30.49 35.60
CAU ZK1 R . 3.58 29.96 36.45
CAV ZK1 R . 4.97 28.26 34.68
CAW ZK1 R . 3.94 27.74 35.48
NAX ZK1 R . 4.00 24.20 34.34
NAY ZK1 R . 3.24 28.58 36.35
CAZ ZK1 R . 6.23 25.27 32.75
PBA ZK1 R . 0.55 28.75 36.59
C1 PLM S . -24.24 -0.76 10.28
O1 PLM S . -23.73 0.04 9.47
O2 PLM S . -24.39 -0.52 11.51
C2 PLM S . -24.69 -2.13 9.75
C3 PLM S . -25.79 -2.18 8.68
C4 PLM S . -27.03 -3.01 9.07
C5 PLM S . -27.90 -3.47 7.87
C6 PLM S . -28.07 -4.99 7.69
C7 PLM S . -27.61 -5.50 6.35
C8 PLM S . -27.55 -6.99 6.17
C9 PLM S . -27.55 -7.40 4.70
CA PLM S . -27.03 -8.78 4.46
CB PLM S . -26.92 -9.17 3.03
CC PLM S . -28.14 -9.88 2.50
CD PLM S . -28.22 -9.91 1.02
CE PLM S . -29.60 -10.06 0.45
CF PLM S . -29.54 -9.85 -1.03
CG PLM S . -29.68 -11.10 -1.81
C18 OLC T . -36.73 -17.65 -0.30
C10 OLC T . -29.48 -15.08 4.19
C9 OLC T . -28.57 -14.26 4.53
C17 OLC T . -35.52 -17.14 0.41
C11 OLC T . -30.92 -15.08 4.53
C8 OLC T . -28.62 -12.92 5.15
C24 OLC T . -25.12 -4.17 13.62
C16 OLC T . -35.33 -17.67 1.81
C12 OLC T . -31.41 -16.46 4.89
C7 OLC T . -28.32 -12.99 6.60
C15 OLC T . -34.47 -16.75 2.68
C13 OLC T . -32.90 -16.67 4.70
C6 OLC T . -27.24 -12.01 7.06
C14 OLC T . -33.35 -17.42 3.44
C5 OLC T . -27.76 -10.72 7.62
C4 OLC T . -27.98 -10.75 9.12
C3 OLC T . -28.51 -9.47 9.73
C2 OLC T . -27.82 -9.04 11.03
C21 OLC T . -25.98 -5.96 12.00
C1 OLC T . -26.93 -7.83 10.88
C22 OLC T . -26.21 -5.19 13.28
O19 OLC T . -26.40 -7.56 9.85
O25 OLC T . -25.53 -2.80 13.53
O23 OLC T . -27.49 -4.57 13.13
O20 OLC T . -26.79 -7.16 12.02
N POV U . -20.47 11.51 -14.93
P POV U . -25.19 11.55 -16.64
C1 POV U . -26.65 11.44 -14.36
C2 POV U . -28.07 10.96 -14.12
C3 POV U . -28.70 11.36 -12.78
C210 POV U . -30.58 -1.17 -18.54
C11 POV U . -22.93 10.80 -15.44
O11 POV U . -26.03 10.77 -15.51
C211 POV U . -30.09 -2.07 -19.62
C12 POV U . -21.51 11.02 -15.93
O12 POV U . -23.79 11.87 -15.92
C212 POV U . -30.69 -3.47 -19.62
C13 POV U . -20.99 12.67 -14.12
O13 POV U . -24.90 10.62 -17.78
C213 POV U . -30.25 -4.37 -20.80
C14 POV U . -20.09 10.40 -14.00
O14 POV U . -25.85 12.87 -16.93
C15 POV U . -19.25 11.96 -15.67
C21 POV U . -28.59 8.88 -15.34
O21 POV U . -28.20 9.50 -14.20
C22 POV U . -29.21 7.54 -15.01
O22 POV U . -28.39 9.33 -16.45
C23 POV U . -29.66 6.71 -16.20
C24 POV U . -29.63 5.19 -15.95
C25 POV U . -30.82 4.38 -16.43
C26 POV U . -30.63 3.66 -17.77
C27 POV U . -31.48 2.41 -17.95
C28 POV U . -30.85 1.11 -17.51
C29 POV U . -30.51 0.14 -18.61
C31 POV U . -30.65 10.20 -11.88
O31 POV U . -30.08 10.90 -12.87
C32 POV U . -31.36 9.00 -12.49
O32 POV U . -30.62 10.56 -10.72
C33 POV U . -32.58 8.48 -11.79
C34 POV U . -33.48 7.66 -12.72
C35 POV U . -32.93 6.28 -13.16
C36 POV U . -33.82 5.47 -14.13
N POV V . -36.47 -18.76 -29.23
P POV V . -35.50 -18.50 -33.58
C1 POV V . -34.53 -16.35 -34.80
C2 POV V . -34.55 -14.83 -34.80
C3 POV V . -33.31 -14.25 -35.44
C210 POV V . -28.66 -8.67 -25.91
C310 POV V . -26.62 -6.37 -29.99
C11 POV V . -34.60 -18.89 -31.07
O11 POV V . -35.66 -16.99 -34.13
C211 POV V . -27.59 -8.30 -26.89
C12 POV V . -35.58 -18.06 -30.26
O12 POV V . -34.38 -18.37 -32.42
C13 POV V . -35.65 -19.41 -28.17
O13 POV V . -36.82 -18.89 -33.01
C14 POV V . -37.35 -19.80 -29.87
O14 POV V . -34.92 -19.34 -34.69
C15 POV V . -37.36 -17.74 -28.59
C21 POV V . -34.33 -14.64 -32.32
O21 POV V . -34.77 -14.15 -33.51
C22 POV V . -34.21 -13.59 -31.24
O22 POV V . -34.12 -15.79 -32.06
C23 POV V . -32.92 -13.65 -30.46
C24 POV V . -32.95 -12.81 -29.20
C25 POV V . -32.94 -11.32 -29.45
C26 POV V . -32.71 -10.44 -28.24
C27 POV V . -31.25 -10.30 -27.82
C28 POV V . -30.79 -8.91 -27.40
C29 POV V . -29.97 -8.91 -26.13
C31 POV V . -31.81 -12.39 -35.15
O31 POV V . -32.75 -13.18 -34.63
C32 POV V . -31.32 -11.35 -34.15
O32 POV V . -31.42 -12.45 -36.29
C33 POV V . -30.08 -11.74 -33.38
C34 POV V . -28.87 -10.92 -33.78
C35 POV V . -27.57 -11.35 -33.09
C36 POV V . -27.07 -10.44 -31.99
C37 POV V . -25.99 -9.45 -32.42
C38 POV V . -26.22 -8.01 -31.93
C39 POV V . -26.72 -7.81 -30.48
N POV W . 5.76 -10.76 -24.57
P POV W . 5.40 -12.98 -28.52
C1 POV W . 3.75 -11.03 -29.44
C2 POV W . 2.66 -11.06 -30.51
C3 POV W . 2.17 -9.67 -30.93
C210 POV W . -5.78 -20.91 -28.29
C11 POV W . 6.80 -12.53 -26.22
O11 POV W . 3.95 -12.36 -28.81
C211 POV W . -6.99 -21.23 -27.46
C12 POV W . 6.13 -12.20 -24.90
O12 POV W . 6.06 -12.02 -27.39
C212 POV W . -7.46 -22.68 -27.52
C13 POV W . 6.90 -9.82 -24.83
O13 POV W . 5.16 -14.37 -27.98
C213 POV W . -7.20 -23.55 -26.28
C14 POV W . 5.36 -10.66 -23.13
O14 POV W . 6.22 -12.85 -29.78
C15 POV W . 4.60 -10.33 -25.38
C21 POV W . 1.28 -13.07 -30.46
O21 POV W . 1.46 -11.79 -30.10
C22 POV W . -0.21 -13.37 -30.58
O22 POV W . 2.18 -13.87 -30.58
C23 POV W . -0.58 -14.78 -30.31
C24 POV W . -2.06 -15.05 -30.55
C25 POV W . -2.63 -16.25 -29.77
C26 POV W . -3.04 -17.43 -30.63
C27 POV W . -4.36 -18.10 -30.28
C28 POV W . -4.24 -19.30 -29.41
C29 POV W . -5.57 -19.80 -28.92
C31 POV W . 0.27 -8.74 -32.12
O31 POV W . 0.83 -9.78 -31.48
C32 POV W . -1.19 -9.03 -32.48
O32 POV W . 0.82 -7.70 -32.38
C33 POV W . -1.40 -9.68 -33.80
C34 POV W . -2.78 -10.33 -33.94
C35 POV W . -2.92 -11.69 -33.30
C36 POV W . -4.29 -12.37 -33.54
C37 POV W . -4.34 -13.89 -33.27
C38 POV W . -5.44 -14.65 -34.01
N POV X . 5.74 -25.25 8.22
P POV X . 5.48 -30.22 7.53
C1 POV X . 6.45 -30.48 5.00
C2 POV X . 6.28 -31.59 3.99
C3 POV X . 7.21 -31.56 2.79
C210 POV X . -6.21 -34.65 1.41
C11 POV X . 5.11 -27.59 7.24
O11 POV X . 5.31 -30.41 5.93
C211 POV X . -7.54 -34.46 2.08
C12 POV X . 4.95 -26.55 8.34
O12 POV X . 5.95 -28.69 7.71
C212 POV X . -8.71 -35.10 1.39
C13 POV X . 7.19 -25.51 7.90
O13 POV X . 4.13 -30.36 8.19
C213 POV X . -9.99 -35.25 2.25
C14 POV X . 5.14 -24.40 7.16
O14 POV X . 6.61 -31.10 8.00
C15 POV X . 5.67 -24.51 9.52
C21 POV X . 4.00 -32.50 3.93
O21 POV X . 4.93 -31.67 3.41
C22 POV X . 2.99 -32.86 2.85
O22 POV X . 3.93 -32.84 5.09
C23 POV X . 1.77 -33.64 3.31
C24 POV X . 0.52 -33.37 2.46
C25 POV X . -0.31 -34.59 2.05
C26 POV X . -1.55 -34.84 2.90
C27 POV X . -2.68 -35.55 2.18
C28 POV X . -3.70 -34.65 1.52
C29 POV X . -5.08 -34.76 2.08
C31 POV X . 6.88 -32.96 0.83
O31 POV X . 7.01 -32.84 2.15
C32 POV X . 5.68 -33.85 0.55
O32 POV X . 7.65 -32.48 0.04
C33 POV X . 5.64 -34.55 -0.76
C34 POV X . 4.57 -35.67 -0.77
C35 POV X . 3.12 -35.20 -0.64
C36 POV X . 2.08 -36.32 -0.64
N POV Y . -25.90 -42.87 0.02
P POV Y . -27.66 -43.88 4.00
C1 POV Y . -26.35 -43.69 6.29
C2 POV Y . -25.00 -43.91 6.95
C3 POV Y . -24.87 -43.10 8.23
C210 POV Y . -16.19 -35.42 4.83
C310 POV Y . -15.95 -35.38 9.99
C11 POV Y . -27.01 -41.96 2.22
O11 POV Y . -26.55 -44.41 5.04
C211 POV Y . -16.26 -34.91 6.25
C12 POV Y . -25.81 -42.57 1.51
O12 POV Y . -27.12 -42.40 3.60
C13 POV Y . -26.13 -41.62 -0.75
O13 POV Y . -27.60 -44.79 2.80
C14 POV Y . -27.00 -43.84 -0.29
O14 POV Y . -28.96 -43.73 4.74
C15 POV Y . -24.62 -43.48 -0.43
C21 POV Y . -23.69 -42.80 5.12
O21 POV Y . -23.76 -43.65 6.18
C22 POV Y . -22.30 -42.27 4.89
O22 POV Y . -24.57 -42.57 4.35
C23 POV Y . -22.23 -40.76 4.75
C24 POV Y . -21.00 -40.27 4.01
C25 POV Y . -19.70 -40.50 4.77
C26 POV Y . -18.45 -39.84 4.21
C27 POV Y . -18.29 -38.37 4.57
C28 POV Y . -16.90 -37.92 5.00
C29 POV Y . -16.44 -36.65 4.33
C31 POV Y . -23.28 -41.75 9.38
O31 POV Y . -23.65 -42.32 8.22
C32 POV Y . -21.92 -41.10 9.27
O32 POV Y . -23.92 -41.81 10.40
C33 POV Y . -21.95 -39.64 8.96
C34 POV Y . -21.53 -38.77 10.11
C35 POV Y . -21.62 -37.28 9.83
C36 POV Y . -20.33 -36.57 9.51
C37 POV Y . -19.82 -35.61 10.58
C38 POV Y . -18.33 -35.71 10.86
C39 POV Y . -17.42 -35.52 9.64
N POV Z . -21.12 -3.68 17.57
P POV Z . -24.71 -5.51 19.66
C1 POV Z . -23.22 -7.59 20.56
C2 POV Z . -23.59 -9.02 20.92
C3 POV Z . -22.48 -9.79 21.64
C210 POV Z . -30.64 -14.62 11.30
C11 POV Z . -23.50 -3.30 18.61
O11 POV Z . -24.11 -7.01 19.53
C211 POV Z . -30.58 -15.22 9.94
C12 POV Z . -22.61 -3.33 17.40
O12 POV Z . -23.44 -4.53 19.43
C212 POV Z . -31.90 -15.71 9.35
C13 POV Z . -20.48 -2.89 18.66
O13 POV Z . -25.70 -5.36 18.52
C213 POV Z . -32.40 -14.96 8.12
C14 POV Z . -20.40 -3.41 16.27
O14 POV Z . -25.21 -5.32 21.06
C15 POV Z . -20.95 -5.12 17.86
C21 POV Z . -25.21 -10.03 19.38
O21 POV Z . -23.93 -9.84 19.75
C22 POV Z . -25.35 -11.38 18.71
O22 POV Z . -26.07 -9.19 19.50
C23 POV Z . -26.47 -11.46 17.72
C24 POV Z . -26.65 -12.86 17.15
C25 POV Z . -27.38 -12.94 15.81
C26 POV Z . -28.73 -13.65 15.84
C27 POV Z . -29.04 -14.60 14.68
C28 POV Z . -29.72 -13.96 13.52
C29 POV Z . -29.89 -14.90 12.35
C31 POV Z . -21.93 -12.12 22.11
O31 POV Z . -22.70 -11.22 21.45
C32 POV Z . -22.20 -13.53 21.63
O32 POV Z . -21.12 -11.85 22.97
C33 POV Z . -23.23 -14.29 22.42
C34 POV Z . -23.85 -15.46 21.67
C35 POV Z . -24.81 -15.12 20.55
C36 POV Z . -25.30 -16.33 19.75
C37 POV Z . -26.58 -16.12 18.93
C38 POV Z . -27.36 -17.40 18.60
#